data_2FQN
# 
_entry.id   2FQN 
# 
_audit_conform.dict_name       mmcif_pdbx.dic 
_audit_conform.dict_version    5.387 
_audit_conform.dict_location   http://mmcif.pdb.org/dictionaries/ascii/mmcif_pdbx.dic 
# 
loop_
_database_2.database_id 
_database_2.database_code 
_database_2.pdbx_database_accession 
_database_2.pdbx_DOI 
PDB   2FQN         pdb_00002fqn 10.2210/pdb2fqn/pdb 
NDB   AR0066       ?            ?                   
RCSB  RCSB036194   ?            ?                   
WWPDB D_1000036194 ?            ?                   
# 
loop_
_pdbx_audit_revision_history.ordinal 
_pdbx_audit_revision_history.data_content_type 
_pdbx_audit_revision_history.major_revision 
_pdbx_audit_revision_history.minor_revision 
_pdbx_audit_revision_history.revision_date 
1 'Structure model' 1 0 2006-02-14 
2 'Structure model' 1 1 2008-05-01 
3 'Structure model' 1 2 2011-07-13 
4 'Structure model' 1 3 2024-02-14 
# 
_pdbx_audit_revision_details.ordinal             1 
_pdbx_audit_revision_details.revision_ordinal    1 
_pdbx_audit_revision_details.data_content_type   'Structure model' 
_pdbx_audit_revision_details.provider            repository 
_pdbx_audit_revision_details.type                'Initial release' 
_pdbx_audit_revision_details.description         ? 
_pdbx_audit_revision_details.details             ? 
# 
loop_
_pdbx_audit_revision_group.ordinal 
_pdbx_audit_revision_group.revision_ordinal 
_pdbx_audit_revision_group.data_content_type 
_pdbx_audit_revision_group.group 
1 2 'Structure model' 'Version format compliance' 
2 3 'Structure model' 'Version format compliance' 
3 4 'Structure model' 'Data collection'           
4 4 'Structure model' 'Database references'       
5 4 'Structure model' 'Derived calculations'      
# 
loop_
_pdbx_audit_revision_category.ordinal 
_pdbx_audit_revision_category.revision_ordinal 
_pdbx_audit_revision_category.data_content_type 
_pdbx_audit_revision_category.category 
1 4 'Structure model' chem_comp_atom         
2 4 'Structure model' chem_comp_bond         
3 4 'Structure model' database_2             
4 4 'Structure model' pdbx_struct_conn_angle 
5 4 'Structure model' struct_conn            
6 4 'Structure model' struct_site            
# 
loop_
_pdbx_audit_revision_item.ordinal 
_pdbx_audit_revision_item.revision_ordinal 
_pdbx_audit_revision_item.data_content_type 
_pdbx_audit_revision_item.item 
1  4 'Structure model' '_database_2.pdbx_DOI'                        
2  4 'Structure model' '_database_2.pdbx_database_accession'         
3  4 'Structure model' '_pdbx_struct_conn_angle.ptnr1_auth_asym_id'  
4  4 'Structure model' '_pdbx_struct_conn_angle.ptnr1_auth_seq_id'   
5  4 'Structure model' '_pdbx_struct_conn_angle.ptnr1_label_asym_id' 
6  4 'Structure model' '_pdbx_struct_conn_angle.ptnr2_auth_asym_id'  
7  4 'Structure model' '_pdbx_struct_conn_angle.ptnr2_auth_seq_id'   
8  4 'Structure model' '_pdbx_struct_conn_angle.ptnr2_label_asym_id' 
9  4 'Structure model' '_pdbx_struct_conn_angle.ptnr3_auth_asym_id'  
10 4 'Structure model' '_pdbx_struct_conn_angle.ptnr3_auth_seq_id'   
11 4 'Structure model' '_pdbx_struct_conn_angle.ptnr3_label_asym_id' 
12 4 'Structure model' '_pdbx_struct_conn_angle.value'               
13 4 'Structure model' '_struct_conn.pdbx_dist_value'                
14 4 'Structure model' '_struct_conn.ptnr1_auth_asym_id'             
15 4 'Structure model' '_struct_conn.ptnr1_auth_comp_id'             
16 4 'Structure model' '_struct_conn.ptnr1_auth_seq_id'              
17 4 'Structure model' '_struct_conn.ptnr1_label_asym_id'            
18 4 'Structure model' '_struct_conn.ptnr1_label_atom_id'            
19 4 'Structure model' '_struct_conn.ptnr1_label_comp_id'            
20 4 'Structure model' '_struct_conn.ptnr2_auth_asym_id'             
21 4 'Structure model' '_struct_conn.ptnr2_auth_comp_id'             
22 4 'Structure model' '_struct_conn.ptnr2_auth_seq_id'              
23 4 'Structure model' '_struct_conn.ptnr2_label_asym_id'            
24 4 'Structure model' '_struct_conn.ptnr2_label_atom_id'            
25 4 'Structure model' '_struct_conn.ptnr2_label_comp_id'            
26 4 'Structure model' '_struct_site.pdbx_auth_asym_id'              
27 4 'Structure model' '_struct_site.pdbx_auth_comp_id'              
28 4 'Structure model' '_struct_site.pdbx_auth_seq_id'               
# 
_pdbx_database_status.entry_id                        2FQN 
_pdbx_database_status.deposit_site                    RCSB 
_pdbx_database_status.process_site                    RCSB 
_pdbx_database_status.recvd_initial_deposition_date   2006-01-18 
_pdbx_database_status.status_code                     REL 
_pdbx_database_status.status_code_sf                  REL 
_pdbx_database_status.status_code_mr                  ? 
_pdbx_database_status.SG_entry                        ? 
_pdbx_database_status.pdb_format_compatible           Y 
_pdbx_database_status.status_code_cs                  ? 
_pdbx_database_status.status_code_nmr_data            ? 
_pdbx_database_status.methods_development_category    ? 
# 
loop_
_audit_author.name 
_audit_author.pdbx_ordinal 
'Kondo, J.'      1 
'Urzhumtsev, A.' 2 
'Westhof, E.'    3 
# 
_citation.id                        primary 
_citation.title                     
'Two conformational states in the crystal structure of the Homo sapiens cytoplasmic ribosomal decoding A site.' 
_citation.journal_abbrev            'Nucleic Acids Res.' 
_citation.journal_volume            34 
_citation.page_first                676 
_citation.page_last                 685 
_citation.year                      2006 
_citation.journal_id_ASTM           NARHAD 
_citation.country                   UK 
_citation.journal_id_ISSN           0305-1048 
_citation.journal_id_CSD            0389 
_citation.book_publisher            ? 
_citation.pdbx_database_id_PubMed   16452297 
_citation.pdbx_database_id_DOI      10.1093/nar/gkj467 
# 
loop_
_citation_author.citation_id 
_citation_author.name 
_citation_author.ordinal 
_citation_author.identifier_ORCID 
primary 'Kondo, J.'      1 ? 
primary 'Urzhumtsev, A.' 2 ? 
primary 'Westhof, E.'    3 ? 
# 
loop_
_entity.id 
_entity.type 
_entity.src_method 
_entity.pdbx_description 
_entity.formula_weight 
_entity.pdbx_number_of_molecules 
_entity.pdbx_ec 
_entity.pdbx_mutation 
_entity.pdbx_fragment 
_entity.details 
1 polymer     syn "5'-R(*UP*UP*GP*CP*GP*UP*CP*GP*CP*UP*CP*CP*GP*GP*AP*AP*AP*AP*GP*UP*CP*GP*C)-3'" 7355.409 2  ? ? ? ? 
2 non-polymer syn 'MAGNESIUM ION'                                                                 24.305   2  ? ? ? ? 
3 non-polymer syn 'COBALT HEXAMMINE(III)'                                                         161.116  3  ? ? ? ? 
4 water       nat water                                                                           18.015   63 ? ? ? ? 
# 
_entity_poly.entity_id                      1 
_entity_poly.type                           polyribonucleotide 
_entity_poly.nstd_linkage                   no 
_entity_poly.nstd_monomer                   no 
_entity_poly.pdbx_seq_one_letter_code       UUGCGUCGCUCCGGAAAAGUCGC 
_entity_poly.pdbx_seq_one_letter_code_can   UUGCGUCGCUCCGGAAAAGUCGC 
_entity_poly.pdbx_strand_id                 A,B 
_entity_poly.pdbx_target_identifier         ? 
# 
loop_
_pdbx_entity_nonpoly.entity_id 
_pdbx_entity_nonpoly.name 
_pdbx_entity_nonpoly.comp_id 
2 'MAGNESIUM ION'         MG  
3 'COBALT HEXAMMINE(III)' NCO 
4 water                   HOH 
# 
loop_
_entity_poly_seq.entity_id 
_entity_poly_seq.num 
_entity_poly_seq.mon_id 
_entity_poly_seq.hetero 
1 1  U n 
1 2  U n 
1 3  G n 
1 4  C n 
1 5  G n 
1 6  U n 
1 7  C n 
1 8  G n 
1 9  C n 
1 10 U n 
1 11 C n 
1 12 C n 
1 13 G n 
1 14 G n 
1 15 A n 
1 16 A n 
1 17 A n 
1 18 A n 
1 19 G n 
1 20 U n 
1 21 C n 
1 22 G n 
1 23 C n 
# 
_pdbx_entity_src_syn.entity_id              1 
_pdbx_entity_src_syn.pdbx_src_id            1 
_pdbx_entity_src_syn.pdbx_alt_source_flag   sample 
_pdbx_entity_src_syn.pdbx_beg_seq_num       ? 
_pdbx_entity_src_syn.pdbx_end_seq_num       ? 
_pdbx_entity_src_syn.organism_scientific    ? 
_pdbx_entity_src_syn.organism_common_name   ? 
_pdbx_entity_src_syn.ncbi_taxonomy_id       ? 
_pdbx_entity_src_syn.details                'Chemically synthesized' 
# 
loop_
_chem_comp.id 
_chem_comp.type 
_chem_comp.mon_nstd_flag 
_chem_comp.name 
_chem_comp.pdbx_synonyms 
_chem_comp.formula 
_chem_comp.formula_weight 
A   'RNA linking' y "ADENOSINE-5'-MONOPHOSPHATE" ? 'C10 H14 N5 O7 P' 347.221 
C   'RNA linking' y "CYTIDINE-5'-MONOPHOSPHATE"  ? 'C9 H14 N3 O8 P'  323.197 
G   'RNA linking' y "GUANOSINE-5'-MONOPHOSPHATE" ? 'C10 H14 N5 O8 P' 363.221 
HOH non-polymer   . WATER                        ? 'H2 O'            18.015  
MG  non-polymer   . 'MAGNESIUM ION'              ? 'Mg 2'            24.305  
NCO non-polymer   . 'COBALT HEXAMMINE(III)'      ? 'Co H18 N6 3'     161.116 
U   'RNA linking' y "URIDINE-5'-MONOPHOSPHATE"   ? 'C9 H13 N2 O9 P'  324.181 
# 
loop_
_pdbx_poly_seq_scheme.asym_id 
_pdbx_poly_seq_scheme.entity_id 
_pdbx_poly_seq_scheme.seq_id 
_pdbx_poly_seq_scheme.mon_id 
_pdbx_poly_seq_scheme.ndb_seq_num 
_pdbx_poly_seq_scheme.pdb_seq_num 
_pdbx_poly_seq_scheme.auth_seq_num 
_pdbx_poly_seq_scheme.pdb_mon_id 
_pdbx_poly_seq_scheme.auth_mon_id 
_pdbx_poly_seq_scheme.pdb_strand_id 
_pdbx_poly_seq_scheme.pdb_ins_code 
_pdbx_poly_seq_scheme.hetero 
A 1 1  U 1  1  ?  ? ? A . n 
A 1 2  U 2  2  2  U U A . n 
A 1 3  G 3  3  3  G G A . n 
A 1 4  C 4  4  4  C C A . n 
A 1 5  G 5  5  5  G G A . n 
A 1 6  U 6  6  6  U U A . n 
A 1 7  C 7  7  7  C C A . n 
A 1 8  G 8  8  8  G G A . n 
A 1 9  C 9  9  9  C C A . n 
A 1 10 U 10 10 10 U U A . n 
A 1 11 C 11 11 11 C C A . n 
A 1 12 C 12 12 12 C C A . n 
A 1 13 G 13 13 13 G G A . n 
A 1 14 G 14 14 14 G G A . n 
A 1 15 A 15 15 15 A A A . n 
A 1 16 A 16 16 16 A A A . n 
A 1 17 A 17 17 17 A A A . n 
A 1 18 A 18 18 18 A A A . n 
A 1 19 G 19 19 19 G G A . n 
A 1 20 U 20 20 20 U U A . n 
A 1 21 C 21 21 21 C C A . n 
A 1 22 G 22 22 22 G G A . n 
A 1 23 C 23 23 23 C C A . n 
B 1 1  U 1  24 ?  ? ? B . n 
B 1 2  U 2  25 ?  ? ? B . n 
B 1 3  G 3  26 26 G G B . n 
B 1 4  C 4  27 27 C C B . n 
B 1 5  G 5  28 28 G G B . n 
B 1 6  U 6  29 29 U U B . n 
B 1 7  C 7  30 30 C C B . n 
B 1 8  G 8  31 31 G G B . n 
B 1 9  C 9  32 32 C C B . n 
B 1 10 U 10 33 33 U U B . n 
B 1 11 C 11 34 34 C C B . n 
B 1 12 C 12 35 35 C C B . n 
B 1 13 G 13 36 36 G G B . n 
B 1 14 G 14 37 37 G G B . n 
B 1 15 A 15 38 38 A A B . n 
B 1 16 A 16 39 39 A A B . n 
B 1 17 A 17 40 40 A A B . n 
B 1 18 A 18 41 41 A A B . n 
B 1 19 G 19 42 42 G G B . n 
B 1 20 U 20 43 43 U U B . n 
B 1 21 C 21 44 44 C C B . n 
B 1 22 G 22 45 45 G G B . n 
B 1 23 C 23 46 46 C C B . n 
# 
loop_
_pdbx_nonpoly_scheme.asym_id 
_pdbx_nonpoly_scheme.entity_id 
_pdbx_nonpoly_scheme.mon_id 
_pdbx_nonpoly_scheme.ndb_seq_num 
_pdbx_nonpoly_scheme.pdb_seq_num 
_pdbx_nonpoly_scheme.auth_seq_num 
_pdbx_nonpoly_scheme.pdb_mon_id 
_pdbx_nonpoly_scheme.auth_mon_id 
_pdbx_nonpoly_scheme.pdb_strand_id 
_pdbx_nonpoly_scheme.pdb_ins_code 
C 2 MG  1  202 202 MG  MO6 A . 
D 3 NCO 1  101 101 NCO NCO A . 
E 3 NCO 1  103 103 NCO NCO A . 
F 2 MG  1  201 201 MG  MO6 B . 
G 3 NCO 1  102 102 NCO NCO B . 
H 4 HOH 1  301 301 HOH HOH A . 
H 4 HOH 2  304 304 HOH HOH A . 
H 4 HOH 3  305 305 HOH HOH A . 
H 4 HOH 4  307 307 HOH HOH A . 
H 4 HOH 5  309 309 HOH HOH A . 
H 4 HOH 6  310 310 HOH HOH A . 
H 4 HOH 7  311 311 HOH HOH A . 
H 4 HOH 8  312 312 HOH HOH A . 
H 4 HOH 9  313 313 HOH HOH A . 
H 4 HOH 10 316 316 HOH HOH A . 
H 4 HOH 11 319 319 HOH HOH A . 
H 4 HOH 12 323 323 HOH HOH A . 
H 4 HOH 13 324 324 HOH HOH A . 
H 4 HOH 14 327 327 HOH HOH A . 
H 4 HOH 15 328 328 HOH HOH A . 
H 4 HOH 16 331 331 HOH HOH A . 
H 4 HOH 17 332 332 HOH HOH A . 
H 4 HOH 18 334 334 HOH HOH A . 
H 4 HOH 19 335 335 HOH HOH A . 
H 4 HOH 20 337 337 HOH HOH A . 
H 4 HOH 21 343 343 HOH HOH A . 
H 4 HOH 22 344 344 HOH HOH A . 
H 4 HOH 23 345 345 HOH HOH A . 
H 4 HOH 24 348 348 HOH HOH A . 
H 4 HOH 25 349 349 HOH HOH A . 
H 4 HOH 26 350 350 HOH HOH A . 
H 4 HOH 27 351 351 HOH HOH A . 
H 4 HOH 28 356 201 HOH MO6 A . 
H 4 HOH 29 359 202 HOH MO6 A . 
H 4 HOH 30 360 202 HOH MO6 A . 
H 4 HOH 31 363 202 HOH MO6 A . 
I 4 HOH 1  302 302 HOH HOH B . 
I 4 HOH 2  303 303 HOH HOH B . 
I 4 HOH 3  306 306 HOH HOH B . 
I 4 HOH 4  308 308 HOH HOH B . 
I 4 HOH 5  314 314 HOH HOH B . 
I 4 HOH 6  315 315 HOH HOH B . 
I 4 HOH 7  317 317 HOH HOH B . 
I 4 HOH 8  318 318 HOH HOH B . 
I 4 HOH 9  320 320 HOH HOH B . 
I 4 HOH 10 321 321 HOH HOH B . 
I 4 HOH 11 322 322 HOH HOH B . 
I 4 HOH 12 325 325 HOH HOH B . 
I 4 HOH 13 326 326 HOH HOH B . 
I 4 HOH 14 329 329 HOH HOH B . 
I 4 HOH 15 330 330 HOH HOH B . 
I 4 HOH 16 333 333 HOH HOH B . 
I 4 HOH 17 336 336 HOH HOH B . 
I 4 HOH 18 338 338 HOH HOH B . 
I 4 HOH 19 339 339 HOH HOH B . 
I 4 HOH 20 340 340 HOH HOH B . 
I 4 HOH 21 341 341 HOH HOH B . 
I 4 HOH 22 342 342 HOH HOH B . 
I 4 HOH 23 346 346 HOH HOH B . 
I 4 HOH 24 347 347 HOH HOH B . 
I 4 HOH 25 352 201 HOH MO6 B . 
I 4 HOH 26 353 201 HOH MO6 B . 
I 4 HOH 27 354 201 HOH MO6 B . 
I 4 HOH 28 355 201 HOH MO6 B . 
I 4 HOH 29 357 201 HOH MO6 B . 
I 4 HOH 30 358 202 HOH MO6 B . 
I 4 HOH 31 361 202 HOH MO6 B . 
I 4 HOH 32 362 202 HOH MO6 B . 
# 
loop_
_software.name 
_software.version 
_software.date 
_software.type 
_software.contact_author 
_software.contact_author_email 
_software.classification 
_software.location 
_software.language 
_software.citation_id 
_software.pdbx_ordinal 
d*TREK       9.2SSI         'Nov  2 2004'  package 'Pflugrath, J.W.' jwp@RigakuMSC.com        'data processing' 
http://www.msc.com/protein/dtrek.html ?          ? 1 
CNS          .              ?              package 'Axel T. Brunger' axel.brunger@yale.edu    refinement        
http://cns.csb.yale.edu/v1.1/         Fortran_77 ? 2 
PDB_EXTRACT  1.701          'Nov. 1, 2005' package PDB               sw-help@rcsb.rutgers.edu 'data extraction' 
http://pdb.rutgers.edu/software/      C++        ? 3 
CrystalClear '(MSC/RIGAKU)' ?              ?       ?                 ?                        'data reduction'  ? ?          ? 4 
CrystalClear '(MSC/RIGAKU)' ?              ?       ?                 ?                        'data scaling'    ? ?          ? 5 
AMoRE        .              ?              ?       ?                 ?                        phasing           ? ?          ? 6 
# 
_cell.length_a           46.050 
_cell.length_b           47.390 
_cell.length_c           56.760 
_cell.angle_alpha        90.00 
_cell.angle_beta         90.00 
_cell.angle_gamma        90.00 
_cell.entry_id           2FQN 
_cell.pdbx_unique_axis   ? 
_cell.Z_PDB              8 
_cell.length_a_esd       ? 
_cell.length_b_esd       ? 
_cell.length_c_esd       ? 
_cell.angle_alpha_esd    ? 
_cell.angle_beta_esd     ? 
_cell.angle_gamma_esd    ? 
# 
_symmetry.space_group_name_H-M             'P 21 21 2' 
_symmetry.entry_id                         2FQN 
_symmetry.pdbx_full_space_group_name_H-M   ? 
_symmetry.Int_Tables_number                18 
_symmetry.cell_setting                     ? 
_symmetry.space_group_name_Hall            ? 
# 
_exptl.entry_id          2FQN 
_exptl.crystals_number   1 
_exptl.method            'X-RAY DIFFRACTION' 
# 
_exptl_crystal.id                    1 
_exptl_crystal.density_Matthews      2.11 
_exptl_crystal.density_meas          ? 
_exptl_crystal.density_percent_sol   41.57 
_exptl_crystal.description           ? 
_exptl_crystal.F_000                 ? 
_exptl_crystal.preparation           ? 
# 
_exptl_crystal_grow.crystal_id      1 
_exptl_crystal_grow.method          'VAPOR DIFFUSION, HANGING DROP' 
_exptl_crystal_grow.pH              6.5 
_exptl_crystal_grow.temp            293 
_exptl_crystal_grow.temp_details    ? 
_exptl_crystal_grow.pdbx_details    
;50 mM sodium cacodylate, 5 mM hexammine cobalt, 200 mM Potassium chloride, 1% (v/v) 2-methyl-2,4-pentanediol , pH 6.5, VAPOR DIFFUSION, HANGING DROP, temperature 293K
;
_exptl_crystal_grow.pdbx_pH_range   . 
# 
loop_
_exptl_crystal_grow_comp.crystal_id 
_exptl_crystal_grow_comp.id 
_exptl_crystal_grow_comp.sol_id 
_exptl_crystal_grow_comp.name 
_exptl_crystal_grow_comp.conc 
_exptl_crystal_grow_comp.volume 
_exptl_crystal_grow_comp.details 
1 1 1 'sodium cacodylate'      ? ? ? 
1 2 1 'hexammine cobalt'       ? ? ? 
1 3 1 'Potassium chloride'     ? ? ? 
1 4 1 2-methyl-2,4-pentanediol ? ? ? 
1 5 1 H2O                      ? ? ? 
1 6 2 'sodium cacodylate'      ? ? ? 
1 7 2 'hexammine cobalt'       ? ? ? 
1 8 2 'Potassium chloride'     ? ? ? 
1 9 2 H2O                      ? ? ? 
# 
_diffrn.id                     1 
_diffrn.ambient_temp           100 
_diffrn.ambient_temp_details   ? 
_diffrn.crystal_id             1 
# 
_diffrn_detector.diffrn_id              1 
_diffrn_detector.detector               CCD 
_diffrn_detector.type                   'ADSC QUANTUM 4' 
_diffrn_detector.pdbx_collection_date   2004-12-04 
_diffrn_detector.details                ? 
# 
_diffrn_radiation.diffrn_id                        1 
_diffrn_radiation.wavelength_id                    1 
_diffrn_radiation.pdbx_diffrn_protocol             'SINGLE WAVELENGTH' 
_diffrn_radiation.monochromator                    Diamond 
_diffrn_radiation.pdbx_monochromatic_or_laue_m_l   M 
_diffrn_radiation.pdbx_scattering_type             x-ray 
# 
_diffrn_radiation_wavelength.id           1 
_diffrn_radiation_wavelength.wavelength   0.9340 
_diffrn_radiation_wavelength.wt           1.0 
# 
_diffrn_source.diffrn_id                   1 
_diffrn_source.source                      SYNCHROTRON 
_diffrn_source.type                        'ESRF BEAMLINE ID14-1' 
_diffrn_source.pdbx_wavelength             ? 
_diffrn_source.pdbx_wavelength_list        0.9340 
_diffrn_source.pdbx_synchrotron_site       ESRF 
_diffrn_source.pdbx_synchrotron_beamline   ID14-1 
# 
_reflns.entry_id                     2FQN 
_reflns.d_resolution_high            2.300 
_reflns.d_resolution_low             28.550 
_reflns.number_obs                   4878 
_reflns.pdbx_scaling_rejects         123 
_reflns.pdbx_Rmerge_I_obs            0.117 
_reflns.pdbx_netI_over_sigmaI        7.200 
_reflns.pdbx_chi_squared             0.950 
_reflns.pdbx_redundancy              3.330 
_reflns.percent_possible_obs         83.100 
_reflns.observed_criterion_sigma_F   ? 
_reflns.observed_criterion_sigma_I   ? 
_reflns.number_all                   ? 
_reflns.pdbx_Rsym_value              ? 
_reflns.B_iso_Wilson_estimate        ? 
_reflns.R_free_details               ? 
_reflns.pdbx_diffrn_id               1 
_reflns.pdbx_ordinal                 1 
# 
_reflns_shell.d_res_high             2.30 
_reflns_shell.d_res_low              2.38 
_reflns_shell.number_measured_obs    ? 
_reflns_shell.number_measured_all    1048 
_reflns_shell.number_unique_obs      438 
_reflns_shell.Rmerge_I_obs           0.292 
_reflns_shell.meanI_over_sigI_obs    2.0 
_reflns_shell.pdbx_Rsym_value        ? 
_reflns_shell.pdbx_chi_squared       0.340 
_reflns_shell.pdbx_redundancy        2.39 
_reflns_shell.percent_possible_obs   78.50 
_reflns_shell.number_unique_all      ? 
_reflns_shell.percent_possible_all   ? 
_reflns_shell.pdbx_diffrn_id         ? 
_reflns_shell.pdbx_ordinal           1 
# 
_refine.ls_d_res_high                            2.300 
_refine.ls_d_res_low                             10.000 
_refine.pdbx_ls_sigma_F                          3 
_refine.ls_percent_reflns_obs                    68.800 
_refine.ls_number_reflns_obs                     3976 
_refine.ls_R_factor_R_work                       0.247 
_refine.ls_R_factor_R_free                       0.282 
_refine.ls_percent_reflns_R_free                 7.100 
_refine.ls_number_reflns_R_free                  410 
_refine.B_iso_mean                               40.951 
_refine.solvent_model_param_bsol                 56.064 
_refine.aniso_B[1][1]                            -2.108 
_refine.aniso_B[2][2]                            -5.402 
_refine.aniso_B[3][3]                            7.510 
_refine.aniso_B[1][2]                            0.000 
_refine.aniso_B[1][3]                            0.000 
_refine.aniso_B[2][3]                            0.000 
_refine.overall_FOM_work_R_set                   0.799 
_refine.entry_id                                 2FQN 
_refine.pdbx_ls_sigma_I                          ? 
_refine.ls_number_reflns_all                     ? 
_refine.ls_R_factor_all                          ? 
_refine.ls_R_factor_obs                          ? 
_refine.ls_redundancy_reflns_obs                 ? 
_refine.pdbx_data_cutoff_high_absF               ? 
_refine.pdbx_data_cutoff_low_absF                ? 
_refine.ls_number_parameters                     ? 
_refine.ls_number_restraints                     ? 
_refine.ls_R_factor_R_free_error                 ? 
_refine.ls_R_factor_R_free_error_details         ? 
_refine.pdbx_method_to_determine_struct          'MOLECULAR REPLACEMENT' 
_refine.pdbx_starting_model                      ? 
_refine.pdbx_ls_cross_valid_method               ? 
_refine.pdbx_R_Free_selection_details            RANDOM 
_refine.pdbx_stereochem_target_val_spec_case     ? 
_refine.pdbx_stereochemistry_target_values       
;G. Parkinson, J. Vojtechovsky, L. Clowney, A.T. Brunger, H.M. Berman, New Parameters for the Refinement of Nucleic Acid Containing Structures, Acta Cryst. D, 52, 57-64 (1996).
;
_refine.solvent_model_details                    ? 
_refine.solvent_model_param_ksol                 ? 
_refine.occupancy_max                            ? 
_refine.occupancy_min                            ? 
_refine.pdbx_isotropic_thermal_model             ? 
_refine.details                                  ? 
_refine.correlation_coeff_Fo_to_Fc               ? 
_refine.correlation_coeff_Fo_to_Fc_free          ? 
_refine.pdbx_solvent_vdw_probe_radii             ? 
_refine.pdbx_solvent_ion_probe_radii             ? 
_refine.pdbx_solvent_shrinkage_radii             ? 
_refine.overall_SU_R_Cruickshank_DPI             ? 
_refine.overall_SU_R_free                        ? 
_refine.overall_SU_ML                            ? 
_refine.overall_SU_B                             ? 
_refine.pdbx_overall_ESU_R_Free                  ? 
_refine.pdbx_data_cutoff_high_rms_absF           ? 
_refine.pdbx_overall_ESU_R                       ? 
_refine.ls_wR_factor_R_free                      ? 
_refine.ls_wR_factor_R_work                      ? 
_refine.overall_FOM_free_R_set                   ? 
_refine.pdbx_refine_id                           'X-RAY DIFFRACTION' 
_refine.pdbx_diffrn_id                           1 
_refine.pdbx_TLS_residual_ADP_flag               ? 
_refine.pdbx_overall_phase_error                 ? 
_refine.pdbx_overall_SU_R_free_Cruickshank_DPI   ? 
_refine.pdbx_overall_SU_R_Blow_DPI               ? 
_refine.pdbx_overall_SU_R_free_Blow_DPI          ? 
# 
_refine_hist.pdbx_refine_id                   'X-RAY DIFFRACTION' 
_refine_hist.cycle_id                         LAST 
_refine_hist.pdbx_number_atoms_protein        0 
_refine_hist.pdbx_number_atoms_nucleic_acid   918 
_refine_hist.pdbx_number_atoms_ligand         35 
_refine_hist.number_atoms_solvent             51 
_refine_hist.number_atoms_total               1004 
_refine_hist.d_res_high                       2.300 
_refine_hist.d_res_low                        10.000 
# 
loop_
_refine_ls_restr.type 
_refine_ls_restr.dev_ideal 
_refine_ls_restr.dev_ideal_target 
_refine_ls_restr.number 
_refine_ls_restr.weight 
_refine_ls_restr.pdbx_refine_id 
_refine_ls_restr.pdbx_restraint_function 
c_bond_d           0.005 ? ? ? 'X-RAY DIFFRACTION' ? 
c_angle_d          1.1   ? ? ? 'X-RAY DIFFRACTION' ? 
c_improper_angle_d 1.8   ? ? ? 'X-RAY DIFFRACTION' ? 
# 
loop_
_refine_ls_shell.d_res_high 
_refine_ls_shell.d_res_low 
_refine_ls_shell.pdbx_total_number_of_bins_used 
_refine_ls_shell.percent_reflns_obs 
_refine_ls_shell.number_reflns_R_work 
_refine_ls_shell.R_factor_all 
_refine_ls_shell.R_factor_R_work 
_refine_ls_shell.R_factor_R_free 
_refine_ls_shell.percent_reflns_R_free 
_refine_ls_shell.number_reflns_R_free 
_refine_ls_shell.R_factor_R_free_error 
_refine_ls_shell.number_reflns_all 
_refine_ls_shell.number_reflns_obs 
_refine_ls_shell.redundancy_reflns_obs 
_refine_ls_shell.pdbx_refine_id 
2.300 2.400  8 . 246 . 0.306 0.322 . 21 . . 267 . 'X-RAY DIFFRACTION' 
2.400 2.530  8 . 369 . 0.326 0.334 . 37 . . 406 . 'X-RAY DIFFRACTION' 
2.530 2.680  8 . 408 . 0.322 0.356 . 52 . . 460 . 'X-RAY DIFFRACTION' 
2.680 2.890  8 . 469 . 0.34  0.362 . 53 . . 522 . 'X-RAY DIFFRACTION' 
2.890 3.170  8 . 510 . 0.273 0.336 . 66 . . 576 . 'X-RAY DIFFRACTION' 
3.170 3.610  8 . 519 . 0.231 0.279 . 61 . . 580 . 'X-RAY DIFFRACTION' 
3.610 4.480  8 . 506 . 0.202 0.251 . 58 . . 564 . 'X-RAY DIFFRACTION' 
4.480 10.000 8 . 539 . 0.222 0.225 . 62 . . 601 . 'X-RAY DIFFRACTION' 
# 
loop_
_pdbx_xplor_file.serial_no 
_pdbx_xplor_file.param_file 
_pdbx_xplor_file.topol_file 
_pdbx_xplor_file.pdbx_refine_id 
1 CNS_TOPPAR:dna-rna_rep.param ? 'X-RAY DIFFRACTION' 
2 nco_xplor.param              ? 'X-RAY DIFFRACTION' 
3 mo6_xplor.param              ? 'X-RAY DIFFRACTION' 
4 CNS_TOPPAR:water_rep.param   ? 'X-RAY DIFFRACTION' 
# 
_struct.entry_id                  2FQN 
_struct.title                     'Crystal structure of the Homo sapiens cytoplasmic ribosomal decoding A site' 
_struct.pdbx_model_details        ? 
_struct.pdbx_CASP_flag            ? 
_struct.pdbx_model_type_details   ? 
# 
_struct_keywords.entry_id        2FQN 
_struct_keywords.pdbx_keywords   RNA 
_struct_keywords.text            'RNA duplex, rRNA, Decoding site, A site, Homo sapiens cytoplasm, RNA' 
# 
loop_
_struct_asym.id 
_struct_asym.pdbx_blank_PDB_chainid_flag 
_struct_asym.pdbx_modified 
_struct_asym.entity_id 
_struct_asym.details 
A N N 1 ? 
B N N 1 ? 
C N N 2 ? 
D N N 3 ? 
E N N 3 ? 
F N N 2 ? 
G N N 3 ? 
H N N 4 ? 
I N N 4 ? 
# 
_struct_ref.id                         1 
_struct_ref.entity_id                  1 
_struct_ref.db_name                    PDB 
_struct_ref.db_code                    2FQN 
_struct_ref.pdbx_db_accession          2FQN 
_struct_ref.pdbx_db_isoform            ? 
_struct_ref.pdbx_seq_one_letter_code   ? 
_struct_ref.pdbx_align_begin           ? 
# 
loop_
_struct_ref_seq.align_id 
_struct_ref_seq.ref_id 
_struct_ref_seq.pdbx_PDB_id_code 
_struct_ref_seq.pdbx_strand_id 
_struct_ref_seq.seq_align_beg 
_struct_ref_seq.pdbx_seq_align_beg_ins_code 
_struct_ref_seq.seq_align_end 
_struct_ref_seq.pdbx_seq_align_end_ins_code 
_struct_ref_seq.pdbx_db_accession 
_struct_ref_seq.db_align_beg 
_struct_ref_seq.pdbx_db_align_beg_ins_code 
_struct_ref_seq.db_align_end 
_struct_ref_seq.pdbx_db_align_end_ins_code 
_struct_ref_seq.pdbx_auth_seq_align_beg 
_struct_ref_seq.pdbx_auth_seq_align_end 
1 1 2FQN A 1 ? 23 ? 2FQN 1  ? 23 ? 1  23 
2 1 2FQN B 1 ? 23 ? 2FQN 24 ? 46 ? 24 46 
# 
_pdbx_struct_assembly.id                   1 
_pdbx_struct_assembly.details              author_defined_assembly 
_pdbx_struct_assembly.method_details       ? 
_pdbx_struct_assembly.oligomeric_details   dimeric 
_pdbx_struct_assembly.oligomeric_count     2 
# 
_pdbx_struct_assembly_gen.assembly_id       1 
_pdbx_struct_assembly_gen.oper_expression   1 
_pdbx_struct_assembly_gen.asym_id_list      A,B,C,D,E,F,G,H,I 
# 
_pdbx_struct_oper_list.id                   1 
_pdbx_struct_oper_list.type                 'identity operation' 
_pdbx_struct_oper_list.name                 1_555 
_pdbx_struct_oper_list.symmetry_operation   x,y,z 
_pdbx_struct_oper_list.matrix[1][1]         1.0000000000 
_pdbx_struct_oper_list.matrix[1][2]         0.0000000000 
_pdbx_struct_oper_list.matrix[1][3]         0.0000000000 
_pdbx_struct_oper_list.vector[1]            0.0000000000 
_pdbx_struct_oper_list.matrix[2][1]         0.0000000000 
_pdbx_struct_oper_list.matrix[2][2]         1.0000000000 
_pdbx_struct_oper_list.matrix[2][3]         0.0000000000 
_pdbx_struct_oper_list.vector[2]            0.0000000000 
_pdbx_struct_oper_list.matrix[3][1]         0.0000000000 
_pdbx_struct_oper_list.matrix[3][2]         0.0000000000 
_pdbx_struct_oper_list.matrix[3][3]         1.0000000000 
_pdbx_struct_oper_list.vector[3]            0.0000000000 
# 
loop_
_struct_conn.id 
_struct_conn.conn_type_id 
_struct_conn.pdbx_leaving_atom_flag 
_struct_conn.pdbx_PDB_id 
_struct_conn.ptnr1_label_asym_id 
_struct_conn.ptnr1_label_comp_id 
_struct_conn.ptnr1_label_seq_id 
_struct_conn.ptnr1_label_atom_id 
_struct_conn.pdbx_ptnr1_label_alt_id 
_struct_conn.pdbx_ptnr1_PDB_ins_code 
_struct_conn.pdbx_ptnr1_standard_comp_id 
_struct_conn.ptnr1_symmetry 
_struct_conn.ptnr2_label_asym_id 
_struct_conn.ptnr2_label_comp_id 
_struct_conn.ptnr2_label_seq_id 
_struct_conn.ptnr2_label_atom_id 
_struct_conn.pdbx_ptnr2_label_alt_id 
_struct_conn.pdbx_ptnr2_PDB_ins_code 
_struct_conn.ptnr1_auth_asym_id 
_struct_conn.ptnr1_auth_comp_id 
_struct_conn.ptnr1_auth_seq_id 
_struct_conn.ptnr2_auth_asym_id 
_struct_conn.ptnr2_auth_comp_id 
_struct_conn.ptnr2_auth_seq_id 
_struct_conn.ptnr2_symmetry 
_struct_conn.pdbx_ptnr3_label_atom_id 
_struct_conn.pdbx_ptnr3_label_seq_id 
_struct_conn.pdbx_ptnr3_label_comp_id 
_struct_conn.pdbx_ptnr3_label_asym_id 
_struct_conn.pdbx_ptnr3_label_alt_id 
_struct_conn.pdbx_ptnr3_PDB_ins_code 
_struct_conn.details 
_struct_conn.pdbx_dist_value 
_struct_conn.pdbx_value_order 
_struct_conn.pdbx_role 
metalc1  metalc ? ? C MG  .  MG ? ? ? 1_555 H HOH .  O  ? ? A MG  202 A HOH 359 1_555 ? ? ? ? ? ? ?             2.011 ? ? 
metalc2  metalc ? ? C MG  .  MG ? ? ? 1_555 H HOH .  O  ? ? A MG  202 A HOH 360 1_555 ? ? ? ? ? ? ?             2.105 ? ? 
metalc3  metalc ? ? C MG  .  MG ? ? ? 1_555 H HOH .  O  ? ? A MG  202 A HOH 363 1_555 ? ? ? ? ? ? ?             2.117 ? ? 
metalc4  metalc ? ? C MG  .  MG ? ? ? 1_555 I HOH .  O  ? ? A MG  202 B HOH 358 1_555 ? ? ? ? ? ? ?             2.078 ? ? 
metalc5  metalc ? ? C MG  .  MG ? ? ? 1_555 I HOH .  O  ? ? A MG  202 B HOH 361 1_555 ? ? ? ? ? ? ?             2.070 ? ? 
metalc6  metalc ? ? C MG  .  MG ? ? ? 1_555 I HOH .  O  ? ? A MG  202 B HOH 362 1_555 ? ? ? ? ? ? ?             2.125 ? ? 
metalc7  metalc ? ? H HOH .  O  ? ? ? 1_555 F MG  .  MG ? ? A HOH 356 B MG  201 1_555 ? ? ? ? ? ? ?             2.131 ? ? 
metalc8  metalc ? ? F MG  .  MG ? ? ? 1_555 I HOH .  O  ? ? B MG  201 B HOH 352 1_555 ? ? ? ? ? ? ?             2.080 ? ? 
metalc9  metalc ? ? F MG  .  MG ? ? ? 1_555 I HOH .  O  ? ? B MG  201 B HOH 353 1_555 ? ? ? ? ? ? ?             2.009 ? ? 
metalc10 metalc ? ? F MG  .  MG ? ? ? 1_555 I HOH .  O  ? ? B MG  201 B HOH 354 1_555 ? ? ? ? ? ? ?             2.101 ? ? 
metalc11 metalc ? ? F MG  .  MG ? ? ? 1_555 I HOH .  O  ? ? B MG  201 B HOH 355 1_555 ? ? ? ? ? ? ?             2.060 ? ? 
metalc12 metalc ? ? F MG  .  MG ? ? ? 1_555 I HOH .  O  ? ? B MG  201 B HOH 357 1_555 ? ? ? ? ? ? ?             2.118 ? ? 
hydrog1  hydrog ? ? A G   3  N1 ? ? ? 1_555 B C   23 N3 ? ? A G   3   B C   46  1_555 ? ? ? ? ? ? WATSON-CRICK  ?     ? ? 
hydrog2  hydrog ? ? A G   3  N2 ? ? ? 1_555 B C   23 O2 ? ? A G   3   B C   46  1_555 ? ? ? ? ? ? WATSON-CRICK  ?     ? ? 
hydrog3  hydrog ? ? A G   3  O6 ? ? ? 1_555 B C   23 N4 ? ? A G   3   B C   46  1_555 ? ? ? ? ? ? WATSON-CRICK  ?     ? ? 
hydrog4  hydrog ? ? A C   4  N3 ? ? ? 1_555 B G   22 N1 ? ? A C   4   B G   45  1_555 ? ? ? ? ? ? WATSON-CRICK  ?     ? ? 
hydrog5  hydrog ? ? A C   4  N4 ? ? ? 1_555 B G   22 O6 ? ? A C   4   B G   45  1_555 ? ? ? ? ? ? WATSON-CRICK  ?     ? ? 
hydrog6  hydrog ? ? A C   4  O2 ? ? ? 1_555 B G   22 N2 ? ? A C   4   B G   45  1_555 ? ? ? ? ? ? WATSON-CRICK  ?     ? ? 
hydrog7  hydrog ? ? A G   5  N1 ? ? ? 1_555 B C   21 N3 ? ? A G   5   B C   44  1_555 ? ? ? ? ? ? WATSON-CRICK  ?     ? ? 
hydrog8  hydrog ? ? A G   5  N2 ? ? ? 1_555 B C   21 O2 ? ? A G   5   B C   44  1_555 ? ? ? ? ? ? WATSON-CRICK  ?     ? ? 
hydrog9  hydrog ? ? A G   5  O6 ? ? ? 1_555 B C   21 N4 ? ? A G   5   B C   44  1_555 ? ? ? ? ? ? WATSON-CRICK  ?     ? ? 
hydrog10 hydrog ? ? A U   6  N3 ? ? ? 1_555 B U   20 O4 ? ? A U   6   B U   43  1_555 ? ? ? ? ? ? TYPE_16_PAIR  ?     ? ? 
hydrog11 hydrog ? ? A U   6  O2 ? ? ? 1_555 B U   20 N3 ? ? A U   6   B U   43  1_555 ? ? ? ? ? ? TYPE_16_PAIR  ?     ? ? 
hydrog12 hydrog ? ? A C   7  N3 ? ? ? 1_555 B G   19 N1 ? ? A C   7   B G   42  1_555 ? ? ? ? ? ? WATSON-CRICK  ?     ? ? 
hydrog13 hydrog ? ? A C   7  N4 ? ? ? 1_555 B G   19 O6 ? ? A C   7   B G   42  1_555 ? ? ? ? ? ? WATSON-CRICK  ?     ? ? 
hydrog14 hydrog ? ? A C   7  O2 ? ? ? 1_555 B G   19 N2 ? ? A C   7   B G   42  1_555 ? ? ? ? ? ? WATSON-CRICK  ?     ? ? 
hydrog15 hydrog ? ? A C   9  N4 ? ? ? 1_555 B A   16 N1 ? ? A C   9   B A   39  1_555 ? ? ? ? ? ? 'C-A MISPAIR' ?     ? ? 
hydrog16 hydrog ? ? A U   10 N3 ? ? ? 1_555 B A   15 N1 ? ? A U   10  B A   38  1_555 ? ? ? ? ? ? WATSON-CRICK  ?     ? ? 
hydrog17 hydrog ? ? A U   10 O4 ? ? ? 1_555 B A   15 N6 ? ? A U   10  B A   38  1_555 ? ? ? ? ? ? WATSON-CRICK  ?     ? ? 
hydrog18 hydrog ? ? A C   11 N3 ? ? ? 1_555 B G   14 N1 ? ? A C   11  B G   37  1_555 ? ? ? ? ? ? WATSON-CRICK  ?     ? ? 
hydrog19 hydrog ? ? A C   11 N4 ? ? ? 1_555 B G   14 O6 ? ? A C   11  B G   37  1_555 ? ? ? ? ? ? WATSON-CRICK  ?     ? ? 
hydrog20 hydrog ? ? A C   11 O2 ? ? ? 1_555 B G   14 N2 ? ? A C   11  B G   37  1_555 ? ? ? ? ? ? WATSON-CRICK  ?     ? ? 
hydrog21 hydrog ? ? A C   12 N3 ? ? ? 1_555 B G   13 N1 ? ? A C   12  B G   36  1_555 ? ? ? ? ? ? WATSON-CRICK  ?     ? ? 
hydrog22 hydrog ? ? A C   12 N4 ? ? ? 1_555 B G   13 O6 ? ? A C   12  B G   36  1_555 ? ? ? ? ? ? WATSON-CRICK  ?     ? ? 
hydrog23 hydrog ? ? A C   12 O2 ? ? ? 1_555 B G   13 N2 ? ? A C   12  B G   36  1_555 ? ? ? ? ? ? WATSON-CRICK  ?     ? ? 
hydrog24 hydrog ? ? A G   13 N1 ? ? ? 1_555 B C   12 N3 ? ? A G   13  B C   35  1_555 ? ? ? ? ? ? WATSON-CRICK  ?     ? ? 
hydrog25 hydrog ? ? A G   13 N2 ? ? ? 1_555 B C   12 O2 ? ? A G   13  B C   35  1_555 ? ? ? ? ? ? WATSON-CRICK  ?     ? ? 
hydrog26 hydrog ? ? A G   13 O6 ? ? ? 1_555 B C   12 N4 ? ? A G   13  B C   35  1_555 ? ? ? ? ? ? WATSON-CRICK  ?     ? ? 
hydrog27 hydrog ? ? A G   14 N1 ? ? ? 1_555 B C   11 N3 ? ? A G   14  B C   34  1_555 ? ? ? ? ? ? WATSON-CRICK  ?     ? ? 
hydrog28 hydrog ? ? A G   14 N2 ? ? ? 1_555 B C   11 O2 ? ? A G   14  B C   34  1_555 ? ? ? ? ? ? WATSON-CRICK  ?     ? ? 
hydrog29 hydrog ? ? A G   14 O6 ? ? ? 1_555 B C   11 N4 ? ? A G   14  B C   34  1_555 ? ? ? ? ? ? WATSON-CRICK  ?     ? ? 
hydrog30 hydrog ? ? A A   15 N1 ? ? ? 1_555 B U   10 N3 ? ? A A   15  B U   33  1_555 ? ? ? ? ? ? WATSON-CRICK  ?     ? ? 
hydrog31 hydrog ? ? A A   15 N6 ? ? ? 1_555 B U   10 O4 ? ? A A   15  B U   33  1_555 ? ? ? ? ? ? WATSON-CRICK  ?     ? ? 
hydrog32 hydrog ? ? A A   17 N3 ? ? ? 1_555 B C   9  N4 ? ? A A   17  B C   32  1_555 ? ? ? ? ? ? 'A-C MISPAIR' ?     ? ? 
hydrog33 hydrog ? ? A A   18 N7 ? ? ? 1_555 B G   8  N2 ? ? A A   18  B G   31  1_555 ? ? ? ? ? ? 'A-G MISPAIR' ?     ? ? 
hydrog34 hydrog ? ? A G   19 N1 ? ? ? 1_555 B C   7  N3 ? ? A G   19  B C   30  1_555 ? ? ? ? ? ? WATSON-CRICK  ?     ? ? 
hydrog35 hydrog ? ? A G   19 N2 ? ? ? 1_555 B C   7  O2 ? ? A G   19  B C   30  1_555 ? ? ? ? ? ? WATSON-CRICK  ?     ? ? 
hydrog36 hydrog ? ? A G   19 O6 ? ? ? 1_555 B C   7  N4 ? ? A G   19  B C   30  1_555 ? ? ? ? ? ? WATSON-CRICK  ?     ? ? 
hydrog37 hydrog ? ? A U   20 N3 ? ? ? 1_555 B U   6  O2 ? ? A U   20  B U   29  1_555 ? ? ? ? ? ? TYPE_16_PAIR  ?     ? ? 
hydrog38 hydrog ? ? A U   20 O4 ? ? ? 1_555 B U   6  N3 ? ? A U   20  B U   29  1_555 ? ? ? ? ? ? TYPE_16_PAIR  ?     ? ? 
hydrog39 hydrog ? ? A C   21 N3 ? ? ? 1_555 B G   5  N1 ? ? A C   21  B G   28  1_555 ? ? ? ? ? ? WATSON-CRICK  ?     ? ? 
hydrog40 hydrog ? ? A C   21 N4 ? ? ? 1_555 B G   5  O6 ? ? A C   21  B G   28  1_555 ? ? ? ? ? ? WATSON-CRICK  ?     ? ? 
hydrog41 hydrog ? ? A C   21 O2 ? ? ? 1_555 B G   5  N2 ? ? A C   21  B G   28  1_555 ? ? ? ? ? ? WATSON-CRICK  ?     ? ? 
hydrog42 hydrog ? ? A G   22 N1 ? ? ? 1_555 B C   4  N3 ? ? A G   22  B C   27  1_555 ? ? ? ? ? ? WATSON-CRICK  ?     ? ? 
hydrog43 hydrog ? ? A G   22 N2 ? ? ? 1_555 B C   4  O2 ? ? A G   22  B C   27  1_555 ? ? ? ? ? ? WATSON-CRICK  ?     ? ? 
hydrog44 hydrog ? ? A G   22 O6 ? ? ? 1_555 B C   4  N4 ? ? A G   22  B C   27  1_555 ? ? ? ? ? ? WATSON-CRICK  ?     ? ? 
hydrog45 hydrog ? ? A C   23 N3 ? ? ? 1_555 B G   3  N1 ? ? A C   23  B G   26  1_555 ? ? ? ? ? ? WATSON-CRICK  ?     ? ? 
hydrog46 hydrog ? ? A C   23 N4 ? ? ? 1_555 B G   3  O6 ? ? A C   23  B G   26  1_555 ? ? ? ? ? ? WATSON-CRICK  ?     ? ? 
hydrog47 hydrog ? ? A C   23 O2 ? ? ? 1_555 B G   3  N2 ? ? A C   23  B G   26  1_555 ? ? ? ? ? ? WATSON-CRICK  ?     ? ? 
# 
loop_
_struct_conn_type.id 
_struct_conn_type.criteria 
_struct_conn_type.reference 
metalc ? ? 
hydrog ? ? 
# 
loop_
_pdbx_struct_conn_angle.id 
_pdbx_struct_conn_angle.ptnr1_label_atom_id 
_pdbx_struct_conn_angle.ptnr1_label_alt_id 
_pdbx_struct_conn_angle.ptnr1_label_asym_id 
_pdbx_struct_conn_angle.ptnr1_label_comp_id 
_pdbx_struct_conn_angle.ptnr1_label_seq_id 
_pdbx_struct_conn_angle.ptnr1_auth_atom_id 
_pdbx_struct_conn_angle.ptnr1_auth_asym_id 
_pdbx_struct_conn_angle.ptnr1_auth_comp_id 
_pdbx_struct_conn_angle.ptnr1_auth_seq_id 
_pdbx_struct_conn_angle.ptnr1_PDB_ins_code 
_pdbx_struct_conn_angle.ptnr1_symmetry 
_pdbx_struct_conn_angle.ptnr2_label_atom_id 
_pdbx_struct_conn_angle.ptnr2_label_alt_id 
_pdbx_struct_conn_angle.ptnr2_label_asym_id 
_pdbx_struct_conn_angle.ptnr2_label_comp_id 
_pdbx_struct_conn_angle.ptnr2_label_seq_id 
_pdbx_struct_conn_angle.ptnr2_auth_atom_id 
_pdbx_struct_conn_angle.ptnr2_auth_asym_id 
_pdbx_struct_conn_angle.ptnr2_auth_comp_id 
_pdbx_struct_conn_angle.ptnr2_auth_seq_id 
_pdbx_struct_conn_angle.ptnr2_PDB_ins_code 
_pdbx_struct_conn_angle.ptnr2_symmetry 
_pdbx_struct_conn_angle.ptnr3_label_atom_id 
_pdbx_struct_conn_angle.ptnr3_label_alt_id 
_pdbx_struct_conn_angle.ptnr3_label_asym_id 
_pdbx_struct_conn_angle.ptnr3_label_comp_id 
_pdbx_struct_conn_angle.ptnr3_label_seq_id 
_pdbx_struct_conn_angle.ptnr3_auth_atom_id 
_pdbx_struct_conn_angle.ptnr3_auth_asym_id 
_pdbx_struct_conn_angle.ptnr3_auth_comp_id 
_pdbx_struct_conn_angle.ptnr3_auth_seq_id 
_pdbx_struct_conn_angle.ptnr3_PDB_ins_code 
_pdbx_struct_conn_angle.ptnr3_symmetry 
_pdbx_struct_conn_angle.value 
_pdbx_struct_conn_angle.value_esd 
1  O ? H HOH . ? A HOH 359 ? 1_555 MG ? C MG . ? A MG 202 ? 1_555 O ? H HOH . ? A HOH 360 ? 1_555 90.8  ? 
2  O ? H HOH . ? A HOH 359 ? 1_555 MG ? C MG . ? A MG 202 ? 1_555 O ? H HOH . ? A HOH 363 ? 1_555 89.3  ? 
3  O ? H HOH . ? A HOH 360 ? 1_555 MG ? C MG . ? A MG 202 ? 1_555 O ? H HOH . ? A HOH 363 ? 1_555 90.3  ? 
4  O ? H HOH . ? A HOH 359 ? 1_555 MG ? C MG . ? A MG 202 ? 1_555 O ? I HOH . ? B HOH 358 ? 1_555 179.7 ? 
5  O ? H HOH . ? A HOH 360 ? 1_555 MG ? C MG . ? A MG 202 ? 1_555 O ? I HOH . ? B HOH 358 ? 1_555 89.4  ? 
6  O ? H HOH . ? A HOH 363 ? 1_555 MG ? C MG . ? A MG 202 ? 1_555 O ? I HOH . ? B HOH 358 ? 1_555 91.0  ? 
7  O ? H HOH . ? A HOH 359 ? 1_555 MG ? C MG . ? A MG 202 ? 1_555 O ? I HOH . ? B HOH 361 ? 1_555 89.4  ? 
8  O ? H HOH . ? A HOH 360 ? 1_555 MG ? C MG . ? A MG 202 ? 1_555 O ? I HOH . ? B HOH 361 ? 1_555 179.8 ? 
9  O ? H HOH . ? A HOH 363 ? 1_555 MG ? C MG . ? A MG 202 ? 1_555 O ? I HOH . ? B HOH 361 ? 1_555 89.6  ? 
10 O ? I HOH . ? B HOH 358 ? 1_555 MG ? C MG . ? A MG 202 ? 1_555 O ? I HOH . ? B HOH 361 ? 1_555 90.4  ? 
11 O ? H HOH . ? A HOH 359 ? 1_555 MG ? C MG . ? A MG 202 ? 1_555 O ? I HOH . ? B HOH 362 ? 1_555 90.4  ? 
12 O ? H HOH . ? A HOH 360 ? 1_555 MG ? C MG . ? A MG 202 ? 1_555 O ? I HOH . ? B HOH 362 ? 1_555 89.9  ? 
13 O ? H HOH . ? A HOH 363 ? 1_555 MG ? C MG . ? A MG 202 ? 1_555 O ? I HOH . ? B HOH 362 ? 1_555 179.7 ? 
14 O ? I HOH . ? B HOH 358 ? 1_555 MG ? C MG . ? A MG 202 ? 1_555 O ? I HOH . ? B HOH 362 ? 1_555 89.3  ? 
15 O ? I HOH . ? B HOH 361 ? 1_555 MG ? C MG . ? A MG 202 ? 1_555 O ? I HOH . ? B HOH 362 ? 1_555 90.2  ? 
16 O ? H HOH . ? A HOH 356 ? 1_555 MG ? F MG . ? B MG 201 ? 1_555 O ? I HOH . ? B HOH 352 ? 1_555 90.0  ? 
17 O ? H HOH . ? A HOH 356 ? 1_555 MG ? F MG . ? B MG 201 ? 1_555 O ? I HOH . ? B HOH 353 ? 1_555 90.2  ? 
18 O ? I HOH . ? B HOH 352 ? 1_555 MG ? F MG . ? B MG 201 ? 1_555 O ? I HOH . ? B HOH 353 ? 1_555 179.7 ? 
19 O ? H HOH . ? A HOH 356 ? 1_555 MG ? F MG . ? B MG 201 ? 1_555 O ? I HOH . ? B HOH 354 ? 1_555 89.8  ? 
20 O ? I HOH . ? B HOH 352 ? 1_555 MG ? F MG . ? B MG 201 ? 1_555 O ? I HOH . ? B HOH 354 ? 1_555 90.0  ? 
21 O ? I HOH . ? B HOH 353 ? 1_555 MG ? F MG . ? B MG 201 ? 1_555 O ? I HOH . ? B HOH 354 ? 1_555 90.3  ? 
22 O ? H HOH . ? A HOH 356 ? 1_555 MG ? F MG . ? B MG 201 ? 1_555 O ? I HOH . ? B HOH 355 ? 1_555 89.9  ? 
23 O ? I HOH . ? B HOH 352 ? 1_555 MG ? F MG . ? B MG 201 ? 1_555 O ? I HOH . ? B HOH 355 ? 1_555 89.8  ? 
24 O ? I HOH . ? B HOH 353 ? 1_555 MG ? F MG . ? B MG 201 ? 1_555 O ? I HOH . ? B HOH 355 ? 1_555 90.0  ? 
25 O ? I HOH . ? B HOH 354 ? 1_555 MG ? F MG . ? B MG 201 ? 1_555 O ? I HOH . ? B HOH 355 ? 1_555 179.6 ? 
26 O ? H HOH . ? A HOH 356 ? 1_555 MG ? F MG . ? B MG 201 ? 1_555 O ? I HOH . ? B HOH 357 ? 1_555 179.8 ? 
27 O ? I HOH . ? B HOH 352 ? 1_555 MG ? F MG . ? B MG 201 ? 1_555 O ? I HOH . ? B HOH 357 ? 1_555 90.0  ? 
28 O ? I HOH . ? B HOH 353 ? 1_555 MG ? F MG . ? B MG 201 ? 1_555 O ? I HOH . ? B HOH 357 ? 1_555 89.8  ? 
29 O ? I HOH . ? B HOH 354 ? 1_555 MG ? F MG . ? B MG 201 ? 1_555 O ? I HOH . ? B HOH 357 ? 1_555 90.0  ? 
30 O ? I HOH . ? B HOH 355 ? 1_555 MG ? F MG . ? B MG 201 ? 1_555 O ? I HOH . ? B HOH 357 ? 1_555 90.3  ? 
# 
loop_
_struct_site.id 
_struct_site.pdbx_evidence_code 
_struct_site.pdbx_auth_asym_id 
_struct_site.pdbx_auth_comp_id 
_struct_site.pdbx_auth_seq_id 
_struct_site.pdbx_auth_ins_code 
_struct_site.pdbx_num_residues 
_struct_site.details 
AC1 Software B MG  201 ? 6 'BINDING SITE FOR RESIDUE MG B 201'  
AC2 Software A MG  202 ? 6 'BINDING SITE FOR RESIDUE MG A 202'  
AC3 Software A NCO 101 ? 6 'BINDING SITE FOR RESIDUE NCO A 101' 
AC4 Software B NCO 102 ? 5 'BINDING SITE FOR RESIDUE NCO B 102' 
AC5 Software A NCO 103 ? 3 'BINDING SITE FOR RESIDUE NCO A 103' 
# 
loop_
_struct_site_gen.id 
_struct_site_gen.site_id 
_struct_site_gen.pdbx_num_res 
_struct_site_gen.label_comp_id 
_struct_site_gen.label_asym_id 
_struct_site_gen.label_seq_id 
_struct_site_gen.pdbx_auth_ins_code 
_struct_site_gen.auth_comp_id 
_struct_site_gen.auth_asym_id 
_struct_site_gen.auth_seq_id 
_struct_site_gen.label_atom_id 
_struct_site_gen.label_alt_id 
_struct_site_gen.symmetry 
_struct_site_gen.details 
1  AC1 6 HOH H .  ? HOH A 356 . ? 1_555 ? 
2  AC1 6 HOH I .  ? HOH B 352 . ? 1_555 ? 
3  AC1 6 HOH I .  ? HOH B 353 . ? 1_555 ? 
4  AC1 6 HOH I .  ? HOH B 354 . ? 1_555 ? 
5  AC1 6 HOH I .  ? HOH B 355 . ? 1_555 ? 
6  AC1 6 HOH I .  ? HOH B 357 . ? 1_555 ? 
7  AC2 6 HOH H .  ? HOH A 359 . ? 1_555 ? 
8  AC2 6 HOH H .  ? HOH A 360 . ? 1_555 ? 
9  AC2 6 HOH H .  ? HOH A 363 . ? 1_555 ? 
10 AC2 6 HOH I .  ? HOH B 358 . ? 1_555 ? 
11 AC2 6 HOH I .  ? HOH B 361 . ? 1_555 ? 
12 AC2 6 HOH I .  ? HOH B 362 . ? 1_555 ? 
13 AC3 6 C   A 12 ? C   A 12  . ? 1_555 ? 
14 AC3 6 G   A 13 ? G   A 13  . ? 1_555 ? 
15 AC3 6 G   A 14 ? G   A 14  . ? 1_555 ? 
16 AC3 6 HOH H .  ? HOH A 323 . ? 1_555 ? 
17 AC3 6 HOH H .  ? HOH A 332 . ? 1_555 ? 
18 AC3 6 HOH I .  ? HOH B 329 . ? 1_555 ? 
19 AC4 5 C   B 12 ? C   B 35  . ? 1_555 ? 
20 AC4 5 G   B 13 ? G   B 36  . ? 1_555 ? 
21 AC4 5 G   B 14 ? G   B 37  . ? 1_555 ? 
22 AC4 5 HOH I .  ? HOH B 325 . ? 1_555 ? 
23 AC4 5 HOH I .  ? HOH B 341 . ? 1_555 ? 
24 AC5 3 G   A 19 ? G   A 19  . ? 1_555 ? 
25 AC5 3 HOH H .  ? HOH A 335 . ? 1_555 ? 
26 AC5 3 U   B 6  ? U   B 29  . ? 1_555 ? 
# 
_pdbx_validate_planes.id              1 
_pdbx_validate_planes.PDB_model_num   1 
_pdbx_validate_planes.auth_comp_id    A 
_pdbx_validate_planes.auth_asym_id    A 
_pdbx_validate_planes.auth_seq_id     16 
_pdbx_validate_planes.PDB_ins_code    ? 
_pdbx_validate_planes.label_alt_id    ? 
_pdbx_validate_planes.rmsd            0.052 
_pdbx_validate_planes.type            'SIDE CHAIN' 
# 
_pdbx_struct_special_symmetry.id              1 
_pdbx_struct_special_symmetry.PDB_model_num   1 
_pdbx_struct_special_symmetry.auth_asym_id    B 
_pdbx_struct_special_symmetry.auth_comp_id    HOH 
_pdbx_struct_special_symmetry.auth_seq_id     347 
_pdbx_struct_special_symmetry.PDB_ins_code    ? 
_pdbx_struct_special_symmetry.label_asym_id   I 
_pdbx_struct_special_symmetry.label_comp_id   HOH 
_pdbx_struct_special_symmetry.label_seq_id    . 
# 
loop_
_pdbx_unobs_or_zero_occ_residues.id 
_pdbx_unobs_or_zero_occ_residues.PDB_model_num 
_pdbx_unobs_or_zero_occ_residues.polymer_flag 
_pdbx_unobs_or_zero_occ_residues.occupancy_flag 
_pdbx_unobs_or_zero_occ_residues.auth_asym_id 
_pdbx_unobs_or_zero_occ_residues.auth_comp_id 
_pdbx_unobs_or_zero_occ_residues.auth_seq_id 
_pdbx_unobs_or_zero_occ_residues.PDB_ins_code 
_pdbx_unobs_or_zero_occ_residues.label_asym_id 
_pdbx_unobs_or_zero_occ_residues.label_comp_id 
_pdbx_unobs_or_zero_occ_residues.label_seq_id 
1 1 Y 1 A U 1  ? A U 1 
2 1 Y 1 B U 24 ? B U 1 
3 1 Y 1 B U 25 ? B U 2 
# 
loop_
_chem_comp_atom.comp_id 
_chem_comp_atom.atom_id 
_chem_comp_atom.type_symbol 
_chem_comp_atom.pdbx_aromatic_flag 
_chem_comp_atom.pdbx_stereo_config 
_chem_comp_atom.pdbx_ordinal 
A   OP3    O  N N 1   
A   P      P  N N 2   
A   OP1    O  N N 3   
A   OP2    O  N N 4   
A   "O5'"  O  N N 5   
A   "C5'"  C  N N 6   
A   "C4'"  C  N R 7   
A   "O4'"  O  N N 8   
A   "C3'"  C  N S 9   
A   "O3'"  O  N N 10  
A   "C2'"  C  N R 11  
A   "O2'"  O  N N 12  
A   "C1'"  C  N R 13  
A   N9     N  Y N 14  
A   C8     C  Y N 15  
A   N7     N  Y N 16  
A   C5     C  Y N 17  
A   C6     C  Y N 18  
A   N6     N  N N 19  
A   N1     N  Y N 20  
A   C2     C  Y N 21  
A   N3     N  Y N 22  
A   C4     C  Y N 23  
A   HOP3   H  N N 24  
A   HOP2   H  N N 25  
A   "H5'"  H  N N 26  
A   "H5''" H  N N 27  
A   "H4'"  H  N N 28  
A   "H3'"  H  N N 29  
A   "HO3'" H  N N 30  
A   "H2'"  H  N N 31  
A   "HO2'" H  N N 32  
A   "H1'"  H  N N 33  
A   H8     H  N N 34  
A   H61    H  N N 35  
A   H62    H  N N 36  
A   H2     H  N N 37  
C   OP3    O  N N 38  
C   P      P  N N 39  
C   OP1    O  N N 40  
C   OP2    O  N N 41  
C   "O5'"  O  N N 42  
C   "C5'"  C  N N 43  
C   "C4'"  C  N R 44  
C   "O4'"  O  N N 45  
C   "C3'"  C  N S 46  
C   "O3'"  O  N N 47  
C   "C2'"  C  N R 48  
C   "O2'"  O  N N 49  
C   "C1'"  C  N R 50  
C   N1     N  N N 51  
C   C2     C  N N 52  
C   O2     O  N N 53  
C   N3     N  N N 54  
C   C4     C  N N 55  
C   N4     N  N N 56  
C   C5     C  N N 57  
C   C6     C  N N 58  
C   HOP3   H  N N 59  
C   HOP2   H  N N 60  
C   "H5'"  H  N N 61  
C   "H5''" H  N N 62  
C   "H4'"  H  N N 63  
C   "H3'"  H  N N 64  
C   "HO3'" H  N N 65  
C   "H2'"  H  N N 66  
C   "HO2'" H  N N 67  
C   "H1'"  H  N N 68  
C   H41    H  N N 69  
C   H42    H  N N 70  
C   H5     H  N N 71  
C   H6     H  N N 72  
G   OP3    O  N N 73  
G   P      P  N N 74  
G   OP1    O  N N 75  
G   OP2    O  N N 76  
G   "O5'"  O  N N 77  
G   "C5'"  C  N N 78  
G   "C4'"  C  N R 79  
G   "O4'"  O  N N 80  
G   "C3'"  C  N S 81  
G   "O3'"  O  N N 82  
G   "C2'"  C  N R 83  
G   "O2'"  O  N N 84  
G   "C1'"  C  N R 85  
G   N9     N  Y N 86  
G   C8     C  Y N 87  
G   N7     N  Y N 88  
G   C5     C  Y N 89  
G   C6     C  N N 90  
G   O6     O  N N 91  
G   N1     N  N N 92  
G   C2     C  N N 93  
G   N2     N  N N 94  
G   N3     N  N N 95  
G   C4     C  Y N 96  
G   HOP3   H  N N 97  
G   HOP2   H  N N 98  
G   "H5'"  H  N N 99  
G   "H5''" H  N N 100 
G   "H4'"  H  N N 101 
G   "H3'"  H  N N 102 
G   "HO3'" H  N N 103 
G   "H2'"  H  N N 104 
G   "HO2'" H  N N 105 
G   "H1'"  H  N N 106 
G   H8     H  N N 107 
G   H1     H  N N 108 
G   H21    H  N N 109 
G   H22    H  N N 110 
HOH O      O  N N 111 
HOH H1     H  N N 112 
HOH H2     H  N N 113 
MG  MG     MG N N 114 
NCO CO     CO N N 115 
NCO N1     N  N N 116 
NCO N2     N  N N 117 
NCO N3     N  N N 118 
NCO N4     N  N N 119 
NCO N5     N  N N 120 
NCO N6     N  N N 121 
NCO HN11   H  N N 122 
NCO HN12   H  N N 123 
NCO HN13   H  N N 124 
NCO HN21   H  N N 125 
NCO HN22   H  N N 126 
NCO HN23   H  N N 127 
NCO HN31   H  N N 128 
NCO HN32   H  N N 129 
NCO HN33   H  N N 130 
NCO HN41   H  N N 131 
NCO HN42   H  N N 132 
NCO HN43   H  N N 133 
NCO HN51   H  N N 134 
NCO HN52   H  N N 135 
NCO HN53   H  N N 136 
NCO HN61   H  N N 137 
NCO HN62   H  N N 138 
NCO HN63   H  N N 139 
U   OP3    O  N N 140 
U   P      P  N N 141 
U   OP1    O  N N 142 
U   OP2    O  N N 143 
U   "O5'"  O  N N 144 
U   "C5'"  C  N N 145 
U   "C4'"  C  N R 146 
U   "O4'"  O  N N 147 
U   "C3'"  C  N S 148 
U   "O3'"  O  N N 149 
U   "C2'"  C  N R 150 
U   "O2'"  O  N N 151 
U   "C1'"  C  N R 152 
U   N1     N  N N 153 
U   C2     C  N N 154 
U   O2     O  N N 155 
U   N3     N  N N 156 
U   C4     C  N N 157 
U   O4     O  N N 158 
U   C5     C  N N 159 
U   C6     C  N N 160 
U   HOP3   H  N N 161 
U   HOP2   H  N N 162 
U   "H5'"  H  N N 163 
U   "H5''" H  N N 164 
U   "H4'"  H  N N 165 
U   "H3'"  H  N N 166 
U   "HO3'" H  N N 167 
U   "H2'"  H  N N 168 
U   "HO2'" H  N N 169 
U   "H1'"  H  N N 170 
U   H3     H  N N 171 
U   H5     H  N N 172 
U   H6     H  N N 173 
# 
loop_
_chem_comp_bond.comp_id 
_chem_comp_bond.atom_id_1 
_chem_comp_bond.atom_id_2 
_chem_comp_bond.value_order 
_chem_comp_bond.pdbx_aromatic_flag 
_chem_comp_bond.pdbx_stereo_config 
_chem_comp_bond.pdbx_ordinal 
A   OP3   P      sing N N 1   
A   OP3   HOP3   sing N N 2   
A   P     OP1    doub N N 3   
A   P     OP2    sing N N 4   
A   P     "O5'"  sing N N 5   
A   OP2   HOP2   sing N N 6   
A   "O5'" "C5'"  sing N N 7   
A   "C5'" "C4'"  sing N N 8   
A   "C5'" "H5'"  sing N N 9   
A   "C5'" "H5''" sing N N 10  
A   "C4'" "O4'"  sing N N 11  
A   "C4'" "C3'"  sing N N 12  
A   "C4'" "H4'"  sing N N 13  
A   "O4'" "C1'"  sing N N 14  
A   "C3'" "O3'"  sing N N 15  
A   "C3'" "C2'"  sing N N 16  
A   "C3'" "H3'"  sing N N 17  
A   "O3'" "HO3'" sing N N 18  
A   "C2'" "O2'"  sing N N 19  
A   "C2'" "C1'"  sing N N 20  
A   "C2'" "H2'"  sing N N 21  
A   "O2'" "HO2'" sing N N 22  
A   "C1'" N9     sing N N 23  
A   "C1'" "H1'"  sing N N 24  
A   N9    C8     sing Y N 25  
A   N9    C4     sing Y N 26  
A   C8    N7     doub Y N 27  
A   C8    H8     sing N N 28  
A   N7    C5     sing Y N 29  
A   C5    C6     sing Y N 30  
A   C5    C4     doub Y N 31  
A   C6    N6     sing N N 32  
A   C6    N1     doub Y N 33  
A   N6    H61    sing N N 34  
A   N6    H62    sing N N 35  
A   N1    C2     sing Y N 36  
A   C2    N3     doub Y N 37  
A   C2    H2     sing N N 38  
A   N3    C4     sing Y N 39  
C   OP3   P      sing N N 40  
C   OP3   HOP3   sing N N 41  
C   P     OP1    doub N N 42  
C   P     OP2    sing N N 43  
C   P     "O5'"  sing N N 44  
C   OP2   HOP2   sing N N 45  
C   "O5'" "C5'"  sing N N 46  
C   "C5'" "C4'"  sing N N 47  
C   "C5'" "H5'"  sing N N 48  
C   "C5'" "H5''" sing N N 49  
C   "C4'" "O4'"  sing N N 50  
C   "C4'" "C3'"  sing N N 51  
C   "C4'" "H4'"  sing N N 52  
C   "O4'" "C1'"  sing N N 53  
C   "C3'" "O3'"  sing N N 54  
C   "C3'" "C2'"  sing N N 55  
C   "C3'" "H3'"  sing N N 56  
C   "O3'" "HO3'" sing N N 57  
C   "C2'" "O2'"  sing N N 58  
C   "C2'" "C1'"  sing N N 59  
C   "C2'" "H2'"  sing N N 60  
C   "O2'" "HO2'" sing N N 61  
C   "C1'" N1     sing N N 62  
C   "C1'" "H1'"  sing N N 63  
C   N1    C2     sing N N 64  
C   N1    C6     sing N N 65  
C   C2    O2     doub N N 66  
C   C2    N3     sing N N 67  
C   N3    C4     doub N N 68  
C   C4    N4     sing N N 69  
C   C4    C5     sing N N 70  
C   N4    H41    sing N N 71  
C   N4    H42    sing N N 72  
C   C5    C6     doub N N 73  
C   C5    H5     sing N N 74  
C   C6    H6     sing N N 75  
G   OP3   P      sing N N 76  
G   OP3   HOP3   sing N N 77  
G   P     OP1    doub N N 78  
G   P     OP2    sing N N 79  
G   P     "O5'"  sing N N 80  
G   OP2   HOP2   sing N N 81  
G   "O5'" "C5'"  sing N N 82  
G   "C5'" "C4'"  sing N N 83  
G   "C5'" "H5'"  sing N N 84  
G   "C5'" "H5''" sing N N 85  
G   "C4'" "O4'"  sing N N 86  
G   "C4'" "C3'"  sing N N 87  
G   "C4'" "H4'"  sing N N 88  
G   "O4'" "C1'"  sing N N 89  
G   "C3'" "O3'"  sing N N 90  
G   "C3'" "C2'"  sing N N 91  
G   "C3'" "H3'"  sing N N 92  
G   "O3'" "HO3'" sing N N 93  
G   "C2'" "O2'"  sing N N 94  
G   "C2'" "C1'"  sing N N 95  
G   "C2'" "H2'"  sing N N 96  
G   "O2'" "HO2'" sing N N 97  
G   "C1'" N9     sing N N 98  
G   "C1'" "H1'"  sing N N 99  
G   N9    C8     sing Y N 100 
G   N9    C4     sing Y N 101 
G   C8    N7     doub Y N 102 
G   C8    H8     sing N N 103 
G   N7    C5     sing Y N 104 
G   C5    C6     sing N N 105 
G   C5    C4     doub Y N 106 
G   C6    O6     doub N N 107 
G   C6    N1     sing N N 108 
G   N1    C2     sing N N 109 
G   N1    H1     sing N N 110 
G   C2    N2     sing N N 111 
G   C2    N3     doub N N 112 
G   N2    H21    sing N N 113 
G   N2    H22    sing N N 114 
G   N3    C4     sing N N 115 
HOH O     H1     sing N N 116 
HOH O     H2     sing N N 117 
NCO CO    N1     sing N N 118 
NCO CO    N2     sing N N 119 
NCO CO    N3     sing N N 120 
NCO CO    N4     sing N N 121 
NCO CO    N5     sing N N 122 
NCO CO    N6     sing N N 123 
NCO N1    HN11   sing N N 124 
NCO N1    HN12   sing N N 125 
NCO N1    HN13   sing N N 126 
NCO N2    HN21   sing N N 127 
NCO N2    HN22   sing N N 128 
NCO N2    HN23   sing N N 129 
NCO N3    HN31   sing N N 130 
NCO N3    HN32   sing N N 131 
NCO N3    HN33   sing N N 132 
NCO N4    HN41   sing N N 133 
NCO N4    HN42   sing N N 134 
NCO N4    HN43   sing N N 135 
NCO N5    HN51   sing N N 136 
NCO N5    HN52   sing N N 137 
NCO N5    HN53   sing N N 138 
NCO N6    HN61   sing N N 139 
NCO N6    HN62   sing N N 140 
NCO N6    HN63   sing N N 141 
U   OP3   P      sing N N 142 
U   OP3   HOP3   sing N N 143 
U   P     OP1    doub N N 144 
U   P     OP2    sing N N 145 
U   P     "O5'"  sing N N 146 
U   OP2   HOP2   sing N N 147 
U   "O5'" "C5'"  sing N N 148 
U   "C5'" "C4'"  sing N N 149 
U   "C5'" "H5'"  sing N N 150 
U   "C5'" "H5''" sing N N 151 
U   "C4'" "O4'"  sing N N 152 
U   "C4'" "C3'"  sing N N 153 
U   "C4'" "H4'"  sing N N 154 
U   "O4'" "C1'"  sing N N 155 
U   "C3'" "O3'"  sing N N 156 
U   "C3'" "C2'"  sing N N 157 
U   "C3'" "H3'"  sing N N 158 
U   "O3'" "HO3'" sing N N 159 
U   "C2'" "O2'"  sing N N 160 
U   "C2'" "C1'"  sing N N 161 
U   "C2'" "H2'"  sing N N 162 
U   "O2'" "HO2'" sing N N 163 
U   "C1'" N1     sing N N 164 
U   "C1'" "H1'"  sing N N 165 
U   N1    C2     sing N N 166 
U   N1    C6     sing N N 167 
U   C2    O2     doub N N 168 
U   C2    N3     sing N N 169 
U   N3    C4     sing N N 170 
U   N3    H3     sing N N 171 
U   C4    O4     doub N N 172 
U   C4    C5     sing N N 173 
U   C5    C6     doub N N 174 
U   C5    H5     sing N N 175 
U   C6    H6     sing N N 176 
# 
loop_
_ndb_struct_conf_na.entry_id 
_ndb_struct_conf_na.feature 
2FQN 'bulge loop'           
2FQN 'mismatched base pair' 
2FQN 'internal loop'        
# 
_atom_sites.entry_id                    2FQN 
_atom_sites.fract_transf_matrix[1][1]   -0.02016457 
_atom_sites.fract_transf_matrix[1][2]   0.00103808 
_atom_sites.fract_transf_matrix[1][3]   0.00799358 
_atom_sites.fract_transf_matrix[2][1]   0.00185737 
_atom_sites.fract_transf_matrix[2][2]   0.02092679 
_atom_sites.fract_transf_matrix[2][3]   0.00196774 
_atom_sites.fract_transf_matrix[3][1]   -0.00635304 
_atom_sites.fract_transf_matrix[3][2]   0.00209640 
_atom_sites.fract_transf_matrix[3][3]   -0.01629840 
_atom_sites.fract_transf_vector[1]      0.295835 
_atom_sites.fract_transf_vector[2]      -0.152968 
_atom_sites.fract_transf_vector[3]      1.120563 
# 
loop_
_atom_type.symbol 
C  
CO 
MG 
N  
O  
P  
# 
loop_
_atom_site.group_PDB 
_atom_site.id 
_atom_site.type_symbol 
_atom_site.label_atom_id 
_atom_site.label_alt_id 
_atom_site.label_comp_id 
_atom_site.label_asym_id 
_atom_site.label_entity_id 
_atom_site.label_seq_id 
_atom_site.pdbx_PDB_ins_code 
_atom_site.Cartn_x 
_atom_site.Cartn_y 
_atom_site.Cartn_z 
_atom_site.occupancy 
_atom_site.B_iso_or_equiv 
_atom_site.pdbx_formal_charge 
_atom_site.auth_seq_id 
_atom_site.auth_comp_id 
_atom_site.auth_asym_id 
_atom_site.auth_atom_id 
_atom_site.pdbx_PDB_model_num 
ATOM   1    P  P     . U   A 1 2  ? 7.111   -15.541 20.003  1.00 74.93 ? 2   U   A P     1 
ATOM   2    O  OP1   . U   A 1 2  ? 8.452   -15.801 19.333  1.00 74.74 ? 2   U   A OP1   1 
ATOM   3    O  OP2   . U   A 1 2  ? 6.713   -16.638 20.988  1.00 73.38 ? 2   U   A OP2   1 
ATOM   4    O  "O5'" . U   A 1 2  ? 7.319   -14.191 20.892  1.00 70.98 ? 2   U   A "O5'" 1 
ATOM   5    C  "C5'" . U   A 1 2  ? 6.243   -13.648 21.679  1.00 67.24 ? 2   U   A "C5'" 1 
ATOM   6    C  "C4'" . U   A 1 2  ? 6.744   -12.482 22.483  1.00 64.39 ? 2   U   A "C4'" 1 
ATOM   7    O  "O4'" . U   A 1 2  ? 7.734   -12.958 23.417  1.00 63.69 ? 2   U   A "O4'" 1 
ATOM   8    C  "C3'" . U   A 1 2  ? 7.453   -11.432 21.648  1.00 63.36 ? 2   U   A "C3'" 1 
ATOM   9    O  "O3'" . U   A 1 2  ? 6.505   -10.435 21.282  1.00 61.38 ? 2   U   A "O3'" 1 
ATOM   10   C  "C2'" . U   A 1 2  ? 8.470   -10.823 22.616  1.00 63.55 ? 2   U   A "C2'" 1 
ATOM   11   O  "O2'" . U   A 1 2  ? 7.974   -9.684  23.290  1.00 65.94 ? 2   U   A "O2'" 1 
ATOM   12   C  "C1'" . U   A 1 2  ? 8.685   -11.945 23.635  1.00 62.87 ? 2   U   A "C1'" 1 
ATOM   13   N  N1    . U   A 1 2  ? 10.019  -12.553 23.742  1.00 61.76 ? 2   U   A N1    1 
ATOM   14   C  C2    . U   A 1 2  ? 11.118  -11.718 23.773  1.00 61.97 ? 2   U   A C2    1 
ATOM   15   O  O2    . U   A 1 2  ? 11.038  -10.508 23.643  1.00 63.79 ? 2   U   A O2    1 
ATOM   16   N  N3    . U   A 1 2  ? 12.319  -12.353 23.962  1.00 60.98 ? 2   U   A N3    1 
ATOM   17   C  C4    . U   A 1 2  ? 12.528  -13.704 24.109  1.00 59.82 ? 2   U   A C4    1 
ATOM   18   O  O4    . U   A 1 2  ? 13.663  -14.118 24.337  1.00 59.67 ? 2   U   A O4    1 
ATOM   19   C  C5    . U   A 1 2  ? 11.348  -14.499 24.028  1.00 60.29 ? 2   U   A C5    1 
ATOM   20   C  C6    . U   A 1 2  ? 10.164  -13.912 23.848  1.00 60.36 ? 2   U   A C6    1 
ATOM   21   P  P     . G   A 1 3  ? 5.807   -10.462 19.833  1.00 61.16 ? 3   G   A P     1 
ATOM   22   O  OP1   . G   A 1 3  ? 5.293   -11.832 19.579  1.00 60.76 ? 3   G   A OP1   1 
ATOM   23   O  OP2   . G   A 1 3  ? 6.706   -9.818  18.838  1.00 60.32 ? 3   G   A OP2   1 
ATOM   24   O  "O5'" . G   A 1 3  ? 4.543   -9.515  20.034  1.00 59.63 ? 3   G   A "O5'" 1 
ATOM   25   C  "C5'" . G   A 1 3  ? 3.453   -9.932  20.842  1.00 56.04 ? 3   G   A "C5'" 1 
ATOM   26   C  "C4'" . G   A 1 3  ? 3.041   -8.827  21.785  1.00 55.23 ? 3   G   A "C4'" 1 
ATOM   27   O  "O4'" . G   A 1 3  ? 4.082   -8.585  22.766  1.00 54.51 ? 3   G   A "O4'" 1 
ATOM   28   C  "C3'" . G   A 1 3  ? 2.823   -7.460  21.168  1.00 54.51 ? 3   G   A "C3'" 1 
ATOM   29   O  "O3'" . G   A 1 3  ? 1.551   -7.375  20.546  1.00 53.19 ? 3   G   A "O3'" 1 
ATOM   30   C  "C2'" . G   A 1 3  ? 2.903   -6.560  22.391  1.00 53.72 ? 3   G   A "C2'" 1 
ATOM   31   O  "O2'" . G   A 1 3  ? 1.700   -6.619  23.131  1.00 52.24 ? 3   G   A "O2'" 1 
ATOM   32   C  "C1'" . G   A 1 3  ? 4.031   -7.229  23.182  1.00 54.13 ? 3   G   A "C1'" 1 
ATOM   33   N  N9    . G   A 1 3  ? 5.350   -6.637  22.965  1.00 55.14 ? 3   G   A N9    1 
ATOM   34   C  C8    . G   A 1 3  ? 6.409   -7.200  22.290  1.00 55.12 ? 3   G   A C8    1 
ATOM   35   N  N7    . G   A 1 3  ? 7.467   -6.434  22.263  1.00 54.59 ? 3   G   A N7    1 
ATOM   36   C  C5    . G   A 1 3  ? 7.086   -5.292  22.959  1.00 54.51 ? 3   G   A C5    1 
ATOM   37   C  C6    . G   A 1 3  ? 7.813   -4.102  23.252  1.00 54.33 ? 3   G   A C6    1 
ATOM   38   O  O6    . G   A 1 3  ? 8.974   -3.804  22.939  1.00 53.98 ? 3   G   A O6    1 
ATOM   39   N  N1    . G   A 1 3  ? 7.045   -3.203  23.982  1.00 54.15 ? 3   G   A N1    1 
ATOM   40   C  C2    . G   A 1 3  ? 5.748   -3.410  24.376  1.00 54.02 ? 3   G   A C2    1 
ATOM   41   N  N2    . G   A 1 3  ? 5.177   -2.415  25.066  1.00 53.92 ? 3   G   A N2    1 
ATOM   42   N  N3    . G   A 1 3  ? 5.060   -4.508  24.109  1.00 54.69 ? 3   G   A N3    1 
ATOM   43   C  C4    . G   A 1 3  ? 5.784   -5.401  23.403  1.00 54.95 ? 3   G   A C4    1 
ATOM   44   P  P     . C   A 1 4  ? 1.360   -6.425  19.270  1.00 53.88 ? 4   C   A P     1 
ATOM   45   O  OP1   . C   A 1 4  ? 0.011   -6.698  18.708  1.00 53.58 ? 4   C   A OP1   1 
ATOM   46   O  OP2   . C   A 1 4  ? 2.558   -6.549  18.400  1.00 52.69 ? 4   C   A OP2   1 
ATOM   47   O  "O5'" . C   A 1 4  ? 1.326   -4.965  19.902  1.00 53.45 ? 4   C   A "O5'" 1 
ATOM   48   C  "C5'" . C   A 1 4  ? 0.242   -4.588  20.736  1.00 51.11 ? 4   C   A "C5'" 1 
ATOM   49   C  "C4'" . C   A 1 4  ? 0.524   -3.277  21.413  1.00 48.80 ? 4   C   A "C4'" 1 
ATOM   50   O  "O4'" . C   A 1 4  ? 1.722   -3.394  22.224  1.00 48.22 ? 4   C   A "O4'" 1 
ATOM   51   C  "C3'" . C   A 1 4  ? 0.851   -2.100  20.515  1.00 47.53 ? 4   C   A "C3'" 1 
ATOM   52   O  "O3'" . C   A 1 4  ? -0.313  -1.539  19.923  1.00 45.56 ? 4   C   A "O3'" 1 
ATOM   53   C  "C2'" . C   A 1 4  ? 1.476   -1.151  21.520  1.00 47.19 ? 4   C   A "C2'" 1 
ATOM   54   O  "O2'" . C   A 1 4  ? 0.490   -0.591  22.362  1.00 47.75 ? 4   C   A "O2'" 1 
ATOM   55   C  "C1'" . C   A 1 4  ? 2.336   -2.118  22.333  1.00 47.44 ? 4   C   A "C1'" 1 
ATOM   56   N  N1    . C   A 1 4  ? 3.713   -2.198  21.815  1.00 48.06 ? 4   C   A N1    1 
ATOM   57   C  C2    . C   A 1 4  ? 4.591   -1.167  22.129  1.00 47.36 ? 4   C   A C2    1 
ATOM   58   O  O2    . C   A 1 4  ? 4.180   -0.231  22.817  1.00 47.40 ? 4   C   A O2    1 
ATOM   59   N  N3    . C   A 1 4  ? 5.862   -1.208  21.675  1.00 46.16 ? 4   C   A N3    1 
ATOM   60   C  C4    . C   A 1 4  ? 6.266   -2.224  20.925  1.00 46.77 ? 4   C   A C4    1 
ATOM   61   N  N4    . C   A 1 4  ? 7.536   -2.215  20.507  1.00 46.81 ? 4   C   A N4    1 
ATOM   62   C  C5    . C   A 1 4  ? 5.388   -3.296  20.573  1.00 47.54 ? 4   C   A C5    1 
ATOM   63   C  C6    . C   A 1 4  ? 4.132   -3.244  21.040  1.00 47.89 ? 4   C   A C6    1 
ATOM   64   P  P     . G   A 1 5  ? -0.221  -0.890  18.455  1.00 43.00 ? 5   G   A P     1 
ATOM   65   O  OP1   . G   A 1 5  ? -1.604  -0.842  17.917  1.00 43.31 ? 5   G   A OP1   1 
ATOM   66   O  OP2   . G   A 1 5  ? 0.840   -1.591  17.687  1.00 44.10 ? 5   G   A OP2   1 
ATOM   67   O  "O5'" . G   A 1 5  ? 0.280   0.603   18.713  1.00 42.71 ? 5   G   A "O5'" 1 
ATOM   68   C  "C5'" . G   A 1 5  ? -0.530  1.533   19.428  1.00 42.36 ? 5   G   A "C5'" 1 
ATOM   69   C  "C4'" . G   A 1 5  ? 0.280   2.754   19.799  1.00 41.83 ? 5   G   A "C4'" 1 
ATOM   70   O  "O4'" . G   A 1 5  ? 1.400   2.344   20.633  1.00 43.41 ? 5   G   A "O4'" 1 
ATOM   71   C  "C3'" . G   A 1 5  ? 0.945   3.492   18.648  1.00 41.22 ? 5   G   A "C3'" 1 
ATOM   72   O  "O3'" . G   A 1 5  ? 0.054   4.397   18.013  1.00 39.48 ? 5   G   A "O3'" 1 
ATOM   73   C  "C2'" . G   A 1 5  ? 2.066   4.229   19.363  1.00 42.40 ? 5   G   A "C2'" 1 
ATOM   74   O  "O2'" . G   A 1 5  ? 1.618   5.372   20.062  1.00 42.84 ? 5   G   A "O2'" 1 
ATOM   75   C  "C1'" . G   A 1 5  ? 2.525   3.166   20.358  1.00 42.29 ? 5   G   A "C1'" 1 
ATOM   76   N  N9    . G   A 1 5  ? 3.579   2.334   19.787  1.00 41.24 ? 5   G   A N9    1 
ATOM   77   C  C8    . G   A 1 5  ? 3.498   1.016   19.407  1.00 40.92 ? 5   G   A C8    1 
ATOM   78   N  N7    . G   A 1 5  ? 4.610   0.562   18.894  1.00 40.80 ? 5   G   A N7    1 
ATOM   79   C  C5    . G   A 1 5  ? 5.479   1.644   18.951  1.00 40.35 ? 5   G   A C5    1 
ATOM   80   C  C6    . G   A 1 5  ? 6.829   1.763   18.541  1.00 40.17 ? 5   G   A C6    1 
ATOM   81   O  O6    . G   A 1 5  ? 7.561   0.905   18.043  1.00 41.48 ? 5   G   A O6    1 
ATOM   82   N  N1    . G   A 1 5  ? 7.321   3.043   18.767  1.00 40.98 ? 5   G   A N1    1 
ATOM   83   C  C2    . G   A 1 5  ? 6.611   4.074   19.324  1.00 40.92 ? 5   G   A C2    1 
ATOM   84   N  N2    . G   A 1 5  ? 7.257   5.236   19.453  1.00 42.38 ? 5   G   A N2    1 
ATOM   85   N  N3    . G   A 1 5  ? 5.358   3.973   19.721  1.00 40.45 ? 5   G   A N3    1 
ATOM   86   C  C4    . G   A 1 5  ? 4.857   2.743   19.503  1.00 40.54 ? 5   G   A C4    1 
ATOM   87   P  P     . U   A 1 6  ? 0.253   4.749   16.461  1.00 38.43 ? 6   U   A P     1 
ATOM   88   O  OP1   . U   A 1 6  ? -0.753  5.783   16.100  1.00 37.94 ? 6   U   A OP1   1 
ATOM   89   O  OP2   . U   A 1 6  ? 0.287   3.471   15.709  1.00 36.59 ? 6   U   A OP2   1 
ATOM   90   O  "O5'" . U   A 1 6  ? 1.705   5.404   16.393  1.00 34.81 ? 6   U   A "O5'" 1 
ATOM   91   C  "C5'" . U   A 1 6  ? 1.956   6.682   16.970  1.00 32.20 ? 6   U   A "C5'" 1 
ATOM   92   C  "C4'" . U   A 1 6  ? 3.383   7.123   16.708  1.00 30.75 ? 6   U   A "C4'" 1 
ATOM   93   O  "O4'" . U   A 1 6  ? 4.315   6.180   17.314  1.00 29.13 ? 6   U   A "O4'" 1 
ATOM   94   C  "C3'" . U   A 1 6  ? 3.841   7.187   15.259  1.00 28.86 ? 6   U   A "C3'" 1 
ATOM   95   O  "O3'" . U   A 1 6  ? 3.422   8.390   14.629  1.00 26.16 ? 6   U   A "O3'" 1 
ATOM   96   C  "C2'" . U   A 1 6  ? 5.354   7.150   15.422  1.00 28.02 ? 6   U   A "C2'" 1 
ATOM   97   O  "O2'" . U   A 1 6  ? 5.835   8.390   15.887  1.00 26.10 ? 6   U   A "O2'" 1 
ATOM   98   C  "C1'" . U   A 1 6  ? 5.507   6.129   16.545  1.00 27.15 ? 6   U   A "C1'" 1 
ATOM   99   N  N1    . U   A 1 6  ? 5.701   4.748   16.081  1.00 27.65 ? 6   U   A N1    1 
ATOM   100  C  C2    . U   A 1 6  ? 6.977   4.364   15.720  1.00 26.07 ? 6   U   A C2    1 
ATOM   101  O  O2    . U   A 1 6  ? 7.919   5.132   15.703  1.00 22.54 ? 6   U   A O2    1 
ATOM   102  N  N3    . U   A 1 6  ? 7.106   3.047   15.371  1.00 24.46 ? 6   U   A N3    1 
ATOM   103  C  C4    . U   A 1 6  ? 6.111   2.093   15.323  1.00 27.18 ? 6   U   A C4    1 
ATOM   104  O  O4    . U   A 1 6  ? 6.410   0.916   15.095  1.00 25.08 ? 6   U   A O4    1 
ATOM   105  C  C5    . U   A 1 6  ? 4.809   2.577   15.666  1.00 27.97 ? 6   U   A C5    1 
ATOM   106  C  C6    . U   A 1 6  ? 4.653   3.856   16.027  1.00 27.76 ? 6   U   A C6    1 
ATOM   107  P  P     . C   A 1 7  ? 2.737   8.323   13.180  1.00 25.40 ? 7   C   A P     1 
ATOM   108  O  OP1   . C   A 1 7  ? 1.833   9.495   13.045  1.00 26.38 ? 7   C   A OP1   1 
ATOM   109  O  OP2   . C   A 1 7  ? 2.190   6.950   12.994  1.00 29.96 ? 7   C   A OP2   1 
ATOM   110  O  "O5'" . C   A 1 7  ? 3.936   8.515   12.157  1.00 25.80 ? 7   C   A "O5'" 1 
ATOM   111  C  "C5'" . C   A 1 7  ? 4.632   9.752   12.092  1.00 25.80 ? 7   C   A "C5'" 1 
ATOM   112  C  "C4'" . C   A 1 7  ? 6.041   9.521   11.631  1.00 28.18 ? 7   C   A "C4'" 1 
ATOM   113  O  "O4'" . C   A 1 7  ? 6.703   8.630   12.578  1.00 22.75 ? 7   C   A "O4'" 1 
ATOM   114  C  "C3'" . C   A 1 7  ? 6.166   8.778   10.308  1.00 30.63 ? 7   C   A "C3'" 1 
ATOM   115  O  "O3'" . C   A 1 7  ? 5.992   9.620   9.174   1.00 32.79 ? 7   C   A "O3'" 1 
ATOM   116  C  "C2'" . C   A 1 7  ? 7.584   8.242   10.411  1.00 29.95 ? 7   C   A "C2'" 1 
ATOM   117  O  "O2'" . C   A 1 7  ? 8.551   9.243   10.176  1.00 31.09 ? 7   C   A "O2'" 1 
ATOM   118  C  "C1'" . C   A 1 7  ? 7.614   7.802   11.878  1.00 27.30 ? 7   C   A "C1'" 1 
ATOM   119  N  N1    . C   A 1 7  ? 7.168   6.402   11.977  1.00 24.53 ? 7   C   A N1    1 
ATOM   120  C  C2    . C   A 1 7  ? 8.108   5.416   11.743  1.00 21.49 ? 7   C   A C2    1 
ATOM   121  O  O2    . C   A 1 7  ? 9.259   5.764   11.480  1.00 18.94 ? 7   C   A O2    1 
ATOM   122  N  N3    . C   A 1 7  ? 7.744   4.115   11.802  1.00 19.12 ? 7   C   A N3    1 
ATOM   123  C  C4    . C   A 1 7  ? 6.486   3.790   12.072  1.00 17.68 ? 7   C   A C4    1 
ATOM   124  N  N4    . C   A 1 7  ? 6.180   2.495   12.112  1.00 13.54 ? 7   C   A N4    1 
ATOM   125  C  C5    . C   A 1 7  ? 5.488   4.783   12.317  1.00 20.97 ? 7   C   A C5    1 
ATOM   126  C  C6    . C   A 1 7  ? 5.873   6.068   12.267  1.00 22.21 ? 7   C   A C6    1 
ATOM   127  P  P     . G   A 1 8  ? 5.200   9.067   7.884   1.00 34.76 ? 8   G   A P     1 
ATOM   128  O  OP1   . G   A 1 8  ? 5.089   10.213  6.940   1.00 34.51 ? 8   G   A OP1   1 
ATOM   129  O  OP2   . G   A 1 8  ? 3.966   8.371   8.331   1.00 33.21 ? 8   G   A OP2   1 
ATOM   130  O  "O5'" . G   A 1 8  ? 6.175   7.975   7.251   1.00 33.38 ? 8   G   A "O5'" 1 
ATOM   131  C  "C5'" . G   A 1 8  ? 7.405   8.365   6.653   1.00 34.33 ? 8   G   A "C5'" 1 
ATOM   132  C  "C4'" . G   A 1 8  ? 8.349   7.187   6.526   1.00 35.81 ? 8   G   A "C4'" 1 
ATOM   133  O  "O4'" . G   A 1 8  ? 8.394   6.456   7.784   1.00 35.19 ? 8   G   A "O4'" 1 
ATOM   134  C  "C3'" . G   A 1 8  ? 8.033   6.060   5.554   1.00 35.99 ? 8   G   A "C3'" 1 
ATOM   135  O  "O3'" . G   A 1 8  ? 8.266   6.411   4.191   1.00 36.28 ? 8   G   A "O3'" 1 
ATOM   136  C  "C2'" . G   A 1 8  ? 9.023   4.999   6.029   1.00 36.18 ? 8   G   A "C2'" 1 
ATOM   137  O  "O2'" . G   A 1 8  ? 10.361  5.234   5.633   1.00 36.99 ? 8   G   A "O2'" 1 
ATOM   138  C  "C1'" . G   A 1 8  ? 8.940   5.171   7.546   1.00 33.65 ? 8   G   A "C1'" 1 
ATOM   139  N  N9    . G   A 1 8  ? 8.080   4.146   8.117   1.00 32.50 ? 8   G   A N9    1 
ATOM   140  C  C8    . G   A 1 8  ? 6.806   4.266   8.611   1.00 31.36 ? 8   G   A C8    1 
ATOM   141  N  N7    . G   A 1 8  ? 6.294   3.123   8.981   1.00 30.55 ? 8   G   A N7    1 
ATOM   142  C  C5    . G   A 1 8  ? 7.298   2.198   8.723   1.00 30.94 ? 8   G   A C5    1 
ATOM   143  C  C6    . G   A 1 8  ? 7.327   0.787   8.890   1.00 29.27 ? 8   G   A C6    1 
ATOM   144  O  O6    . G   A 1 8  ? 6.431   0.035   9.271   1.00 28.07 ? 8   G   A O6    1 
ATOM   145  N  N1    . G   A 1 8  ? 8.558   0.258   8.532   1.00 30.66 ? 8   G   A N1    1 
ATOM   146  C  C2    . G   A 1 8  ? 9.620   0.976   8.052   1.00 29.99 ? 8   G   A C2    1 
ATOM   147  N  N2    . G   A 1 8  ? 10.730  0.277   7.782   1.00 28.97 ? 8   G   A N2    1 
ATOM   148  N  N3    . G   A 1 8  ? 9.597   2.281   7.857   1.00 30.44 ? 8   G   A N3    1 
ATOM   149  C  C4    . G   A 1 8  ? 8.414   2.822   8.215   1.00 31.52 ? 8   G   A C4    1 
ATOM   150  P  P     . C   A 1 9  ? 7.549   5.570   3.012   1.00 38.59 ? 9   C   A P     1 
ATOM   151  O  OP1   . C   A 1 9  ? 7.695   6.351   1.758   1.00 39.77 ? 9   C   A OP1   1 
ATOM   152  O  OP2   . C   A 1 9  ? 6.199   5.119   3.435   1.00 37.23 ? 9   C   A OP2   1 
ATOM   153  O  "O5'" . C   A 1 9  ? 8.460   4.276   2.867   1.00 36.12 ? 9   C   A "O5'" 1 
ATOM   154  C  "C5'" . C   A 1 9  ? 9.806   4.383   2.443   1.00 31.32 ? 9   C   A "C5'" 1 
ATOM   155  C  "C4'" . C   A 1 9  ? 10.444  3.017   2.380   1.00 32.04 ? 9   C   A "C4'" 1 
ATOM   156  O  "O4'" . C   A 1 9  ? 10.530  2.446   3.725   1.00 32.73 ? 9   C   A "O4'" 1 
ATOM   157  C  "C3'" . C   A 1 9  ? 9.672   1.943   1.635   1.00 30.05 ? 9   C   A "C3'" 1 
ATOM   158  O  "O3'" . C   A 1 9  ? 9.717   2.044   0.220   1.00 29.88 ? 9   C   A "O3'" 1 
ATOM   159  C  "C2'" . C   A 1 9  ? 10.369  0.699   2.145   1.00 30.95 ? 9   C   A "C2'" 1 
ATOM   160  O  "O2'" . C   A 1 9  ? 11.668  0.603   1.595   1.00 31.51 ? 9   C   A "O2'" 1 
ATOM   161  C  "C1'" . C   A 1 9  ? 10.458  1.025   3.638   1.00 29.95 ? 9   C   A "C1'" 1 
ATOM   162  N  N1    . C   A 1 9  ? 9.257   0.554   4.356   1.00 27.41 ? 9   C   A N1    1 
ATOM   163  C  C2    . C   A 1 9  ? 9.257   -0.749  4.863   1.00 26.66 ? 9   C   A C2    1 
ATOM   164  O  O2    . C   A 1 9  ? 10.266  -1.443  4.719   1.00 26.69 ? 9   C   A O2    1 
ATOM   165  N  N3    . C   A 1 9  ? 8.161   -1.215  5.503   1.00 26.74 ? 9   C   A N3    1 
ATOM   166  C  C4    . C   A 1 9  ? 7.095   -0.423  5.665   1.00 26.92 ? 9   C   A C4    1 
ATOM   167  N  N4    . C   A 1 9  ? 6.037   -0.924  6.327   1.00 21.11 ? 9   C   A N4    1 
ATOM   168  C  C5    . C   A 1 9  ? 7.068   0.916   5.161   1.00 23.64 ? 9   C   A C5    1 
ATOM   169  C  C6    . C   A 1 9  ? 8.161   1.356   4.518   1.00 25.29 ? 9   C   A C6    1 
ATOM   170  P  P     . U   A 1 10 ? 8.421   1.606   -0.633  1.00 27.30 ? 10  U   A P     1 
ATOM   171  O  OP1   . U   A 1 10 ? 8.615   1.997   -2.043  1.00 27.44 ? 10  U   A OP1   1 
ATOM   172  O  OP2   . U   A 1 10 ? 7.216   2.077   0.097   1.00 27.96 ? 10  U   A OP2   1 
ATOM   173  O  "O5'" . U   A 1 10 ? 8.431   0.013   -0.542  1.00 30.89 ? 10  U   A "O5'" 1 
ATOM   174  C  "C5'" . U   A 1 10 ? 9.618   -0.721  -0.811  1.00 31.49 ? 10  U   A "C5'" 1 
ATOM   175  C  "C4'" . U   A 1 10 ? 9.461   -2.163  -0.383  1.00 34.82 ? 10  U   A "C4'" 1 
ATOM   176  O  "O4'" . U   A 1 10 ? 9.232   -2.240  1.047   1.00 35.08 ? 10  U   A "O4'" 1 
ATOM   177  C  "C3'" . U   A 1 10 ? 8.276   -2.912  -0.959  1.00 35.50 ? 10  U   A "C3'" 1 
ATOM   178  O  "O3'" . U   A 1 10 ? 8.563   -3.345  -2.276  1.00 38.21 ? 10  U   A "O3'" 1 
ATOM   179  C  "C2'" . U   A 1 10 ? 8.154   -4.080  0.010   1.00 36.01 ? 10  U   A "C2'" 1 
ATOM   180  O  "O2'" . U   A 1 10 ? 9.109   -5.098  -0.222  1.00 36.27 ? 10  U   A "O2'" 1 
ATOM   181  C  "C1'" . U   A 1 10 ? 8.459   -3.394  1.343   1.00 32.98 ? 10  U   A "C1'" 1 
ATOM   182  N  N1    . U   A 1 10 ? 7.248   -2.976  2.062   1.00 31.61 ? 10  U   A N1    1 
ATOM   183  C  C2    . U   A 1 10 ? 6.533   -3.954  2.741   1.00 31.17 ? 10  U   A C2    1 
ATOM   184  O  O2    . U   A 1 10 ? 6.853   -5.126  2.739   1.00 30.95 ? 10  U   A O2    1 
ATOM   185  N  N3    . U   A 1 10 ? 5.423   -3.503  3.415   1.00 29.55 ? 10  U   A N3    1 
ATOM   186  C  C4    . U   A 1 10 ? 4.955   -2.207  3.463   1.00 28.65 ? 10  U   A C4    1 
ATOM   187  O  O4    . U   A 1 10 ? 3.932   -1.962  4.097   1.00 28.36 ? 10  U   A O4    1 
ATOM   188  C  C5    . U   A 1 10 ? 5.739   -1.254  2.727   1.00 27.66 ? 10  U   A C5    1 
ATOM   189  C  C6    . U   A 1 10 ? 6.831   -1.662  2.069   1.00 30.42 ? 10  U   A C6    1 
ATOM   190  P  P     . C   A 1 11 ? 7.385   -3.443  -3.358  1.00 39.46 ? 11  C   A P     1 
ATOM   191  O  OP1   . C   A 1 11 ? 8.045   -3.769  -4.650  1.00 39.96 ? 11  C   A OP1   1 
ATOM   192  O  OP2   . C   A 1 11 ? 6.510   -2.249  -3.263  1.00 39.61 ? 11  C   A OP2   1 
ATOM   193  O  "O5'" . C   A 1 11 ? 6.543   -4.705  -2.874  1.00 39.63 ? 11  C   A "O5'" 1 
ATOM   194  C  "C5'" . C   A 1 11 ? 7.122   -6.007  -2.879  1.00 37.16 ? 11  C   A "C5'" 1 
ATOM   195  C  "C4'" . C   A 1 11 ? 6.230   -6.987  -2.149  1.00 34.74 ? 11  C   A "C4'" 1 
ATOM   196  O  "O4'" . C   A 1 11 ? 6.110   -6.594  -0.754  1.00 31.88 ? 11  C   A "O4'" 1 
ATOM   197  C  "C3'" . C   A 1 11 ? 4.783   -7.069  -2.600  1.00 31.61 ? 11  C   A "C3'" 1 
ATOM   198  O  "O3'" . C   A 1 11 ? 4.616   -7.868  -3.758  1.00 30.84 ? 11  C   A "O3'" 1 
ATOM   199  C  "C2'" . C   A 1 11 ? 4.139   -7.737  -1.402  1.00 31.91 ? 11  C   A "C2'" 1 
ATOM   200  O  "O2'" . C   A 1 11 ? 4.453   -9.111  -1.372  1.00 32.56 ? 11  C   A "O2'" 1 
ATOM   201  C  "C1'" . C   A 1 11 ? 4.861   -7.038  -0.249  1.00 30.93 ? 11  C   A "C1'" 1 
ATOM   202  N  N1    . C   A 1 11 ? 4.121   -5.881  0.285   1.00 28.26 ? 11  C   A N1    1 
ATOM   203  C  C2    . C   A 1 11 ? 3.189   -6.103  1.298   1.00 27.33 ? 11  C   A C2    1 
ATOM   204  O  O2    . C   A 1 11 ? 3.003   -7.264  1.697   1.00 27.55 ? 11  C   A O2    1 
ATOM   205  N  N3    . C   A 1 11 ? 2.510   -5.055  1.817   1.00 25.65 ? 11  C   A N3    1 
ATOM   206  C  C4    . C   A 1 11 ? 2.726   -3.822  1.352   1.00 26.54 ? 11  C   A C4    1 
ATOM   207  N  N4    . C   A 1 11 ? 2.021   -2.827  1.891   1.00 23.11 ? 11  C   A N4    1 
ATOM   208  C  C5    . C   A 1 11 ? 3.667   -3.563  0.311   1.00 26.22 ? 11  C   A C5    1 
ATOM   209  C  C6    . C   A 1 11 ? 4.336   -4.614  -0.191  1.00 29.45 ? 11  C   A C6    1 
ATOM   210  P  P     . C   A 1 12 ? 3.262   -7.733  -4.611  1.00 29.62 ? 12  C   A P     1 
ATOM   211  O  OP1   . C   A 1 12 ? 3.424   -8.480  -5.870  1.00 31.45 ? 12  C   A OP1   1 
ATOM   212  O  OP2   . C   A 1 12 ? 2.890   -6.295  -4.664  1.00 30.12 ? 12  C   A OP2   1 
ATOM   213  O  "O5'" . C   A 1 12 ? 2.183   -8.468  -3.703  1.00 26.73 ? 12  C   A "O5'" 1 
ATOM   214  C  "C5'" . C   A 1 12 ? 2.284   -9.858  -3.419  1.00 24.83 ? 12  C   A "C5'" 1 
ATOM   215  C  "C4'" . C   A 1 12 ? 1.055   -10.325 -2.673  1.00 24.15 ? 12  C   A "C4'" 1 
ATOM   216  O  "O4'" . C   A 1 12 ? 1.067   -9.797  -1.321  1.00 23.06 ? 12  C   A "O4'" 1 
ATOM   217  C  "C3'" . C   A 1 12 ? -0.254  -9.811  -3.248  1.00 25.32 ? 12  C   A "C3'" 1 
ATOM   218  O  "O3'" . C   A 1 12 ? -0.682  -10.570 -4.362  1.00 25.66 ? 12  C   A "O3'" 1 
ATOM   219  C  "C2'" . C   A 1 12 ? -1.195  -9.882  -2.055  1.00 23.98 ? 12  C   A "C2'" 1 
ATOM   220  O  "O2'" . C   A 1 12 ? -1.712  -11.161 -1.790  1.00 26.72 ? 12  C   A "O2'" 1 
ATOM   221  C  "C1'" . C   A 1 12 ? -0.262  -9.463  -0.922  1.00 22.62 ? 12  C   A "C1'" 1 
ATOM   222  N  N1    . C   A 1 12 ? -0.335  -8.012  -0.707  1.00 19.10 ? 12  C   A N1    1 
ATOM   223  C  C2    . C   A 1 12 ? -1.336  -7.513  0.135   1.00 19.19 ? 12  C   A C2    1 
ATOM   224  O  O2    . C   A 1 12 ? -2.145  -8.312  0.648   1.00 15.05 ? 12  C   A O2    1 
ATOM   225  N  N3    . C   A 1 12 ? -1.402  -6.174  0.362   1.00 17.30 ? 12  C   A N3    1 
ATOM   226  C  C4    . C   A 1 12 ? -0.528  -5.352  -0.225  1.00 17.31 ? 12  C   A C4    1 
ATOM   227  N  N4    . C   A 1 12 ? -0.613  -4.046  0.053   1.00 13.84 ? 12  C   A N4    1 
ATOM   228  C  C5    . C   A 1 12 ? 0.482   -5.835  -1.115  1.00 17.91 ? 12  C   A C5    1 
ATOM   229  C  C6    . C   A 1 12 ? 0.547   -7.160  -1.318  1.00 15.62 ? 12  C   A C6    1 
ATOM   230  P  P     . G   A 1 13 ? -1.485  -9.842  -5.538  1.00 21.11 ? 13  G   A P     1 
ATOM   231  O  OP1   . G   A 1 13 ? -1.596  -10.789 -6.670  1.00 24.30 ? 13  G   A OP1   1 
ATOM   232  O  OP2   . G   A 1 13 ? -0.889  -8.507  -5.747  1.00 23.18 ? 13  G   A OP2   1 
ATOM   233  O  "O5'" . G   A 1 13 ? -2.935  -9.622  -4.929  1.00 25.77 ? 13  G   A "O5'" 1 
ATOM   234  C  "C5'" . G   A 1 13 ? -3.707  -10.714 -4.441  1.00 23.12 ? 13  G   A "C5'" 1 
ATOM   235  C  "C4'" . G   A 1 13 ? -4.900  -10.198 -3.664  1.00 24.93 ? 13  G   A "C4'" 1 
ATOM   236  O  "O4'" . G   A 1 13 ? -4.434  -9.525  -2.462  1.00 22.05 ? 13  G   A "O4'" 1 
ATOM   237  C  "C3'" . G   A 1 13 ? -5.742  -9.129  -4.346  1.00 23.02 ? 13  G   A "C3'" 1 
ATOM   238  O  "O3'" . G   A 1 13 ? -6.667  -9.665  -5.265  1.00 26.68 ? 13  G   A "O3'" 1 
ATOM   239  C  "C2'" . G   A 1 13 ? -6.470  -8.508  -3.168  1.00 23.57 ? 13  G   A "C2'" 1 
ATOM   240  O  "O2'" . G   A 1 13 ? -7.603  -9.235  -2.744  1.00 20.43 ? 13  G   A "O2'" 1 
ATOM   241  C  "C1'" . G   A 1 13 ? -5.370  -8.515  -2.103  1.00 24.18 ? 13  G   A "C1'" 1 
ATOM   242  N  N9    . G   A 1 13 ? -4.696  -7.221  -2.088  1.00 21.72 ? 13  G   A N9    1 
ATOM   243  C  C8    . G   A 1 13 ? -3.510  -6.878  -2.692  1.00 21.33 ? 13  G   A C8    1 
ATOM   244  N  N7    . G   A 1 13 ? -3.212  -5.615  -2.546  1.00 21.97 ? 13  G   A N7    1 
ATOM   245  C  C5    . G   A 1 13 ? -4.256  -5.105  -1.784  1.00 20.01 ? 13  G   A C5    1 
ATOM   246  C  C6    . G   A 1 13 ? -4.499  -3.784  -1.325  1.00 19.17 ? 13  G   A C6    1 
ATOM   247  O  O6    . G   A 1 13 ? -3.815  -2.778  -1.513  1.00 20.86 ? 13  G   A O6    1 
ATOM   248  N  N1    . G   A 1 13 ? -5.691  -3.701  -0.591  1.00 15.56 ? 13  G   A N1    1 
ATOM   249  C  C2    . G   A 1 13 ? -6.543  -4.758  -0.353  1.00 16.92 ? 13  G   A C2    1 
ATOM   250  N  N2    . G   A 1 13 ? -7.655  -4.500  0.347   1.00 11.14 ? 13  G   A N2    1 
ATOM   251  N  N3    . G   A 1 13 ? -6.318  -5.994  -0.785  1.00 19.75 ? 13  G   A N3    1 
ATOM   252  C  C4    . G   A 1 13 ? -5.170  -6.089  -1.486  1.00 19.04 ? 13  G   A C4    1 
ATOM   253  P  P     . G   A 1 14 ? -7.182  -8.763  -6.487  1.00 30.06 ? 14  G   A P     1 
ATOM   254  O  OP1   . G   A 1 14 ? -8.045  -9.615  -7.351  1.00 28.85 ? 14  G   A OP1   1 
ATOM   255  O  OP2   . G   A 1 14 ? -6.009  -8.066  -7.080  1.00 32.89 ? 14  G   A OP2   1 
ATOM   256  O  "O5'" . G   A 1 14 ? -8.125  -7.680  -5.802  1.00 31.03 ? 14  G   A "O5'" 1 
ATOM   257  C  "C5'" . G   A 1 14 ? -9.404  -8.057  -5.298  1.00 29.38 ? 14  G   A "C5'" 1 
ATOM   258  C  "C4'" . G   A 1 14 ? -10.012 -6.932  -4.505  1.00 28.82 ? 14  G   A "C4'" 1 
ATOM   259  O  "O4'" . G   A 1 14 ? -9.011  -6.407  -3.591  1.00 24.94 ? 14  G   A "O4'" 1 
ATOM   260  C  "C3'" . G   A 1 14 ? -10.446 -5.685  -5.257  1.00 29.13 ? 14  G   A "C3'" 1 
ATOM   261  O  "O3'" . G   A 1 14 ? -11.704 -5.870  -5.908  1.00 31.85 ? 14  G   A "O3'" 1 
ATOM   262  C  "C2'" . G   A 1 14 ? -10.546 -4.678  -4.112  1.00 26.56 ? 14  G   A "C2'" 1 
ATOM   263  O  "O2'" . G   A 1 14 ? -11.696 -4.883  -3.311  1.00 25.07 ? 14  G   A "O2'" 1 
ATOM   264  C  "C1'" . G   A 1 14 ? -9.318  -5.054  -3.282  1.00 24.20 ? 14  G   A "C1'" 1 
ATOM   265  N  N9    . G   A 1 14 ? -8.155  -4.221  -3.576  1.00 20.44 ? 14  G   A N9    1 
ATOM   266  C  C8    . G   A 1 14 ? -7.002  -4.598  -4.217  1.00 20.42 ? 14  G   A C8    1 
ATOM   267  N  N7    . G   A 1 14 ? -6.134  -3.628  -4.323  1.00 18.09 ? 14  G   A N7    1 
ATOM   268  C  C5    . G   A 1 14 ? -6.748  -2.549  -3.712  1.00 16.06 ? 14  G   A C5    1 
ATOM   269  C  C6    . G   A 1 14 ? -6.284  -1.232  -3.511  1.00 15.27 ? 14  G   A C6    1 
ATOM   270  O  O6    . G   A 1 14 ? -5.188  -0.762  -3.805  1.00 15.37 ? 14  G   A O6    1 
ATOM   271  N  N1    . G   A 1 14 ? -7.243  -0.440  -2.879  1.00 15.12 ? 14  G   A N1    1 
ATOM   272  C  C2    . G   A 1 14 ? -8.488  -0.880  -2.467  1.00 15.91 ? 14  G   A C2    1 
ATOM   273  N  N2    . G   A 1 14 ? -9.299  0.039   -1.876  1.00 12.60 ? 14  G   A N2    1 
ATOM   274  N  N3    . G   A 1 14 ? -8.913  -2.123  -2.625  1.00 12.30 ? 14  G   A N3    1 
ATOM   275  C  C4    . G   A 1 14 ? -8.003  -2.894  -3.253  1.00 16.35 ? 14  G   A C4    1 
ATOM   276  P  P     . A   A 1 15 ? -12.132 -4.886  -7.117  1.00 36.13 ? 15  A   A P     1 
ATOM   277  O  OP1   . A   A 1 15 ? -13.423 -5.379  -7.659  1.00 35.66 ? 15  A   A OP1   1 
ATOM   278  O  OP2   . A   A 1 15 ? -10.975 -4.697  -8.032  1.00 36.28 ? 15  A   A OP2   1 
ATOM   279  O  "O5'" . A   A 1 15 ? -12.435 -3.496  -6.401  1.00 32.98 ? 15  A   A "O5'" 1 
ATOM   280  C  "C5'" . A   A 1 15 ? -13.646 -3.312  -5.685  1.00 33.53 ? 15  A   A "C5'" 1 
ATOM   281  C  "C4'" . A   A 1 15 ? -13.845 -1.856  -5.355  1.00 33.65 ? 15  A   A "C4'" 1 
ATOM   282  O  "O4'" . A   A 1 15 ? -12.790 -1.434  -4.459  1.00 32.69 ? 15  A   A "O4'" 1 
ATOM   283  C  "C3'" . A   A 1 15 ? -13.754 -0.883  -6.514  1.00 32.86 ? 15  A   A "C3'" 1 
ATOM   284  O  "O3'" . A   A 1 15 ? -15.002 -0.779  -7.188  1.00 34.90 ? 15  A   A "O3'" 1 
ATOM   285  C  "C2'" . A   A 1 15 ? -13.420 0.412   -5.790  1.00 32.03 ? 15  A   A "C2'" 1 
ATOM   286  O  "O2'" . A   A 1 15 ? -14.560 0.944   -5.162  1.00 30.93 ? 15  A   A "O2'" 1 
ATOM   287  C  "C1'" . A   A 1 15 ? -12.459 -0.083  -4.710  1.00 30.81 ? 15  A   A "C1'" 1 
ATOM   288  N  N9    . A   A 1 15 ? -11.058 -0.038  -5.120  1.00 29.21 ? 15  A   A N9    1 
ATOM   289  C  C8    . A   A 1 15 ? -10.332 -1.053  -5.697  1.00 28.86 ? 15  A   A C8    1 
ATOM   290  N  N7    . A   A 1 15 ? -9.097  -0.724  -5.977  1.00 27.55 ? 15  A   A N7    1 
ATOM   291  C  C5    . A   A 1 15 ? -9.002  0.599   -5.556  1.00 27.02 ? 15  A   A C5    1 
ATOM   292  C  C6    . A   A 1 15 ? -7.949  1.531   -5.602  1.00 26.06 ? 15  A   A C6    1 
ATOM   293  N  N6    . A   A 1 15 ? -6.754  1.265   -6.129  1.00 23.11 ? 15  A   A N6    1 
ATOM   294  N  N1    . A   A 1 15 ? -8.175  2.764   -5.098  1.00 26.56 ? 15  A   A N1    1 
ATOM   295  C  C2    . A   A 1 15 ? -9.390  3.033   -4.604  1.00 27.74 ? 15  A   A C2    1 
ATOM   296  N  N3    . A   A 1 15 ? -10.467 2.244   -4.523  1.00 26.99 ? 15  A   A N3    1 
ATOM   297  C  C4    . A   A 1 15 ? -10.199 1.028   -5.020  1.00 26.15 ? 15  A   A C4    1 
ATOM   298  P  P     . A   A 1 16 ? -15.079 -0.054  -8.627  1.00 37.07 ? 16  A   A P     1 
ATOM   299  O  OP1   . A   A 1 16 ? -16.397 -0.379  -9.225  1.00 37.33 ? 16  A   A OP1   1 
ATOM   300  O  OP2   . A   A 1 16 ? -13.838 -0.419  -9.356  1.00 37.05 ? 16  A   A OP2   1 
ATOM   301  O  "O5'" . A   A 1 16 ? -15.020 1.509   -8.281  1.00 37.67 ? 16  A   A "O5'" 1 
ATOM   302  C  "C5'" . A   A 1 16 ? -15.689 2.498   -9.079  1.00 36.81 ? 16  A   A "C5'" 1 
ATOM   303  C  "C4'" . A   A 1 16 ? -16.073 3.691   -8.219  1.00 38.62 ? 16  A   A "C4'" 1 
ATOM   304  O  "O4'" . A   A 1 16 ? -16.882 3.228   -7.121  1.00 39.94 ? 16  A   A "O4'" 1 
ATOM   305  C  "C3'" . A   A 1 16 ? -14.919 4.469   -7.580  1.00 39.57 ? 16  A   A "C3'" 1 
ATOM   306  O  "O3'" . A   A 1 16 ? -14.758 5.717   -8.263  1.00 39.89 ? 16  A   A "O3'" 1 
ATOM   307  C  "C2'" . A   A 1 16 ? -15.437 4.900   -6.195  1.00 40.29 ? 16  A   A "C2'" 1 
ATOM   308  O  "O2'" . A   A 1 16 ? -15.712 6.289   -6.112  1.00 40.04 ? 16  A   A "O2'" 1 
ATOM   309  C  "C1'" . A   A 1 16 ? -16.753 4.137   -6.061  1.00 39.70 ? 16  A   A "C1'" 1 
ATOM   310  N  N9    . A   A 1 16 ? -17.108 3.499   -4.797  1.00 39.82 ? 16  A   A N9    1 
ATOM   311  C  C8    . A   A 1 16 ? -17.157 2.169   -4.474  1.00 40.28 ? 16  A   A C8    1 
ATOM   312  N  N7    . A   A 1 16 ? -17.654 1.935   -3.282  1.00 39.80 ? 16  A   A N7    1 
ATOM   313  C  C5    . A   A 1 16 ? -17.923 3.201   -2.781  1.00 39.73 ? 16  A   A C5    1 
ATOM   314  C  C6    . A   A 1 16 ? -18.487 3.639   -1.574  1.00 40.69 ? 16  A   A C6    1 
ATOM   315  N  N6    . A   A 1 16 ? -18.911 2.816   -0.614  1.00 42.07 ? 16  A   A N6    1 
ATOM   316  N  N1    . A   A 1 16 ? -18.614 4.972   -1.386  1.00 41.40 ? 16  A   A N1    1 
ATOM   317  C  C2    . A   A 1 16 ? -18.204 5.795   -2.353  1.00 41.53 ? 16  A   A C2    1 
ATOM   318  N  N3    . A   A 1 16 ? -17.666 5.502   -3.533  1.00 41.33 ? 16  A   A N3    1 
ATOM   319  C  C4    . A   A 1 16 ? -17.557 4.172   -3.689  1.00 39.97 ? 16  A   A C4    1 
ATOM   320  P  P     . A   A 1 17 ? -13.925 5.821   -9.632  1.00 38.57 ? 17  A   A P     1 
ATOM   321  O  OP1   . A   A 1 17 ? -14.457 7.042   -10.292 1.00 39.06 ? 17  A   A OP1   1 
ATOM   322  O  OP2   . A   A 1 17 ? -13.925 4.534   -10.366 1.00 35.97 ? 17  A   A OP2   1 
ATOM   323  O  "O5'" . A   A 1 17 ? -12.451 6.147   -9.138  1.00 36.50 ? 17  A   A "O5'" 1 
ATOM   324  C  "C5'" . A   A 1 17 ? -12.153 7.394   -8.526  1.00 35.89 ? 17  A   A "C5'" 1 
ATOM   325  C  "C4'" . A   A 1 17 ? -10.769 7.348   -7.958  1.00 34.32 ? 17  A   A "C4'" 1 
ATOM   326  O  "O4'" . A   A 1 17 ? -10.741 6.390   -6.866  1.00 33.68 ? 17  A   A "O4'" 1 
ATOM   327  C  "C3'" . A   A 1 17 ? -9.761  6.844   -8.975  1.00 31.95 ? 17  A   A "C3'" 1 
ATOM   328  O  "O3'" . A   A 1 17 ? -9.215  7.962   -9.653  1.00 32.53 ? 17  A   A "O3'" 1 
ATOM   329  C  "C2'" . A   A 1 17 ? -8.754  6.119   -8.096  1.00 30.91 ? 17  A   A "C2'" 1 
ATOM   330  O  "O2'" . A   A 1 17 ? -7.873  7.017   -7.453  1.00 27.96 ? 17  A   A "O2'" 1 
ATOM   331  C  "C1'" . A   A 1 17 ? -9.683  5.475   -7.064  1.00 30.80 ? 17  A   A "C1'" 1 
ATOM   332  N  N9    . A   A 1 17 ? -10.296 4.225   -7.506  1.00 29.55 ? 17  A   A N9    1 
ATOM   333  C  C8    . A   A 1 17 ? -11.627 3.911   -7.413  1.00 30.00 ? 17  A   A C8    1 
ATOM   334  N  N7    . A   A 1 17 ? -11.928 2.729   -7.889  1.00 30.57 ? 17  A   A N7    1 
ATOM   335  C  C5    . A   A 1 17 ? -10.711 2.230   -8.329  1.00 28.76 ? 17  A   A C5    1 
ATOM   336  C  C6    . A   A 1 17 ? -10.365 1.026   -8.945  1.00 29.12 ? 17  A   A C6    1 
ATOM   337  N  N6    . A   A 1 17 ? -11.248 0.073   -9.245  1.00 27.31 ? 17  A   A N6    1 
ATOM   338  N  N1    . A   A 1 17 ? -9.067  0.834   -9.258  1.00 28.56 ? 17  A   A N1    1 
ATOM   339  C  C2    . A   A 1 17 ? -8.191  1.805   -8.970  1.00 30.76 ? 17  A   A C2    1 
ATOM   340  N  N3    . A   A 1 17 ? -8.398  2.985   -8.394  1.00 28.53 ? 17  A   A N3    1 
ATOM   341  C  C4    . A   A 1 17 ? -9.695  3.137   -8.095  1.00 28.90 ? 17  A   A C4    1 
ATOM   342  P  P     . A   A 1 18 ? -8.678  7.811   -11.156 1.00 28.96 ? 18  A   A P     1 
ATOM   343  O  OP1   . A   A 1 18 ? -9.765  7.250   -11.989 1.00 27.61 ? 18  A   A OP1   1 
ATOM   344  O  OP2   . A   A 1 18 ? -7.367  7.136   -11.102 1.00 28.88 ? 18  A   A OP2   1 
ATOM   345  O  "O5'" . A   A 1 18 ? -8.418  9.322   -11.609 1.00 31.31 ? 18  A   A "O5'" 1 
ATOM   346  C  "C5'" . A   A 1 18 ? -9.470  10.289  -11.604 1.00 28.21 ? 18  A   A "C5'" 1 
ATOM   347  C  "C4'" . A   A 1 18 ? -8.892  11.688  -11.645 1.00 28.98 ? 18  A   A "C4'" 1 
ATOM   348  O  "O4'" . A   A 1 18 ? -7.932  11.802  -10.561 1.00 28.26 ? 18  A   A "O4'" 1 
ATOM   349  C  "C3'" . A   A 1 18 ? -8.104  12.052  -12.897 1.00 27.75 ? 18  A   A "C3'" 1 
ATOM   350  O  "O3'" . A   A 1 18 ? -8.953  12.614  -13.895 1.00 29.26 ? 18  A   A "O3'" 1 
ATOM   351  C  "C2'" . A   A 1 18 ? -7.130  13.109  -12.382 1.00 27.90 ? 18  A   A "C2'" 1 
ATOM   352  O  "O2'" . A   A 1 18 ? -7.663  14.423  -12.338 1.00 26.11 ? 18  A   A "O2'" 1 
ATOM   353  C  "C1'" . A   A 1 18 ? -6.840  12.599  -10.969 1.00 28.18 ? 18  A   A "C1'" 1 
ATOM   354  N  N9    . A   A 1 18 ? -5.638  11.778  -10.924 1.00 27.73 ? 18  A   A N9    1 
ATOM   355  C  C8    . A   A 1 18 ? -5.473  10.502  -11.400 1.00 27.48 ? 18  A   A C8    1 
ATOM   356  N  N7    . A   A 1 18 ? -4.258  10.039  -11.255 1.00 27.37 ? 18  A   A N7    1 
ATOM   357  C  C5    . A   A 1 18 ? -3.580  11.076  -10.633 1.00 27.46 ? 18  A   A C5    1 
ATOM   358  C  C6    . A   A 1 18 ? -2.257  11.214  -10.212 1.00 26.68 ? 18  A   A C6    1 
ATOM   359  N  N6    . A   A 1 18 ? -1.336  10.267  -10.367 1.00 27.73 ? 18  A   A N6    1 
ATOM   360  N  N1    . A   A 1 18 ? -1.907  12.374  -9.617  1.00 27.37 ? 18  A   A N1    1 
ATOM   361  C  C2    . A   A 1 18 ? -2.833  13.325  -9.469  1.00 24.10 ? 18  A   A C2    1 
ATOM   362  N  N3    . A   A 1 18 ? -4.104  13.316  -9.829  1.00 24.17 ? 18  A   A N3    1 
ATOM   363  C  C4    . A   A 1 18 ? -4.421  12.149  -10.414 1.00 26.69 ? 18  A   A C4    1 
ATOM   364  P  P     . G   A 1 19 ? -9.094  11.901  -15.334 1.00 31.38 ? 19  G   A P     1 
ATOM   365  O  OP1   . G   A 1 19 ? -9.834  12.837  -16.213 1.00 31.76 ? 19  G   A OP1   1 
ATOM   366  O  OP2   . G   A 1 19 ? -9.611  10.529  -15.128 1.00 30.80 ? 19  G   A OP2   1 
ATOM   367  O  "O5'" . G   A 1 19 ? -7.611  11.754  -15.879 1.00 30.65 ? 19  G   A "O5'" 1 
ATOM   368  C  "C5'" . G   A 1 19 ? -6.671  12.806  -15.748 1.00 33.37 ? 19  G   A "C5'" 1 
ATOM   369  C  "C4'" . G   A 1 19 ? -5.277  12.236  -15.632 1.00 34.10 ? 19  G   A "C4'" 1 
ATOM   370  O  "O4'" . G   A 1 19 ? -5.250  11.351  -14.482 1.00 30.13 ? 19  G   A "O4'" 1 
ATOM   371  C  "C3'" . G   A 1 19 ? -4.815  11.329  -16.763 1.00 33.57 ? 19  G   A "C3'" 1 
ATOM   372  O  "O3'" . G   A 1 19 ? -4.337  12.028  -17.900 1.00 36.21 ? 19  G   A "O3'" 1 
ATOM   373  C  "C2'" . G   A 1 19 ? -3.707  10.539  -16.086 1.00 33.40 ? 19  G   A "C2'" 1 
ATOM   374  O  "O2'" . G   A 1 19 ? -2.491  11.250  -15.945 1.00 28.41 ? 19  G   A "O2'" 1 
ATOM   375  C  "C1'" . G   A 1 19 ? -4.337  10.291  -14.716 1.00 32.24 ? 19  G   A "C1'" 1 
ATOM   376  N  N9    . G   A 1 19 ? -5.073  9.034   -14.705 1.00 32.29 ? 19  G   A N9    1 
ATOM   377  C  C8    . G   A 1 19 ? -6.433  8.856   -14.636 1.00 30.40 ? 19  G   A C8    1 
ATOM   378  N  N7    . G   A 1 19 ? -6.784  7.601   -14.667 1.00 28.61 ? 19  G   A N7    1 
ATOM   379  C  C5    . G   A 1 19 ? -5.585  6.914   -14.756 1.00 30.78 ? 19  G   A C5    1 
ATOM   380  C  C6    . G   A 1 19 ? -5.330  5.522   -14.833 1.00 32.31 ? 19  G   A C6    1 
ATOM   381  O  O6    . G   A 1 19 ? -6.143  4.592   -14.837 1.00 35.53 ? 19  G   A O6    1 
ATOM   382  N  N1    . G   A 1 19 ? -3.965  5.256   -14.914 1.00 32.01 ? 19  G   A N1    1 
ATOM   383  C  C2    . G   A 1 19 ? -2.975  6.215   -14.920 1.00 33.00 ? 19  G   A C2    1 
ATOM   384  N  N2    . G   A 1 19 ? -1.711  5.774   -14.988 1.00 32.25 ? 19  G   A N2    1 
ATOM   385  N  N3    . G   A 1 19 ? -3.207  7.515   -14.858 1.00 31.76 ? 19  G   A N3    1 
ATOM   386  C  C4    . G   A 1 19 ? -4.522  7.788   -14.776 1.00 30.59 ? 19  G   A C4    1 
ATOM   387  P  P     . U   A 1 20 ? -4.278  11.271  -19.319 1.00 37.95 ? 20  U   A P     1 
ATOM   388  O  OP1   . U   A 1 20 ? -4.002  12.286  -20.363 1.00 39.45 ? 20  U   A OP1   1 
ATOM   389  O  OP2   . U   A 1 20 ? -5.495  10.429  -19.421 1.00 40.03 ? 20  U   A OP2   1 
ATOM   390  O  "O5'" . U   A 1 20 ? -3.018  10.299  -19.210 1.00 43.02 ? 20  U   A "O5'" 1 
ATOM   391  C  "C5'" . U   A 1 20 ? -1.692  10.813  -19.062 1.00 46.30 ? 20  U   A "C5'" 1 
ATOM   392  C  "C4'" . U   A 1 20 ? -0.679  9.682   -19.095 1.00 51.14 ? 20  U   A "C4'" 1 
ATOM   393  O  "O4'" . U   A 1 20 ? -0.978  8.742   -18.024 1.00 51.15 ? 20  U   A "O4'" 1 
ATOM   394  C  "C3'" . U   A 1 20 ? -0.662  8.824   -20.356 1.00 53.07 ? 20  U   A "C3'" 1 
ATOM   395  O  "O3'" . U   A 1 20 ? 0.181   9.390   -21.358 1.00 57.14 ? 20  U   A "O3'" 1 
ATOM   396  C  "C2'" . U   A 1 20 ? -0.075  7.513   -19.849 1.00 53.03 ? 20  U   A "C2'" 1 
ATOM   397  O  "O2'" . U   A 1 20 ? 1.331   7.568   -19.744 1.00 53.32 ? 20  U   A "O2'" 1 
ATOM   398  C  "C1'" . U   A 1 20 ? -0.686  7.418   -18.450 1.00 52.43 ? 20  U   A "C1'" 1 
ATOM   399  N  N1    . U   A 1 20 ? -1.924  6.623   -18.390 1.00 51.74 ? 20  U   A N1    1 
ATOM   400  C  C2    . U   A 1 20 ? -1.819  5.238   -18.460 1.00 52.20 ? 20  U   A C2    1 
ATOM   401  O  O2    . U   A 1 20 ? -0.757  4.654   -18.573 1.00 52.25 ? 20  U   A O2    1 
ATOM   402  N  N3    . U   A 1 20 ? -3.011  4.562   -18.391 1.00 51.81 ? 20  U   A N3    1 
ATOM   403  C  C4    . U   A 1 20 ? -4.269  5.113   -18.267 1.00 51.74 ? 20  U   A C4    1 
ATOM   404  O  O4    . U   A 1 20 ? -5.253  4.372   -18.265 1.00 53.03 ? 20  U   A O4    1 
ATOM   405  C  C5    . U   A 1 20 ? -4.295  6.541   -18.201 1.00 50.60 ? 20  U   A C5    1 
ATOM   406  C  C6    . U   A 1 20 ? -3.151  7.230   -18.265 1.00 51.12 ? 20  U   A C6    1 
ATOM   407  P  P     . C   A 1 21 ? -0.179  9.190   -22.915 1.00 59.29 ? 21  C   A P     1 
ATOM   408  O  OP1   . C   A 1 21 ? 0.965   9.658   -23.727 1.00 60.60 ? 21  C   A OP1   1 
ATOM   409  O  OP2   . C   A 1 21 ? -1.524  9.770   -23.144 1.00 62.40 ? 21  C   A OP2   1 
ATOM   410  O  "O5'" . C   A 1 21 ? -0.302  7.615   -23.098 1.00 62.12 ? 21  C   A "O5'" 1 
ATOM   411  C  "C5'" . C   A 1 21 ? 0.858   6.808   -23.256 1.00 64.94 ? 21  C   A "C5'" 1 
ATOM   412  C  "C4'" . C   A 1 21 ? 0.468   5.357   -23.430 1.00 66.61 ? 21  C   A "C4'" 1 
ATOM   413  O  "O4'" . C   A 1 21 ? -0.252  4.908   -22.251 1.00 67.05 ? 21  C   A "O4'" 1 
ATOM   414  C  "C3'" . C   A 1 21 ? -0.502  5.055   -24.560 1.00 67.40 ? 21  C   A "C3'" 1 
ATOM   415  O  "O3'" . C   A 1 21 ? 0.166   4.972   -25.811 1.00 68.69 ? 21  C   A "O3'" 1 
ATOM   416  C  "C2'" . C   A 1 21 ? -1.073  3.707   -24.136 1.00 67.81 ? 21  C   A "C2'" 1 
ATOM   417  O  "O2'" . C   A 1 21 ? -0.244  2.608   -24.465 1.00 68.36 ? 21  C   A "O2'" 1 
ATOM   418  C  "C1'" . C   A 1 21 ? -1.153  3.875   -22.617 1.00 67.27 ? 21  C   A "C1'" 1 
ATOM   419  N  N1    . C   A 1 21 ? -2.509  4.240   -22.177 1.00 67.05 ? 21  C   A N1    1 
ATOM   420  C  C2    . C   A 1 21 ? -3.370  3.219   -21.791 1.00 66.12 ? 21  C   A C2    1 
ATOM   421  O  O2    . C   A 1 21 ? -2.944  2.057   -21.780 1.00 66.77 ? 21  C   A O2    1 
ATOM   422  N  N3    . C   A 1 21 ? -4.638  3.516   -21.438 1.00 65.09 ? 21  C   A N3    1 
ATOM   423  C  C4    . C   A 1 21 ? -5.054  4.779   -21.454 1.00 65.30 ? 21  C   A C4    1 
ATOM   424  N  N4    . C   A 1 21 ? -6.325  5.016   -21.123 1.00 65.59 ? 21  C   A N4    1 
ATOM   425  C  C5    . C   A 1 21 ? -4.187  5.854   -21.815 1.00 65.53 ? 21  C   A C5    1 
ATOM   426  C  C6    . C   A 1 21 ? -2.931  5.541   -22.166 1.00 66.39 ? 21  C   A C6    1 
ATOM   427  P  P     . G   A 1 22 ? -0.682  5.054   -27.169 1.00 68.68 ? 22  G   A P     1 
ATOM   428  O  OP1   . G   A 1 22 ? 0.294   5.010   -28.285 1.00 69.09 ? 22  G   A OP1   1 
ATOM   429  O  OP2   . G   A 1 22 ? -1.628  6.193   -27.064 1.00 68.35 ? 22  G   A OP2   1 
ATOM   430  O  "O5'" . G   A 1 22 ? -1.526  3.698   -27.180 1.00 69.99 ? 22  G   A "O5'" 1 
ATOM   431  C  "C5'" . G   A 1 22 ? -0.873  2.426   -27.272 1.00 70.58 ? 22  G   A "C5'" 1 
ATOM   432  C  "C4'" . G   A 1 22 ? -1.892  1.302   -27.321 1.00 69.38 ? 22  G   A "C4'" 1 
ATOM   433  O  "O4'" . G   A 1 22 ? -2.478  1.074   -26.013 1.00 68.37 ? 22  G   A "O4'" 1 
ATOM   434  C  "C3'" . G   A 1 22 ? -3.084  1.542   -28.230 1.00 68.89 ? 22  G   A "C3'" 1 
ATOM   435  O  "O3'" . G   A 1 22 ? -2.746  1.259   -29.580 1.00 70.06 ? 22  G   A "O3'" 1 
ATOM   436  C  "C2'" . G   A 1 22 ? -4.129  0.581   -27.668 1.00 67.64 ? 22  G   A "C2'" 1 
ATOM   437  O  "O2'" . G   A 1 22 ? -4.014  -0.741  -28.156 1.00 65.86 ? 22  G   A "O2'" 1 
ATOM   438  C  "C1'" . G   A 1 22 ? -3.816  0.619   -26.168 1.00 67.16 ? 22  G   A "C1'" 1 
ATOM   439  N  N9    . G   A 1 22 ? -4.703  1.505   -25.419 1.00 65.44 ? 22  G   A N9    1 
ATOM   440  C  C8    . G   A 1 22 ? -4.439  2.787   -24.999 1.00 64.83 ? 22  G   A C8    1 
ATOM   441  N  N7    . G   A 1 22 ? -5.439  3.335   -24.362 1.00 63.65 ? 22  G   A N7    1 
ATOM   442  C  C5    . G   A 1 22 ? -6.422  2.358   -24.361 1.00 63.99 ? 22  G   A C5    1 
ATOM   443  C  C6    . G   A 1 22 ? -7.738  2.375   -23.822 1.00 63.49 ? 22  G   A C6    1 
ATOM   444  O  O6    . G   A 1 22 ? -8.320  3.290   -23.232 1.00 63.51 ? 22  G   A O6    1 
ATOM   445  N  N1    . G   A 1 22 ? -8.391  1.167   -24.036 1.00 62.30 ? 22  G   A N1    1 
ATOM   446  C  C2    . G   A 1 22 ? -7.859  0.086   -24.689 1.00 62.72 ? 22  G   A C2    1 
ATOM   447  N  N2    . G   A 1 22 ? -8.657  -0.986  -24.791 1.00 63.55 ? 22  G   A N2    1 
ATOM   448  N  N3    . G   A 1 22 ? -6.639  0.056   -25.203 1.00 62.46 ? 22  G   A N3    1 
ATOM   449  C  C4    . G   A 1 22 ? -5.982  1.217   -25.003 1.00 64.18 ? 22  G   A C4    1 
ATOM   450  P  P     . C   A 1 23 ? -3.443  2.092   -30.762 1.00 70.79 ? 23  C   A P     1 
ATOM   451  O  OP1   . C   A 1 23 ? -2.714  1.763   -32.016 1.00 71.34 ? 23  C   A OP1   1 
ATOM   452  O  OP2   . C   A 1 23 ? -3.566  3.512   -30.332 1.00 71.03 ? 23  C   A OP2   1 
ATOM   453  O  "O5'" . C   A 1 23 ? -4.903  1.465   -30.849 1.00 70.82 ? 23  C   A "O5'" 1 
ATOM   454  C  "C5'" . C   A 1 23 ? -5.074  0.068   -31.055 1.00 69.91 ? 23  C   A "C5'" 1 
ATOM   455  C  "C4'" . C   A 1 23 ? -6.477  -0.354  -30.696 1.00 69.53 ? 23  C   A "C4'" 1 
ATOM   456  O  "O4'" . C   A 1 23 ? -6.718  -0.162  -29.278 1.00 69.12 ? 23  C   A "O4'" 1 
ATOM   457  C  "C3'" . C   A 1 23 ? -7.606  0.430   -31.334 1.00 69.13 ? 23  C   A "C3'" 1 
ATOM   458  O  "O3'" . C   A 1 23 ? -7.778  0.160   -32.726 1.00 70.18 ? 23  C   A "O3'" 1 
ATOM   459  C  "C2'" . C   A 1 23 ? -8.780  0.047   -30.442 1.00 68.99 ? 23  C   A "C2'" 1 
ATOM   460  O  "O2'" . C   A 1 23 ? -9.277  -1.242  -30.742 1.00 69.20 ? 23  C   A "O2'" 1 
ATOM   461  C  "C1'" . C   A 1 23 ? -8.110  0.017   -29.064 1.00 68.56 ? 23  C   A "C1'" 1 
ATOM   462  N  N1    . C   A 1 23 ? -8.320  1.245   -28.282 1.00 67.51 ? 23  C   A N1    1 
ATOM   463  C  C2    . C   A 1 23 ? -9.494  1.365   -27.536 1.00 66.92 ? 23  C   A C2    1 
ATOM   464  O  O2    . C   A 1 23 ? -10.322 0.445   -27.574 1.00 65.68 ? 23  C   A O2    1 
ATOM   465  N  N3    . C   A 1 23 ? -9.699  2.477   -26.796 1.00 67.27 ? 23  C   A N3    1 
ATOM   466  C  C4    . C   A 1 23 ? -8.787  3.450   -26.789 1.00 67.19 ? 23  C   A C4    1 
ATOM   467  N  N4    . C   A 1 23 ? -9.029  4.526   -26.033 1.00 67.28 ? 23  C   A N4    1 
ATOM   468  C  C5    . C   A 1 23 ? -7.585  3.362   -27.551 1.00 67.45 ? 23  C   A C5    1 
ATOM   469  C  C6    . C   A 1 23 ? -7.393  2.250   -28.276 1.00 67.72 ? 23  C   A C6    1 
ATOM   470  P  P     . G   B 1 3  ? -18.701 5.883   -19.502 1.00 83.31 ? 26  G   B P     1 
ATOM   471  O  OP1   . G   B 1 3  ? -19.431 5.127   -18.401 1.00 83.05 ? 26  G   B OP1   1 
ATOM   472  O  OP2   . G   B 1 3  ? -17.396 6.494   -19.024 1.00 83.14 ? 26  G   B OP2   1 
ATOM   473  O  "O5'" . G   B 1 3  ? -18.280 4.765   -20.610 1.00 81.93 ? 26  G   B "O5'" 1 
ATOM   474  C  "C5'" . G   B 1 3  ? -19.251 3.838   -21.121 1.00 79.94 ? 26  G   B "C5'" 1 
ATOM   475  C  "C4'" . G   B 1 3  ? -18.559 2.642   -21.720 1.00 78.22 ? 26  G   B "C4'" 1 
ATOM   476  O  "O4'" . G   B 1 3  ? -17.989 3.004   -23.003 1.00 76.72 ? 26  G   B "O4'" 1 
ATOM   477  C  "C3'" . G   B 1 3  ? -17.366 2.120   -20.939 1.00 77.86 ? 26  G   B "C3'" 1 
ATOM   478  O  "O3'" . G   B 1 3  ? -17.752 1.270   -19.869 1.00 79.03 ? 26  G   B "O3'" 1 
ATOM   479  C  "C2'" . G   B 1 3  ? -16.608 1.347   -22.005 1.00 76.50 ? 26  G   B "C2'" 1 
ATOM   480  O  "O2'" . G   B 1 3  ? -17.157 0.066   -22.232 1.00 75.61 ? 26  G   B "O2'" 1 
ATOM   481  C  "C1'" . G   B 1 3  ? -16.816 2.241   -23.229 1.00 75.70 ? 26  G   B "C1'" 1 
ATOM   482  N  N9    . G   B 1 3  ? -15.698 3.152   -23.459 1.00 73.55 ? 26  G   B N9    1 
ATOM   483  C  C8    . G   B 1 3  ? -15.552 4.439   -22.998 1.00 72.15 ? 26  G   B C8    1 
ATOM   484  N  N7    . G   B 1 3  ? -14.425 4.989   -23.370 1.00 72.14 ? 26  G   B N7    1 
ATOM   485  C  C5    . G   B 1 3  ? -13.792 4.006   -24.122 1.00 72.11 ? 26  G   B C5    1 
ATOM   486  C  C6    . G   B 1 3  ? -12.529 4.012   -24.788 1.00 70.80 ? 26  G   B C6    1 
ATOM   487  O  O6    . G   B 1 3  ? -11.687 4.915   -24.847 1.00 70.11 ? 26  G   B O6    1 
ATOM   488  N  N1    . G   B 1 3  ? -12.284 2.802   -25.428 1.00 70.57 ? 26  G   B N1    1 
ATOM   489  C  C2    . G   B 1 3  ? -13.134 1.724   -25.432 1.00 71.93 ? 26  G   B C2    1 
ATOM   490  N  N2    . G   B 1 3  ? -12.725 0.644   -26.110 1.00 72.00 ? 26  G   B N2    1 
ATOM   491  N  N3    . G   B 1 3  ? -14.304 1.704   -24.818 1.00 72.44 ? 26  G   B N3    1 
ATOM   492  C  C4    . G   B 1 3  ? -14.567 2.868   -24.188 1.00 72.86 ? 26  G   B C4    1 
ATOM   493  P  P     . C   B 1 4  ? -16.674 0.882   -18.743 1.00 81.27 ? 27  C   B P     1 
ATOM   494  O  OP1   . C   B 1 4  ? -17.402 0.224   -17.625 1.00 80.95 ? 27  C   B OP1   1 
ATOM   495  O  OP2   . C   B 1 4  ? -15.855 2.093   -18.469 1.00 80.31 ? 27  C   B OP2   1 
ATOM   496  O  "O5'" . C   B 1 4  ? -15.741 -0.204  -19.456 1.00 81.92 ? 27  C   B "O5'" 1 
ATOM   497  C  "C5'" . C   B 1 4  ? -16.233 -1.511  -19.772 1.00 81.54 ? 27  C   B "C5'" 1 
ATOM   498  C  "C4'" . C   B 1 4  ? -15.233 -2.272  -20.626 1.00 81.56 ? 27  C   B "C4'" 1 
ATOM   499  O  "O4'" . C   B 1 4  ? -14.993 -1.538  -21.856 1.00 81.39 ? 27  C   B "O4'" 1 
ATOM   500  C  "C3'" . C   B 1 4  ? -13.842 -2.493  -20.046 1.00 81.73 ? 27  C   B "C3'" 1 
ATOM   501  O  "O3'" . C   B 1 4  ? -13.799 -3.645  -19.209 1.00 81.46 ? 27  C   B "O3'" 1 
ATOM   502  C  "C2'" . C   B 1 4  ? -13.011 -2.721  -21.302 1.00 81.90 ? 27  C   B "C2'" 1 
ATOM   503  O  "O2'" . C   B 1 4  ? -13.143 -4.035  -21.807 1.00 81.81 ? 27  C   B "O2'" 1 
ATOM   504  C  "C1'" . C   B 1 4  ? -13.649 -1.727  -22.272 1.00 81.93 ? 27  C   B "C1'" 1 
ATOM   505  N  N1    . C   B 1 4  ? -12.971 -0.423  -22.250 1.00 82.20 ? 27  C   B N1    1 
ATOM   506  C  C2    . C   B 1 4  ? -11.814 -0.244  -23.017 1.00 82.38 ? 27  C   B C2    1 
ATOM   507  O  O2    . C   B 1 4  ? -11.405 -1.184  -23.719 1.00 81.24 ? 27  C   B O2    1 
ATOM   508  N  N3    . C   B 1 4  ? -11.174 0.946   -22.975 1.00 82.78 ? 27  C   B N3    1 
ATOM   509  C  C4    . C   B 1 4  ? -11.649 1.935   -22.210 1.00 83.07 ? 27  C   B C4    1 
ATOM   510  N  N4    . C   B 1 4  ? -10.978 3.090   -22.187 1.00 83.89 ? 27  C   B N4    1 
ATOM   511  C  C5    . C   B 1 4  ? -12.832 1.783   -21.433 1.00 82.72 ? 27  C   B C5    1 
ATOM   512  C  C6    . C   B 1 4  ? -13.454 0.601   -21.482 1.00 82.47 ? 27  C   B C6    1 
ATOM   513  P  P     . G   B 1 5  ? -12.834 -3.663  -17.922 1.00 81.15 ? 28  G   B P     1 
ATOM   514  O  OP1   . G   B 1 5  ? -13.150 -4.900  -17.165 1.00 81.64 ? 28  G   B OP1   1 
ATOM   515  O  OP2   . G   B 1 5  ? -12.944 -2.343  -17.252 1.00 82.24 ? 28  G   B OP2   1 
ATOM   516  O  "O5'" . G   B 1 5  ? -11.357 -3.802  -18.509 1.00 81.87 ? 28  G   B "O5'" 1 
ATOM   517  C  "C5'" . G   B 1 5  ? -10.874 -5.057  -18.986 1.00 81.55 ? 28  G   B "C5'" 1 
ATOM   518  C  "C4'" . G   B 1 5  ? -9.683  -4.856  -19.898 1.00 81.13 ? 28  G   B "C4'" 1 
ATOM   519  O  "O4'" . G   B 1 5  ? -10.020 -3.816  -20.858 1.00 81.25 ? 28  G   B "O4'" 1 
ATOM   520  C  "C3'" . G   B 1 5  ? -8.393  -4.345  -19.271 1.00 80.84 ? 28  G   B "C3'" 1 
ATOM   521  O  "O3'" . G   B 1 5  ? -7.611  -5.386  -18.690 1.00 79.35 ? 28  G   B "O3'" 1 
ATOM   522  C  "C2'" . G   B 1 5  ? -7.679  -3.756  -20.481 1.00 81.68 ? 28  G   B "C2'" 1 
ATOM   523  O  "O2'" . G   B 1 5  ? -7.064  -4.719  -21.308 1.00 81.93 ? 28  G   B "O2'" 1 
ATOM   524  C  "C1'" . G   B 1 5  ? -8.846  -3.113  -21.227 1.00 81.79 ? 28  G   B "C1'" 1 
ATOM   525  N  N9    . G   B 1 5  ? -8.980  -1.713  -20.844 1.00 82.17 ? 28  G   B N9    1 
ATOM   526  C  C8    . G   B 1 5  ? -10.073 -1.070  -20.315 1.00 82.38 ? 28  G   B C8    1 
ATOM   527  N  N7    . G   B 1 5  ? -9.854  0.197   -20.077 1.00 82.43 ? 28  G   B N7    1 
ATOM   528  C  C5    . G   B 1 5  ? -8.539  0.396   -20.474 1.00 81.99 ? 28  G   B C5    1 
ATOM   529  C  C6    . G   B 1 5  ? -7.736  1.567   -20.460 1.00 82.01 ? 28  G   B C6    1 
ATOM   530  O  O6    . G   B 1 5  ? -8.038  2.708   -20.087 1.00 82.43 ? 28  G   B O6    1 
ATOM   531  N  N1    . G   B 1 5  ? -6.459  1.314   -20.948 1.00 81.86 ? 28  G   B N1    1 
ATOM   532  C  C2    . G   B 1 5  ? -6.011  0.095   -21.395 1.00 82.29 ? 28  G   B C2    1 
ATOM   533  N  N2    . G   B 1 5  ? -4.748  0.037   -21.830 1.00 82.38 ? 28  G   B N2    1 
ATOM   534  N  N3    . G   B 1 5  ? -6.747  -0.994  -21.415 1.00 82.27 ? 28  G   B N3    1 
ATOM   535  C  C4    . G   B 1 5  ? -7.990  -0.774  -20.945 1.00 82.07 ? 28  G   B C4    1 
ATOM   536  P  P     . U   B 1 6  ? -6.386  -5.015  -17.706 1.00 78.42 ? 29  U   B P     1 
ATOM   537  O  OP1   . U   B 1 6  ? -5.670  -6.275  -17.389 1.00 79.63 ? 29  U   B OP1   1 
ATOM   538  O  OP2   . U   B 1 6  ? -6.903  -4.172  -16.600 1.00 78.80 ? 29  U   B OP2   1 
ATOM   539  O  "O5'" . U   B 1 6  ? -5.406  -4.115  -18.585 1.00 78.37 ? 29  U   B "O5'" 1 
ATOM   540  C  "C5'" . U   B 1 6  ? -4.239  -4.671  -19.197 1.00 76.05 ? 29  U   B "C5'" 1 
ATOM   541  C  "C4'" . U   B 1 6  ? -3.091  -3.689  -19.118 1.00 74.27 ? 29  U   B "C4'" 1 
ATOM   542  O  "O4'" . U   B 1 6  ? -3.474  -2.464  -19.791 1.00 73.66 ? 29  U   B "O4'" 1 
ATOM   543  C  "C3'" . U   B 1 6  ? -2.701  -3.266  -17.711 1.00 73.17 ? 29  U   B "C3'" 1 
ATOM   544  O  "O3'" . U   B 1 6  ? -1.717  -4.156  -17.192 1.00 71.94 ? 29  U   B "O3'" 1 
ATOM   545  C  "C2'" . U   B 1 6  ? -2.123  -1.874  -17.929 1.00 72.96 ? 29  U   B "C2'" 1 
ATOM   546  O  "O2'" . U   B 1 6  ? -0.767  -1.910  -18.324 1.00 72.77 ? 29  U   B "O2'" 1 
ATOM   547  C  "C1'" . U   B 1 6  ? -3.005  -1.342  -19.063 1.00 73.06 ? 29  U   B "C1'" 1 
ATOM   548  N  N1    . U   B 1 6  ? -4.184  -0.594  -18.602 1.00 72.88 ? 29  U   B N1    1 
ATOM   549  C  C2    . U   B 1 6  ? -4.072  0.782   -18.391 1.00 72.37 ? 29  U   B C2    1 
ATOM   550  O  O2    . U   B 1 6  ? -3.045  1.419   -18.594 1.00 71.71 ? 29  U   B O2    1 
ATOM   551  N  N3    . U   B 1 6  ? -5.220  1.386   -17.935 1.00 72.04 ? 29  U   B N3    1 
ATOM   552  C  C4    . U   B 1 6  ? -6.436  0.775   -17.681 1.00 71.25 ? 29  U   B C4    1 
ATOM   553  O  O4    . U   B 1 6  ? -7.366  1.440   -17.236 1.00 70.37 ? 29  U   B O4    1 
ATOM   554  C  C5    . U   B 1 6  ? -6.468  -0.629  -17.942 1.00 72.30 ? 29  U   B C5    1 
ATOM   555  C  C6    . U   B 1 6  ? -5.371  -1.248  -18.381 1.00 72.25 ? 29  U   B C6    1 
ATOM   556  P  P     . C   B 1 7  ? -1.609  -4.393  -15.605 1.00 71.73 ? 30  C   B P     1 
ATOM   557  O  OP1   . C   B 1 7  ? -0.809  -5.626  -15.400 1.00 71.65 ? 30  C   B OP1   1 
ATOM   558  O  OP2   . C   B 1 7  ? -2.974  -4.306  -15.034 1.00 71.88 ? 30  C   B OP2   1 
ATOM   559  O  "O5'" . C   B 1 7  ? -0.766  -3.146  -15.075 1.00 71.27 ? 30  C   B "O5'" 1 
ATOM   560  C  "C5'" . C   B 1 7  ? 0.595   -2.964  -15.462 1.00 70.24 ? 30  C   B "C5'" 1 
ATOM   561  C  "C4'" . C   B 1 7  ? 0.993   -1.505  -15.353 1.00 69.02 ? 30  C   B "C4'" 1 
ATOM   562  O  "O4'" . C   B 1 7  ? 0.100   -0.707  -16.178 1.00 68.83 ? 30  C   B "O4'" 1 
ATOM   563  C  "C3'" . C   B 1 7  ? 0.876   -0.852  -13.981 1.00 67.91 ? 30  C   B "C3'" 1 
ATOM   564  O  "O3'" . C   B 1 7  ? 2.015   -1.096  -13.168 1.00 66.10 ? 30  C   B "O3'" 1 
ATOM   565  C  "C2'" . C   B 1 7  ? 0.805   0.627   -14.339 1.00 68.10 ? 30  C   B "C2'" 1 
ATOM   566  O  "O2'" . C   B 1 7  ? 2.075   1.186   -14.611 1.00 68.77 ? 30  C   B "O2'" 1 
ATOM   567  C  "C1'" . C   B 1 7  ? -0.032  0.592   -15.618 1.00 67.25 ? 30  C   B "C1'" 1 
ATOM   568  N  N1    . C   B 1 7  ? -1.458  0.865   -15.374 1.00 66.13 ? 30  C   B N1    1 
ATOM   569  C  C2    . C   B 1 7  ? -1.887  2.194   -15.354 1.00 64.60 ? 30  C   B C2    1 
ATOM   570  O  O2    . C   B 1 7  ? -1.052  3.095   -15.530 1.00 62.58 ? 30  C   B O2    1 
ATOM   571  N  N3    . C   B 1 7  ? -3.196  2.463   -15.147 1.00 63.51 ? 30  C   B N3    1 
ATOM   572  C  C4    . C   B 1 7  ? -4.059  1.466   -14.957 1.00 63.36 ? 30  C   B C4    1 
ATOM   573  N  N4    . C   B 1 7  ? -5.341  1.779   -14.765 1.00 63.32 ? 30  C   B N4    1 
ATOM   574  C  C5    . C   B 1 7  ? -3.649  0.103   -14.959 1.00 64.13 ? 30  C   B C5    1 
ATOM   575  C  C6    . C   B 1 7  ? -2.351  -0.149  -15.169 1.00 65.67 ? 30  C   B C6    1 
ATOM   576  P  P     . G   B 1 8  ? 2.023   -0.585  -11.644 1.00 65.70 ? 31  G   B P     1 
ATOM   577  O  OP1   . G   B 1 8  ? 3.251   -1.096  -10.986 1.00 66.52 ? 31  G   B OP1   1 
ATOM   578  O  OP2   . G   B 1 8  ? 0.690   -0.897  -11.065 1.00 66.27 ? 31  G   B OP2   1 
ATOM   579  O  "O5'" . G   B 1 8  ? 2.162   1.001   -11.743 1.00 63.87 ? 31  G   B "O5'" 1 
ATOM   580  C  "C5'" . G   B 1 8  ? 1.844   1.829   -10.624 1.00 58.50 ? 31  G   B "C5'" 1 
ATOM   581  C  "C4'" . G   B 1 8  ? 1.584   3.255   -11.069 1.00 56.61 ? 31  G   B "C4'" 1 
ATOM   582  O  "O4'" . G   B 1 8  ? 0.654   3.266   -12.184 1.00 55.76 ? 31  G   B "O4'" 1 
ATOM   583  C  "C3'" . G   B 1 8  ? 0.941   4.136   -10.007 1.00 54.89 ? 31  G   B "C3'" 1 
ATOM   584  O  "O3'" . G   B 1 8  ? 1.939   4.728   -9.178  1.00 54.10 ? 31  G   B "O3'" 1 
ATOM   585  C  "C2'" . G   B 1 8  ? 0.189   5.173   -10.835 1.00 53.56 ? 31  G   B "C2'" 1 
ATOM   586  O  "O2'" . G   B 1 8  ? 1.010   6.230   -11.282 1.00 52.65 ? 31  G   B "O2'" 1 
ATOM   587  C  "C1'" . G   B 1 8  ? -0.266  4.340   -12.035 1.00 53.48 ? 31  G   B "C1'" 1 
ATOM   588  N  N9    . G   B 1 8  ? -1.605  3.768   -11.916 1.00 51.62 ? 31  G   B N9    1 
ATOM   589  C  C8    . G   B 1 8  ? -1.914  2.430   -11.913 1.00 51.18 ? 31  G   B C8    1 
ATOM   590  N  N7    . G   B 1 8  ? -3.194  2.198   -11.837 1.00 49.83 ? 31  G   B N7    1 
ATOM   591  C  C5    . G   B 1 8  ? -3.770  3.459   -11.780 1.00 48.58 ? 31  G   B C5    1 
ATOM   592  C  C6    . G   B 1 8  ? -5.130  3.840   -11.701 1.00 47.30 ? 31  G   B C6    1 
ATOM   593  O  O6    . G   B 1 8  ? -6.133  3.118   -11.680 1.00 47.82 ? 31  G   B O6    1 
ATOM   594  N  N1    . G   B 1 8  ? -5.272  5.218   -11.653 1.00 45.42 ? 31  G   B N1    1 
ATOM   595  C  C2    . G   B 1 8  ? -4.243  6.117   -11.684 1.00 46.47 ? 31  G   B C2    1 
ATOM   596  N  N2    . G   B 1 8  ? -4.595  7.405   -11.624 1.00 45.76 ? 31  G   B N2    1 
ATOM   597  N  N3    . G   B 1 8  ? -2.966  5.777   -11.768 1.00 48.26 ? 31  G   B N3    1 
ATOM   598  C  C4    . G   B 1 8  ? -2.803  4.441   -11.812 1.00 49.08 ? 31  G   B C4    1 
ATOM   599  P  P     . C   B 1 9  ? 1.630   5.000   -7.626  1.00 52.58 ? 32  C   B P     1 
ATOM   600  O  OP1   . C   B 1 9  ? 2.898   5.435   -6.987  1.00 51.07 ? 32  C   B OP1   1 
ATOM   601  O  OP2   . C   B 1 9  ? 0.906   3.817   -7.094  1.00 52.52 ? 32  C   B OP2   1 
ATOM   602  O  "O5'" . C   B 1 9  ? 0.632   6.241   -7.649  1.00 50.83 ? 32  C   B "O5'" 1 
ATOM   603  C  "C5'" . C   B 1 9  ? 1.117   7.561   -7.867  1.00 48.12 ? 32  C   B "C5'" 1 
ATOM   604  C  "C4'" . C   B 1 9  ? 0.020   8.565   -7.614  1.00 46.18 ? 32  C   B "C4'" 1 
ATOM   605  O  "O4'" . C   B 1 9  ? -1.018  8.414   -8.616  1.00 45.26 ? 32  C   B "O4'" 1 
ATOM   606  C  "C3'" . C   B 1 9  ? -0.714  8.383   -6.303  1.00 45.97 ? 32  C   B "C3'" 1 
ATOM   607  O  "O3'" . C   B 1 9  ? 0.003   8.965   -5.228  1.00 46.30 ? 32  C   B "O3'" 1 
ATOM   608  C  "C2'" . C   B 1 9  ? -2.043  9.072   -6.585  1.00 45.03 ? 32  C   B "C2'" 1 
ATOM   609  O  "O2'" . C   B 1 9  ? -1.969  10.483  -6.514  1.00 45.67 ? 32  C   B "O2'" 1 
ATOM   610  C  "C1'" . C   B 1 9  ? -2.291  8.646   -8.031  1.00 42.56 ? 32  C   B "C1'" 1 
ATOM   611  N  N1    . C   B 1 9  ? -3.077  7.409   -8.151  1.00 39.14 ? 32  C   B N1    1 
ATOM   612  C  C2    . C   B 1 9  ? -4.474  7.490   -8.140  1.00 38.60 ? 32  C   B C2    1 
ATOM   613  O  O2    . C   B 1 9  ? -5.011  8.605   -8.041  1.00 40.77 ? 32  C   B O2    1 
ATOM   614  N  N3    . C   B 1 9  ? -5.203  6.354   -8.240  1.00 36.45 ? 32  C   B N3    1 
ATOM   615  C  C4    . C   B 1 9  ? -4.587  5.174   -8.354  1.00 37.04 ? 32  C   B C4    1 
ATOM   616  N  N4    . C   B 1 9  ? -5.345  4.075   -8.441  1.00 37.29 ? 32  C   B N4    1 
ATOM   617  C  C5    . C   B 1 9  ? -3.167  5.065   -8.380  1.00 36.93 ? 32  C   B C5    1 
ATOM   618  C  C6    . C   B 1 9  ? -2.456  6.197   -8.275  1.00 38.15 ? 32  C   B C6    1 
ATOM   619  P  P     . U   B 1 10 ? 0.041   8.210   -3.810  1.00 48.92 ? 33  U   B P     1 
ATOM   620  O  OP1   . U   B 1 10 ? 0.901   9.009   -2.895  1.00 47.12 ? 33  U   B OP1   1 
ATOM   621  O  OP2   . U   B 1 10 ? 0.346   6.775   -4.047  1.00 47.26 ? 33  U   B OP2   1 
ATOM   622  O  "O5'" . U   B 1 10 ? -1.457  8.328   -3.284  1.00 45.50 ? 33  U   B "O5'" 1 
ATOM   623  C  "C5'" . U   B 1 10 ? -2.050  9.606   -3.126  1.00 44.13 ? 33  U   B "C5'" 1 
ATOM   624  C  "C4'" . U   B 1 10 ? -3.549  9.495   -3.138  1.00 42.01 ? 33  U   B "C4'" 1 
ATOM   625  O  "O4'" . U   B 1 10 ? -3.966  8.829   -4.361  1.00 41.03 ? 33  U   B "O4'" 1 
ATOM   626  C  "C3'" . U   B 1 10 ? -4.154  8.620   -2.059  1.00 40.70 ? 33  U   B "C3'" 1 
ATOM   627  O  "O3'" . U   B 1 10 ? -4.226  9.281   -0.809  1.00 37.20 ? 33  U   B "O3'" 1 
ATOM   628  C  "C2'" . U   B 1 10 ? -5.526  8.323   -2.646  1.00 40.90 ? 33  U   B "C2'" 1 
ATOM   629  O  "O2'" . U   B 1 10 ? -6.414  9.415   -2.542  1.00 41.60 ? 33  U   B "O2'" 1 
ATOM   630  C  "C1'" . U   B 1 10 ? -5.169  8.113   -4.118  1.00 41.21 ? 33  U   B "C1'" 1 
ATOM   631  N  N1    . U   B 1 10 ? -4.959  6.700   -4.459  1.00 37.58 ? 33  U   B N1    1 
ATOM   632  C  C2    . U   B 1 10 ? -6.079  5.931   -4.658  1.00 38.12 ? 33  U   B C2    1 
ATOM   633  O  O2    . U   B 1 10 ? -7.205  6.371   -4.522  1.00 39.78 ? 33  U   B O2    1 
ATOM   634  N  N3    . U   B 1 10 ? -5.837  4.626   -5.014  1.00 37.74 ? 33  U   B N3    1 
ATOM   635  C  C4    . U   B 1 10 ? -4.599  4.029   -5.167  1.00 35.58 ? 33  U   B C4    1 
ATOM   636  O  O4    . U   B 1 10 ? -4.533  2.827   -5.397  1.00 33.69 ? 33  U   B O4    1 
ATOM   637  C  C5    . U   B 1 10 ? -3.489  4.892   -4.926  1.00 36.46 ? 33  U   B C5    1 
ATOM   638  C  C6    . U   B 1 10 ? -3.704  6.169   -4.588  1.00 38.60 ? 33  U   B C6    1 
ATOM   639  P  P     . C   B 1 11 ? -3.952  8.445   0.529   1.00 35.94 ? 34  C   B P     1 
ATOM   640  O  OP1   . C   B 1 11 ? -3.961  9.369   1.694   1.00 35.39 ? 34  C   B OP1   1 
ATOM   641  O  OP2   . C   B 1 11 ? -2.759  7.603   0.273   1.00 36.22 ? 34  C   B OP2   1 
ATOM   642  O  "O5'" . C   B 1 11 ? -5.223  7.488   0.643   1.00 34.98 ? 34  C   B "O5'" 1 
ATOM   643  C  "C5'" . C   B 1 11 ? -6.516  8.032   0.900   1.00 32.03 ? 34  C   B "C5'" 1 
ATOM   644  C  "C4'" . C   B 1 11 ? -7.594  6.988   0.695   1.00 30.78 ? 34  C   B "C4'" 1 
ATOM   645  O  "O4'" . C   B 1 11 ? -7.566  6.501   -0.680  1.00 30.21 ? 34  C   B "O4'" 1 
ATOM   646  C  "C3'" . C   B 1 11 ? -7.493  5.706   1.504   1.00 28.33 ? 34  C   B "C3'" 1 
ATOM   647  O  "O3'" . C   B 1 11 ? -7.945  5.885   2.837   1.00 25.43 ? 34  C   B "O3'" 1 
ATOM   648  C  "C2'" . C   B 1 11 ? -8.425  4.799   0.717   1.00 30.47 ? 34  C   B "C2'" 1 
ATOM   649  O  "O2'" . C   B 1 11 ? -9.778  5.136   0.910   1.00 28.24 ? 34  C   B "O2'" 1 
ATOM   650  C  "C1'" . C   B 1 11 ? -8.052  5.167   -0.718  1.00 29.88 ? 34  C   B "C1'" 1 
ATOM   651  N  N1    . C   B 1 11 ? -7.007  4.286   -1.274  1.00 28.42 ? 34  C   B N1    1 
ATOM   652  C  C2    . C   B 1 11 ? -7.383  3.035   -1.790  1.00 29.14 ? 34  C   B C2    1 
ATOM   653  O  O2    . C   B 1 11 ? -8.575  2.710   -1.751  1.00 26.46 ? 34  C   B O2    1 
ATOM   654  N  N3    . C   B 1 11 ? -6.435  2.219   -2.313  1.00 27.38 ? 34  C   B N3    1 
ATOM   655  C  C4    . C   B 1 11 ? -5.163  2.608   -2.330  1.00 26.24 ? 34  C   B C4    1 
ATOM   656  N  N4    . C   B 1 11 ? -4.262  1.778   -2.853  1.00 26.54 ? 34  C   B N4    1 
ATOM   657  C  C5    . C   B 1 11 ? -4.753  3.870   -1.809  1.00 28.56 ? 34  C   B C5    1 
ATOM   658  C  C6    . C   B 1 11 ? -5.700  4.669   -1.293  1.00 27.74 ? 34  C   B C6    1 
ATOM   659  P  P     . C   B 1 12 ? -7.318  4.986   4.017   1.00 24.64 ? 35  C   B P     1 
ATOM   660  O  OP1   . C   B 1 12 ? -7.743  5.563   5.315   1.00 22.08 ? 35  C   B OP1   1 
ATOM   661  O  OP2   . C   B 1 12 ? -5.872  4.807   3.735   1.00 23.12 ? 35  C   B OP2   1 
ATOM   662  O  "O5'" . C   B 1 12 ? -8.054  3.578   3.840   1.00 27.39 ? 35  C   B "O5'" 1 
ATOM   663  C  "C5'" . C   B 1 12 ? -9.480  3.498   3.873   1.00 28.18 ? 35  C   B "C5'" 1 
ATOM   664  C  "C4'" . C   B 1 12 ? -9.955  2.094   3.543   1.00 28.73 ? 35  C   B "C4'" 1 
ATOM   665  O  "O4'" . C   B 1 12 ? -9.738  1.794   2.134   1.00 28.74 ? 35  C   B "O4'" 1 
ATOM   666  C  "C3'" . C   B 1 12 ? -9.256  0.950   4.262   1.00 28.00 ? 35  C   B "C3'" 1 
ATOM   667  O  "O3'" . C   B 1 12 ? -9.724  0.793   5.596   1.00 29.28 ? 35  C   B "O3'" 1 
ATOM   668  C  "C2'" . C   B 1 12 ? -9.613  -0.226  3.367   1.00 25.35 ? 35  C   B "C2'" 1 
ATOM   669  O  "O2'" . C   B 1 12 ? -10.944 -0.646  3.541   1.00 23.26 ? 35  C   B "O2'" 1 
ATOM   670  C  "C1'" . C   B 1 12 ? -9.470  0.406   1.982   1.00 25.45 ? 35  C   B "C1'" 1 
ATOM   671  N  N1    . C   B 1 12 ? -8.108  0.241   1.434   1.00 24.82 ? 35  C   B N1    1 
ATOM   672  C  C2    . C   B 1 12 ? -7.745  -1.008  0.945   1.00 23.19 ? 35  C   B C2    1 
ATOM   673  O  O2    . C   B 1 12 ? -8.563  -1.924  1.009   1.00 19.06 ? 35  C   B O2    1 
ATOM   674  N  N3    . C   B 1 12 ? -6.511  -1.187  0.425   1.00 22.98 ? 35  C   B N3    1 
ATOM   675  C  C4    . C   B 1 12 ? -5.643  -0.178  0.393   1.00 23.27 ? 35  C   B C4    1 
ATOM   676  N  N4    . C   B 1 12 ? -4.433  -0.415  -0.127  1.00 18.10 ? 35  C   B N4    1 
ATOM   677  C  C5    . C   B 1 12 ? -5.978  1.115   0.897   1.00 23.61 ? 35  C   B C5    1 
ATOM   678  C  C6    . C   B 1 12 ? -7.214  1.279   1.404   1.00 25.28 ? 35  C   B C6    1 
ATOM   679  P  P     . G   B 1 13 ? -8.670  0.498   6.777   1.00 29.10 ? 36  G   B P     1 
ATOM   680  O  OP1   . G   B 1 13 ? -9.408  0.704   8.048   1.00 32.46 ? 36  G   B OP1   1 
ATOM   681  O  OP2   . G   B 1 13 ? -7.404  1.228   6.534   1.00 29.79 ? 36  G   B OP2   1 
ATOM   682  O  "O5'" . G   B 1 13 ? -8.358  -1.055  6.623   1.00 30.91 ? 36  G   B "O5'" 1 
ATOM   683  C  "C5'" . G   B 1 13 ? -9.393  -2.012  6.794   1.00 26.91 ? 36  G   B "C5'" 1 
ATOM   684  C  "C4'" . G   B 1 13 ? -9.029  -3.333  6.151   1.00 26.30 ? 36  G   B "C4'" 1 
ATOM   685  O  "O4'" . G   B 1 13 ? -8.829  -3.182  4.719   1.00 24.42 ? 36  G   B "O4'" 1 
ATOM   686  C  "C3'" . G   B 1 13 ? -7.743  -4.006  6.585   1.00 25.39 ? 36  G   B "C3'" 1 
ATOM   687  O  "O3'" . G   B 1 13 ? -7.872  -4.584  7.873   1.00 27.70 ? 36  G   B "O3'" 1 
ATOM   688  C  "C2'" . G   B 1 13 ? -7.602  -5.054  5.489   1.00 25.26 ? 36  G   B "C2'" 1 
ATOM   689  O  "O2'" . G   B 1 13 ? -8.543  -6.098  5.619   1.00 24.00 ? 36  G   B "O2'" 1 
ATOM   690  C  "C1'" . G   B 1 13 ? -7.978  -4.229  4.255   1.00 25.54 ? 36  G   B "C1'" 1 
ATOM   691  N  N9    . G   B 1 13 ? -6.782  -3.648  3.650   1.00 22.94 ? 36  G   B N9    1 
ATOM   692  C  C8    . G   B 1 13 ? -6.394  -2.330  3.657   1.00 23.36 ? 36  G   B C8    1 
ATOM   693  N  N7    . G   B 1 13 ? -5.242  -2.132  3.079   1.00 18.43 ? 36  G   B N7    1 
ATOM   694  C  C5    . G   B 1 13 ? -4.848  -3.393  2.660   1.00 19.64 ? 36  G   B C5    1 
ATOM   695  C  C6    . G   B 1 13 ? -3.665  -3.819  1.995   1.00 18.12 ? 36  G   B C6    1 
ATOM   696  O  O6    . G   B 1 13 ? -2.691  -3.135  1.632   1.00 14.59 ? 36  G   B O6    1 
ATOM   697  N  N1    . G   B 1 13 ? -3.677  -5.194  1.766   1.00 15.14 ? 36  G   B N1    1 
ATOM   698  C  C2    . G   B 1 13 ? -4.686  -6.046  2.125   1.00 17.15 ? 36  G   B C2    1 
ATOM   699  N  N2    . G   B 1 13 ? -4.521  -7.329  1.794   1.00 20.22 ? 36  G   B N2    1 
ATOM   700  N  N3    . G   B 1 13 ? -5.783  -5.670  2.756   1.00 21.70 ? 36  G   B N3    1 
ATOM   701  C  C4    . G   B 1 13 ? -5.797  -4.338  2.992   1.00 22.33 ? 36  G   B C4    1 
ATOM   702  P  P     . G   B 1 14 ? -6.581  -4.719  8.824   1.00 28.72 ? 37  G   B P     1 
ATOM   703  O  OP1   . G   B 1 14 ? -7.076  -5.197  10.143  1.00 30.12 ? 37  G   B OP1   1 
ATOM   704  O  OP2   . G   B 1 14 ? -5.756  -3.484  8.750   1.00 30.79 ? 37  G   B OP2   1 
ATOM   705  O  "O5'" . G   B 1 14 ? -5.737  -5.893  8.165   1.00 29.62 ? 37  G   B "O5'" 1 
ATOM   706  C  "C5'" . G   B 1 14 ? -6.277  -7.199  8.063   1.00 29.00 ? 37  G   B "C5'" 1 
ATOM   707  C  "C4'" . G   B 1 14 ? -5.396  -8.048  7.191   1.00 28.98 ? 37  G   B "C4'" 1 
ATOM   708  O  "O4'" . G   B 1 14 ? -5.296  -7.427  5.881   1.00 27.46 ? 37  G   B "O4'" 1 
ATOM   709  C  "C3'" . G   B 1 14 ? -3.941  -8.156  7.611   1.00 28.72 ? 37  G   B "C3'" 1 
ATOM   710  O  "O3'" . G   B 1 14 ? -3.749  -9.067  8.685   1.00 30.32 ? 37  G   B "O3'" 1 
ATOM   711  C  "C2'" . G   B 1 14 ? -3.305  -8.628  6.315   1.00 27.02 ? 37  G   B "C2'" 1 
ATOM   712  O  "O2'" . G   B 1 14 ? -3.632  -9.970  6.029   1.00 21.52 ? 37  G   B "O2'" 1 
ATOM   713  C  "C1'" . G   B 1 14 ? -4.030  -7.735  5.309   1.00 25.49 ? 37  G   B "C1'" 1 
ATOM   714  N  N9    . G   B 1 14 ? -3.303  -6.494  5.075   1.00 23.72 ? 37  G   B N9    1 
ATOM   715  C  C8    . G   B 1 14 ? -3.650  -5.228  5.486   1.00 21.66 ? 37  G   B C8    1 
ATOM   716  N  N7    . G   B 1 14 ? -2.775  -4.324  5.142   1.00 22.31 ? 37  G   B N7    1 
ATOM   717  C  C5    . G   B 1 14 ? -1.793  -5.032  4.462   1.00 20.97 ? 37  G   B C5    1 
ATOM   718  C  C6    . G   B 1 14 ? -0.586  -4.585  3.855   1.00 21.11 ? 37  G   B C6    1 
ATOM   719  O  O6    . G   B 1 14 ? -0.116  -3.431  3.802   1.00 21.62 ? 37  G   B O6    1 
ATOM   720  N  N1    . G   B 1 14 ? 0.102   -5.638  3.263   1.00 21.20 ? 37  G   B N1    1 
ATOM   721  C  C2    . G   B 1 14 ? -0.307  -6.951  3.262   1.00 20.56 ? 37  G   B C2    1 
ATOM   722  N  N2    . G   B 1 14 ? 0.499   -7.823  2.648   1.00 16.60 ? 37  G   B N2    1 
ATOM   723  N  N3    . G   B 1 14 ? -1.421  -7.377  3.825   1.00 21.11 ? 37  G   B N3    1 
ATOM   724  C  C4    . G   B 1 14 ? -2.110  -6.371  4.404   1.00 22.59 ? 37  G   B C4    1 
ATOM   725  P  P     . A   B 1 15 ? -2.614  -8.761  9.789   1.00 32.92 ? 38  A   B P     1 
ATOM   726  O  OP1   . A   B 1 15 ? -2.992  -9.480  11.039  1.00 32.08 ? 38  A   B OP1   1 
ATOM   727  O  OP2   . A   B 1 15 ? -2.393  -7.291  9.839   1.00 31.87 ? 38  A   B OP2   1 
ATOM   728  O  "O5'" . A   B 1 15 ? -1.296  -9.423  9.171   1.00 29.06 ? 38  A   B "O5'" 1 
ATOM   729  C  "C5'" . A   B 1 15 ? -1.328  -10.724 8.603   1.00 27.05 ? 38  A   B "C5'" 1 
ATOM   730  C  "C4'" . A   B 1 15 ? -0.163  -10.914 7.656   1.00 28.80 ? 38  A   B "C4'" 1 
ATOM   731  O  "O4'" . A   B 1 15 ? -0.260  -9.964  6.560   1.00 28.77 ? 38  A   B "O4'" 1 
ATOM   732  C  "C3'" . A   B 1 15 ? 1.216   -10.653 8.238   1.00 29.51 ? 38  A   B "C3'" 1 
ATOM   733  O  "O3'" . A   B 1 15 ? 1.714   -11.784 8.925   1.00 29.17 ? 38  A   B "O3'" 1 
ATOM   734  C  "C2'" . A   B 1 15 ? 2.043   -10.360 6.997   1.00 28.61 ? 38  A   B "C2'" 1 
ATOM   735  O  "O2'" . A   B 1 15 ? 2.437   -11.519 6.302   1.00 28.15 ? 38  A   B "O2'" 1 
ATOM   736  C  "C1'" . A   B 1 15 ? 1.044   -9.567  6.159   1.00 28.10 ? 38  A   B "C1'" 1 
ATOM   737  N  N9    . A   B 1 15 ? 1.177   -8.118  6.335   1.00 25.68 ? 38  A   B N9    1 
ATOM   738  C  C8    . A   B 1 15 ? 0.407   -7.254  7.076   1.00 25.41 ? 38  A   B C8    1 
ATOM   739  N  N7    . A   B 1 15 ? 0.774   -5.996  6.967   1.00 25.04 ? 38  A   B N7    1 
ATOM   740  C  C5    . A   B 1 15 ? 1.864   -6.041  6.109   1.00 23.38 ? 38  A   B C5    1 
ATOM   741  C  C6    . A   B 1 15 ? 2.695   -5.040  5.582   1.00 24.43 ? 38  A   B C6    1 
ATOM   742  N  N6    . A   B 1 15 ? 2.557   -3.741  5.855   1.00 21.66 ? 38  A   B N6    1 
ATOM   743  N  N1    . A   B 1 15 ? 3.692   -5.422  4.755   1.00 25.01 ? 38  A   B N1    1 
ATOM   744  C  C2    . A   B 1 15 ? 3.839   -6.729  4.493   1.00 26.64 ? 38  A   B C2    1 
ATOM   745  N  N3    . A   B 1 15 ? 3.121   -7.761  4.926   1.00 24.23 ? 38  A   B N3    1 
ATOM   746  C  C4    . A   B 1 15 ? 2.135   -7.343  5.733   1.00 22.97 ? 38  A   B C4    1 
ATOM   747  P  P     . A   B 1 16 ? 2.634   -11.581 10.227  1.00 32.08 ? 39  A   B P     1 
ATOM   748  O  OP1   . A   B 1 16 ? 2.900   -12.942 10.775  1.00 28.80 ? 39  A   B OP1   1 
ATOM   749  O  OP2   . A   B 1 16 ? 1.997   -10.549 11.081  1.00 27.00 ? 39  A   B OP2   1 
ATOM   750  O  "O5'" . A   B 1 16 ? 4.013   -11.036 9.644   1.00 30.52 ? 39  A   B "O5'" 1 
ATOM   751  C  "C5'" . A   B 1 16 ? 4.819   -11.856 8.796   1.00 30.69 ? 39  A   B "C5'" 1 
ATOM   752  C  "C4'" . A   B 1 16 ? 5.991   -11.063 8.269   1.00 33.70 ? 39  A   B "C4'" 1 
ATOM   753  O  "O4'" . A   B 1 16 ? 5.488   -9.999  7.414   1.00 33.91 ? 39  A   B "O4'" 1 
ATOM   754  C  "C3'" . A   B 1 16 ? 6.839   -10.362 9.328   1.00 32.71 ? 39  A   B "C3'" 1 
ATOM   755  O  "O3'" . A   B 1 16 ? 7.858   -11.240 9.838   1.00 33.26 ? 39  A   B "O3'" 1 
ATOM   756  C  "C2'" . A   B 1 16 ? 7.436   -9.199  8.538   1.00 32.63 ? 39  A   B "C2'" 1 
ATOM   757  O  "O2'" . A   B 1 16 ? 8.585   -9.568  7.807   1.00 32.43 ? 39  A   B "O2'" 1 
ATOM   758  C  "C1'" . A   B 1 16 ? 6.301   -8.849  7.565   1.00 33.10 ? 39  A   B "C1'" 1 
ATOM   759  N  N9    . A   B 1 16 ? 5.460   -7.731  8.006   1.00 32.73 ? 39  A   B N9    1 
ATOM   760  C  C8    . A   B 1 16 ? 4.399   -7.760  8.879   1.00 31.96 ? 39  A   B C8    1 
ATOM   761  N  N7    . A   B 1 16 ? 3.882   -6.578  9.124   1.00 31.98 ? 39  A   B N7    1 
ATOM   762  C  C5    . A   B 1 16 ? 4.648   -5.713  8.355   1.00 29.86 ? 39  A   B C5    1 
ATOM   763  C  C6    . A   B 1 16 ? 4.626   -4.318  8.195   1.00 29.35 ? 39  A   B C6    1 
ATOM   764  N  N6    . A   B 1 16 ? 3.803   -3.508  8.860   1.00 25.57 ? 39  A   B N6    1 
ATOM   765  N  N1    . A   B 1 16 ? 5.505   -3.774  7.331   1.00 28.94 ? 39  A   B N1    1 
ATOM   766  C  C2    . A   B 1 16 ? 6.366   -4.579  6.702   1.00 28.00 ? 39  A   B C2    1 
ATOM   767  N  N3    . A   B 1 16 ? 6.504   -5.896  6.789   1.00 29.03 ? 39  A   B N3    1 
ATOM   768  C  C4    . A   B 1 16 ? 5.605   -6.412  7.642   1.00 29.97 ? 39  A   B C4    1 
ATOM   769  P  P     . A   B 1 17 ? 8.079   -11.403 11.435  1.00 34.64 ? 40  A   B P     1 
ATOM   770  O  OP1   . A   B 1 17 ? 8.695   -12.732 11.682  1.00 33.46 ? 40  A   B OP1   1 
ATOM   771  O  OP2   . A   B 1 17 ? 6.841   -11.022 12.168  1.00 33.67 ? 40  A   B OP2   1 
ATOM   772  O  "O5'" . A   B 1 17 ? 9.189   -10.320 11.802  1.00 34.67 ? 40  A   B "O5'" 1 
ATOM   773  C  "C5'" . A   B 1 17 ? 8.906   -9.293  12.741  1.00 32.69 ? 40  A   B "C5'" 1 
ATOM   774  C  "C4'" . A   B 1 17 ? 10.079  -9.072  13.667  1.00 31.65 ? 40  A   B "C4'" 1 
ATOM   775  O  "O4'" . A   B 1 17 ? 10.412  -10.308 14.334  1.00 30.35 ? 40  A   B "O4'" 1 
ATOM   776  C  "C3'" . A   B 1 17 ? 11.400  -8.641  13.050  1.00 31.48 ? 40  A   B "C3'" 1 
ATOM   777  O  "O3'" . A   B 1 17 ? 11.389  -7.236  12.842  1.00 31.63 ? 40  A   B "O3'" 1 
ATOM   778  C  "C2'" . A   B 1 17 ? 12.386  -8.985  14.163  1.00 31.22 ? 40  A   B "C2'" 1 
ATOM   779  O  "O2'" . A   B 1 17 ? 12.388  -8.005  15.176  1.00 30.49 ? 40  A   B "O2'" 1 
ATOM   780  C  "C1'" . A   B 1 17 ? 11.762  -10.250 14.752  1.00 30.91 ? 40  A   B "C1'" 1 
ATOM   781  N  N9    . A   B 1 17 ? 12.438  -11.505 14.420  1.00 29.15 ? 40  A   B N9    1 
ATOM   782  C  C8    . A   B 1 17 ? 11.913  -12.666 13.905  1.00 28.00 ? 40  A   B C8    1 
ATOM   783  N  N7    . A   B 1 17 ? 12.781  -13.649 13.826  1.00 27.10 ? 40  A   B N7    1 
ATOM   784  C  C5    . A   B 1 17 ? 13.958  -13.092 14.305  1.00 27.08 ? 40  A   B C5    1 
ATOM   785  C  C6    . A   B 1 17 ? 15.247  -13.620 14.508  1.00 26.09 ? 40  A   B C6    1 
ATOM   786  N  N6    . A   B 1 17 ? 15.584  -14.893 14.276  1.00 22.29 ? 40  A   B N6    1 
ATOM   787  N  N1    . A   B 1 17 ? 16.194  -12.784 14.978  1.00 28.72 ? 40  A   B N1    1 
ATOM   788  C  C2    . A   B 1 17 ? 15.860  -11.512 15.238  1.00 29.71 ? 40  A   B C2    1 
ATOM   789  N  N3    . A   B 1 17 ? 14.687  -10.909 15.113  1.00 28.81 ? 40  A   B N3    1 
ATOM   790  C  C4    . A   B 1 17 ? 13.767  -11.763 14.640  1.00 27.82 ? 40  A   B C4    1 
ATOM   791  P  P     . A   B 1 18 ? 11.931  -6.617  11.461  1.00 33.93 ? 41  A   B P     1 
ATOM   792  O  OP1   . A   B 1 18 ? 11.448  -5.212  11.399  1.00 36.37 ? 41  A   B OP1   1 
ATOM   793  O  OP2   . A   B 1 18 ? 11.611  -7.552  10.350  1.00 32.42 ? 41  A   B OP2   1 
ATOM   794  O  "O5'" . A   B 1 18 ? 13.516  -6.599  11.616  1.00 31.79 ? 41  A   B "O5'" 1 
ATOM   795  C  "C5'" . A   B 1 18 ? 14.133  -6.337  12.873  1.00 31.35 ? 41  A   B "C5'" 1 
ATOM   796  C  "C4'" . A   B 1 18 ? 15.481  -7.016  12.930  1.00 29.40 ? 41  A   B "C4'" 1 
ATOM   797  O  "O4'" . A   B 1 18 ? 15.335  -8.420  13.247  1.00 29.59 ? 41  A   B "O4'" 1 
ATOM   798  C  "C3'" . A   B 1 18 ? 16.242  -6.961  11.617  1.00 27.39 ? 41  A   B "C3'" 1 
ATOM   799  O  "O3'" . A   B 1 18 ? 17.005  -5.759  11.621  1.00 31.04 ? 41  A   B "O3'" 1 
ATOM   800  C  "C2'" . A   B 1 18 ? 17.128  -8.208  11.663  1.00 27.34 ? 41  A   B "C2'" 1 
ATOM   801  O  "O2'" . A   B 1 18 ? 18.392  -7.982  12.247  1.00 24.07 ? 41  A   B "O2'" 1 
ATOM   802  C  "C1'" . A   B 1 18 ? 16.309  -9.172  12.536  1.00 26.61 ? 41  A   B "C1'" 1 
ATOM   803  N  N9    . A   B 1 18 ? 15.619  -10.262 11.838  1.00 23.26 ? 41  A   B N9    1 
ATOM   804  C  C8    . A   B 1 18 ? 14.409  -10.221 11.190  1.00 19.74 ? 41  A   B C8    1 
ATOM   805  N  N7    . A   B 1 18 ? 14.023  -11.377 10.715  1.00 15.77 ? 41  A   B N7    1 
ATOM   806  C  C5    . A   B 1 18 ? 15.051  -12.235 11.061  1.00 17.93 ? 41  A   B C5    1 
ATOM   807  C  C6    . A   B 1 18 ? 15.234  -13.604 10.859  1.00 19.57 ? 41  A   B C6    1 
ATOM   808  N  N6    . A   B 1 18 ? 14.339  -14.390 10.257  1.00 20.30 ? 41  A   B N6    1 
ATOM   809  N  N1    . A   B 1 18 ? 16.378  -14.155 11.316  1.00 17.97 ? 41  A   B N1    1 
ATOM   810  C  C2    . A   B 1 18 ? 17.256  -13.377 11.948  1.00 17.40 ? 41  A   B C2    1 
ATOM   811  N  N3    . A   B 1 18 ? 17.190  -12.080 12.214  1.00 19.61 ? 41  A   B N3    1 
ATOM   812  C  C4    . A   B 1 18 ? 16.048  -11.560 11.737  1.00 21.29 ? 41  A   B C4    1 
ATOM   813  P  P     . G   B 1 19 ? 17.162  -4.896  10.277  1.00 31.34 ? 42  G   B P     1 
ATOM   814  O  OP1   . G   B 1 19 ? 16.460  -5.555  9.154   1.00 34.38 ? 42  G   B OP1   1 
ATOM   815  O  OP2   . G   B 1 19 ? 18.598  -4.573  10.141  1.00 36.63 ? 42  G   B OP2   1 
ATOM   816  O  "O5'" . G   B 1 19 ? 16.448  -3.505  10.571  1.00 34.87 ? 42  G   B "O5'" 1 
ATOM   817  C  "C5'" . G   B 1 19 ? 17.044  -2.342  10.018  1.00 36.83 ? 42  G   B "C5'" 1 
ATOM   818  C  "C4'" . G   B 1 19 ? 16.220  -1.097  10.229  1.00 35.59 ? 42  G   B "C4'" 1 
ATOM   819  O  "O4'" . G   B 1 19 ? 14.903  -1.178  9.627   1.00 35.59 ? 42  G   B "O4'" 1 
ATOM   820  C  "C3'" . G   B 1 19 ? 15.860  -0.554  11.596  1.00 34.43 ? 42  G   B "C3'" 1 
ATOM   821  O  "O3'" . G   B 1 19 ? 17.001  -0.080  12.312  1.00 32.05 ? 42  G   B "O3'" 1 
ATOM   822  C  "C2'" . G   B 1 19 ? 14.996  0.623   11.145  1.00 34.68 ? 42  G   B "C2'" 1 
ATOM   823  O  "O2'" . G   B 1 19 ? 15.800  1.640   10.590  1.00 34.47 ? 42  G   B "O2'" 1 
ATOM   824  C  "C1'" . G   B 1 19 ? 14.217  0.013   9.973   1.00 33.07 ? 42  G   B "C1'" 1 
ATOM   825  N  N9    . G   B 1 19 ? 12.834  -0.254  10.351  1.00 31.84 ? 42  G   B N9    1 
ATOM   826  C  C8    . G   B 1 19 ? 12.204  -1.454  10.568  1.00 31.16 ? 42  G   B C8    1 
ATOM   827  N  N7    . G   B 1 19 ? 10.972  -1.312  10.990  1.00 30.65 ? 42  G   B N7    1 
ATOM   828  C  C5    . G   B 1 19 ? 10.778  0.065   11.030  1.00 28.94 ? 42  G   B C5    1 
ATOM   829  C  C6    . G   B 1 19 ? 9.635   0.843   11.416  1.00 29.56 ? 42  G   B C6    1 
ATOM   830  O  O6    . G   B 1 19 ? 8.538   0.460   11.859  1.00 25.12 ? 42  G   B O6    1 
ATOM   831  N  N1    . G   B 1 19 ? 9.874   2.205   11.264  1.00 28.50 ? 42  G   B N1    1 
ATOM   832  C  C2    . G   B 1 19 ? 11.052  2.752   10.829  1.00 29.52 ? 42  G   B C2    1 
ATOM   833  N  N2    . G   B 1 19 ? 11.092  4.084   10.752  1.00 28.96 ? 42  G   B N2    1 
ATOM   834  N  N3    . G   B 1 19 ? 12.117  2.047   10.493  1.00 27.85 ? 42  G   B N3    1 
ATOM   835  C  C4    . G   B 1 19 ? 11.908  0.724   10.613  1.00 28.05 ? 42  G   B C4    1 
ATOM   836  P  P     . U   B 1 20 ? 16.889  0.236   13.897  1.00 28.76 ? 43  U   B P     1 
ATOM   837  O  OP1   . U   B 1 20 ? 18.271  0.254   14.411  1.00 33.04 ? 43  U   B OP1   1 
ATOM   838  O  OP2   . U   B 1 20 ? 15.888  -0.639  14.544  1.00 29.45 ? 43  U   B OP2   1 
ATOM   839  O  "O5'" . U   B 1 20 ? 16.333  1.728   13.964  1.00 30.44 ? 43  U   B "O5'" 1 
ATOM   840  C  "C5'" . U   B 1 20 ? 16.971  2.780   13.244  1.00 29.12 ? 43  U   B "C5'" 1 
ATOM   841  C  "C4'" . U   B 1 20 ? 16.194  4.073   13.385  1.00 29.26 ? 43  U   B "C4'" 1 
ATOM   842  O  "O4'" . U   B 1 20 ? 14.931  3.997   12.666  1.00 28.55 ? 43  U   B "O4'" 1 
ATOM   843  C  "C3'" . U   B 1 20 ? 15.762  4.462   14.786  1.00 28.11 ? 43  U   B "C3'" 1 
ATOM   844  O  "O3'" . U   B 1 20 ? 16.832  4.996   15.557  1.00 24.43 ? 43  U   B "O3'" 1 
ATOM   845  C  "C2'" . U   B 1 20 ? 14.691  5.498   14.481  1.00 28.73 ? 43  U   B "C2'" 1 
ATOM   846  O  "O2'" . U   B 1 20 ? 15.253  6.724   14.062  1.00 31.12 ? 43  U   B "O2'" 1 
ATOM   847  C  "C1'" . U   B 1 20 ? 13.983  4.855   13.287  1.00 28.35 ? 43  U   B "C1'" 1 
ATOM   848  N  N1    . U   B 1 20 ? 12.804  4.061   13.671  1.00 28.81 ? 43  U   B N1    1 
ATOM   849  C  C2    . U   B 1 20 ? 11.637  4.737   14.024  1.00 26.63 ? 43  U   B C2    1 
ATOM   850  O  O2    . U   B 1 20 ? 11.540  5.940   14.034  1.00 27.55 ? 43  U   B O2    1 
ATOM   851  N  N3    . U   B 1 20 ? 10.585  3.940   14.375  1.00 28.61 ? 43  U   B N3    1 
ATOM   852  C  C4    . U   B 1 20 ? 10.569  2.569   14.415  1.00 29.63 ? 43  U   B C4    1 
ATOM   853  O  O4    . U   B 1 20 ? 9.539   1.994   14.755  1.00 31.97 ? 43  U   B O4    1 
ATOM   854  C  C5    . U   B 1 20 ? 11.804  1.939   14.041  1.00 29.54 ? 43  U   B C5    1 
ATOM   855  C  C6    . U   B 1 20 ? 12.853  2.689   13.690  1.00 28.06 ? 43  U   B C6    1 
ATOM   856  P  P     . C   B 1 21 ? 17.015  4.525   17.086  1.00 26.69 ? 44  C   B P     1 
ATOM   857  O  OP1   . C   B 1 21 ? 18.363  4.930   17.549  1.00 22.53 ? 44  C   B OP1   1 
ATOM   858  O  OP2   . C   B 1 21 ? 16.609  3.098   17.189  1.00 27.48 ? 44  C   B OP2   1 
ATOM   859  O  "O5'" . C   B 1 21 ? 15.924  5.363   17.883  1.00 26.04 ? 44  C   B "O5'" 1 
ATOM   860  C  "C5'" . C   B 1 21 ? 15.914  6.780   17.825  1.00 27.12 ? 44  C   B "C5'" 1 
ATOM   861  C  "C4'" . C   B 1 21 ? 14.590  7.305   18.320  1.00 29.25 ? 44  C   B "C4'" 1 
ATOM   862  O  "O4'" . C   B 1 21 ? 13.528  6.951   17.389  1.00 26.40 ? 44  C   B "O4'" 1 
ATOM   863  C  "C3'" . C   B 1 21 ? 14.105  6.715   19.633  1.00 29.30 ? 44  C   B "C3'" 1 
ATOM   864  O  "O3'" . C   B 1 21 ? 14.725  7.323   20.760  1.00 31.74 ? 44  C   B "O3'" 1 
ATOM   865  C  "C2'" . C   B 1 21 ? 12.629  7.054   19.572  1.00 27.60 ? 44  C   B "C2'" 1 
ATOM   866  O  "O2'" . C   B 1 21 ? 12.400  8.423   19.838  1.00 26.64 ? 44  C   B "O2'" 1 
ATOM   867  C  "C1'" . C   B 1 21 ? 12.322  6.751   18.106  1.00 25.87 ? 44  C   B "C1'" 1 
ATOM   868  N  N1    . C   B 1 21 ? 11.880  5.352   17.925  1.00 23.73 ? 44  C   B N1    1 
ATOM   869  C  C2    . C   B 1 21 ? 10.508  5.071   17.988  1.00 19.88 ? 44  C   B C2    1 
ATOM   870  O  O2    . C   B 1 21 ? 9.719   5.997   18.199  1.00 16.67 ? 44  C   B O2    1 
ATOM   871  N  N3    . C   B 1 21 ? 10.085  3.798   17.831  1.00 18.53 ? 44  C   B N3    1 
ATOM   872  C  C4    . C   B 1 21 ? 10.971  2.822   17.640  1.00 18.98 ? 44  C   B C4    1 
ATOM   873  N  N4    . C   B 1 21 ? 10.507  1.575   17.522  1.00 19.47 ? 44  C   B N4    1 
ATOM   874  C  C5    . C   B 1 21 ? 12.371  3.076   17.572  1.00 20.54 ? 44  C   B C5    1 
ATOM   875  C  C6    . C   B 1 21 ? 12.779  4.346   17.710  1.00 21.36 ? 44  C   B C6    1 
ATOM   876  P  P     . G   B 1 22 ? 14.595  6.631   22.204  1.00 33.41 ? 45  G   B P     1 
ATOM   877  O  OP1   . G   B 1 22 ? 15.202  7.563   23.184  1.00 33.98 ? 45  G   B OP1   1 
ATOM   878  O  OP2   . G   B 1 22 ? 15.082  5.231   22.116  1.00 33.39 ? 45  G   B OP2   1 
ATOM   879  O  "O5'" . G   B 1 22 ? 13.029  6.589   22.486  1.00 34.29 ? 45  G   B "O5'" 1 
ATOM   880  C  "C5'" . G   B 1 22 ? 12.337  7.774   22.856  1.00 38.31 ? 45  G   B "C5'" 1 
ATOM   881  C  "C4'" . G   B 1 22 ? 10.926  7.455   23.282  1.00 37.67 ? 45  G   B "C4'" 1 
ATOM   882  O  "O4'" . G   B 1 22 ? 10.221  6.833   22.175  1.00 37.64 ? 45  G   B "O4'" 1 
ATOM   883  C  "C3'" . G   B 1 22 ? 10.779  6.440   24.398  1.00 39.32 ? 45  G   B "C3'" 1 
ATOM   884  O  "O3'" . G   B 1 22 ? 10.989  7.010   25.681  1.00 40.06 ? 45  G   B "O3'" 1 
ATOM   885  C  "C2'" . G   B 1 22 ? 9.341   5.988   24.199  1.00 37.39 ? 45  G   B "C2'" 1 
ATOM   886  O  "O2'" . G   B 1 22 ? 8.408   6.950   24.636  1.00 37.73 ? 45  G   B "O2'" 1 
ATOM   887  C  "C1'" . G   B 1 22 ? 9.277   5.905   22.678  1.00 34.19 ? 45  G   B "C1'" 1 
ATOM   888  N  N9    . G   B 1 22 ? 9.606   4.579   22.167  1.00 31.51 ? 45  G   B N9    1 
ATOM   889  C  C8    . G   B 1 22 ? 10.781  4.166   21.587  1.00 29.94 ? 45  G   B C8    1 
ATOM   890  N  N7    . G   B 1 22 ? 10.736  2.928   21.172  1.00 26.16 ? 45  G   B N7    1 
ATOM   891  C  C5    . G   B 1 22 ? 9.459   2.503   21.508  1.00 27.51 ? 45  G   B C5    1 
ATOM   892  C  C6    . G   B 1 22 ? 8.814   1.259   21.292  1.00 24.83 ? 45  G   B C6    1 
ATOM   893  O  O6    . G   B 1 22 ? 9.239   0.262   20.712  1.00 25.79 ? 45  G   B O6    1 
ATOM   894  N  N1    . G   B 1 22 ? 7.535   1.254   21.818  1.00 26.23 ? 45  G   B N1    1 
ATOM   895  C  C2    . G   B 1 22 ? 6.941   2.306   22.463  1.00 29.02 ? 45  G   B C2    1 
ATOM   896  N  N2    . G   B 1 22 ? 5.700   2.100   22.928  1.00 29.96 ? 45  G   B N2    1 
ATOM   897  N  N3    . G   B 1 22 ? 7.517   3.473   22.650  1.00 29.76 ? 45  G   B N3    1 
ATOM   898  C  C4    . G   B 1 22 ? 8.765   3.502   22.150  1.00 29.42 ? 45  G   B C4    1 
ATOM   899  P  P     . C   B 1 23 ? 11.434  6.060   26.901  1.00 44.40 ? 46  C   B P     1 
ATOM   900  O  OP1   . C   B 1 23 ? 11.420  6.914   28.117  1.00 45.26 ? 46  C   B OP1   1 
ATOM   901  O  OP2   . C   B 1 23 ? 12.671  5.320   26.537  1.00 41.82 ? 46  C   B OP2   1 
ATOM   902  O  "O5'" . C   B 1 23 ? 10.242  5.007   27.021  1.00 45.67 ? 46  C   B "O5'" 1 
ATOM   903  C  "C5'" . C   B 1 23 ? 8.980   5.401   27.550  1.00 47.93 ? 46  C   B "C5'" 1 
ATOM   904  C  "C4'" . C   B 1 23 ? 8.103   4.195   27.787  1.00 50.16 ? 46  C   B "C4'" 1 
ATOM   905  O  "O4'" . C   B 1 23 ? 7.738   3.585   26.523  1.00 49.77 ? 46  C   B "O4'" 1 
ATOM   906  C  "C3'" . C   B 1 23 ? 8.717   3.035   28.555  1.00 51.34 ? 46  C   B "C3'" 1 
ATOM   907  O  "O3'" . C   B 1 23 ? 8.893   3.232   29.968  1.00 52.42 ? 46  C   B "O3'" 1 
ATOM   908  C  "C2'" . C   B 1 23 ? 7.768   1.897   28.205  1.00 50.93 ? 46  C   B "C2'" 1 
ATOM   909  O  "O2'" . C   B 1 23 ? 6.590   1.905   28.982  1.00 52.49 ? 46  C   B "O2'" 1 
ATOM   910  C  "C1'" . C   B 1 23 ? 7.431   2.219   26.743  1.00 50.35 ? 46  C   B "C1'" 1 
ATOM   911  N  N1    . C   B 1 23 ? 8.205   1.388   25.807  1.00 49.73 ? 46  C   B N1    1 
ATOM   912  C  C2    . C   B 1 23 ? 7.571   0.303   25.223  1.00 48.89 ? 46  C   B C2    1 
ATOM   913  O  O2    . C   B 1 23 ? 6.370   0.122   25.463  1.00 50.86 ? 46  C   B O2    1 
ATOM   914  N  N3    . C   B 1 23 ? 8.271   -0.520  24.411  1.00 48.58 ? 46  C   B N3    1 
ATOM   915  C  C4    . C   B 1 23 ? 9.562   -0.283  24.175  1.00 47.31 ? 46  C   B C4    1 
ATOM   916  N  N4    . C   B 1 23 ? 10.223  -1.142  23.389  1.00 44.18 ? 46  C   B N4    1 
ATOM   917  C  C5    . C   B 1 23 ? 10.233  0.840   24.738  1.00 47.98 ? 46  C   B C5    1 
ATOM   918  C  C6    . C   B 1 23 ? 9.521   1.647   25.539  1.00 48.97 ? 46  C   B C6    1 
HETATM 919  MG MG    . MG  C 2 .  ? 9.705   -7.346  3.921   1.00 60.53 ? 202 MG  A MG    1 
HETATM 920  CO CO    . NCO D 3 .  ? -1.354  -2.619  -5.093  1.00 52.72 ? 101 NCO A CO    1 
HETATM 921  N  N1    . NCO D 3 .  ? -1.859  -1.042  -6.165  1.00 51.23 ? 101 NCO A N1    1 
HETATM 922  N  N2    . NCO D 3 .  ? -2.046  -1.932  -3.455  1.00 50.22 ? 101 NCO A N2    1 
HETATM 923  N  N3    . NCO D 3 .  ? 0.427   -1.810  -4.861  1.00 51.08 ? 101 NCO A N3    1 
HETATM 924  N  N4    . NCO D 3 .  ? -3.102  -3.433  -5.420  1.00 51.34 ? 101 NCO A N4    1 
HETATM 925  N  N5    . NCO D 3 .  ? -0.795  -4.203  -4.096  1.00 50.63 ? 101 NCO A N5    1 
HETATM 926  N  N6    . NCO D 3 .  ? -0.683  -3.423  -6.745  1.00 50.89 ? 101 NCO A N6    1 
HETATM 927  CO CO    . NCO E 3 .  ? -10.518 4.106   -15.455 0.69 64.68 ? 103 NCO A CO    1 
HETATM 928  N  N1    . NCO E 3 .  ? -11.561 5.764   -15.214 0.69 63.67 ? 103 NCO A N1    1 
HETATM 929  N  N2    . NCO E 3 .  ? -10.719 3.519   -13.647 0.69 63.67 ? 103 NCO A N2    1 
HETATM 930  N  N3    . NCO E 3 .  ? -8.892  5.164   -15.096 0.69 63.15 ? 103 NCO A N3    1 
HETATM 931  N  N4    . NCO E 3 .  ? -12.137 3.099   -15.881 0.69 63.30 ? 103 NCO A N4    1 
HETATM 932  N  N5    . NCO E 3 .  ? -9.459  2.496   -15.762 0.69 63.38 ? 103 NCO A N5    1 
HETATM 933  N  N6    . NCO E 3 .  ? -10.335 4.603   -17.338 0.69 63.16 ? 103 NCO A N6    1 
HETATM 934  MG MG    . MG  F 2 .  ? 7.351   -2.958  13.059  1.00 54.35 ? 201 MG  B MG    1 
HETATM 935  CO CO    . NCO G 3 .  ? -1.971  0.328   4.136   1.00 40.04 ? 102 NCO B CO    1 
HETATM 936  N  N1    . NCO G 3 .  ? -0.304  0.551   5.156   1.00 33.04 ? 102 NCO B N1    1 
HETATM 937  N  N2    . NCO G 3 .  ? -1.193  -0.759  2.753   1.00 34.08 ? 102 NCO B N2    1 
HETATM 938  N  N3    . NCO G 3 .  ? -1.598  2.039   3.221   1.00 35.14 ? 102 NCO B N3    1 
HETATM 939  N  N4    . NCO G 3 .  ? -2.359  -1.334  5.119   1.00 35.37 ? 102 NCO B N4    1 
HETATM 940  N  N5    . NCO G 3 .  ? -3.656  0.171   3.167   1.00 32.56 ? 102 NCO B N5    1 
HETATM 941  N  N6    . NCO G 3 .  ? -2.848  1.360   5.542   1.00 35.18 ? 102 NCO B N6    1 
HETATM 942  O  O     . HOH H 4 .  ? 8.900   -2.399  8.616   1.00 36.48 ? 301 HOH A O     1 
HETATM 943  O  O     . HOH H 4 .  ? 6.016   -1.750  17.122  1.00 19.61 ? 304 HOH A O     1 
HETATM 944  O  O     . HOH H 4 .  ? 4.623   -1.127  14.756  1.00 39.36 ? 305 HOH A O     1 
HETATM 945  O  O     . HOH H 4 .  ? 1.555   -3.028  14.552  1.00 38.72 ? 307 HOH A O     1 
HETATM 946  O  O     . HOH H 4 .  ? -7.873  9.636   -8.258  1.00 11.14 ? 309 HOH A O     1 
HETATM 947  O  O     . HOH H 4 .  ? 2.587   -0.014  4.056   1.00 11.14 ? 310 HOH A O     1 
HETATM 948  O  O     . HOH H 4 .  ? -0.252  -12.757 -5.874  1.00 11.14 ? 311 HOH A O     1 
HETATM 949  O  O     . HOH H 4 .  ? -6.052  -1.377  -7.519  1.00 55.13 ? 312 HOH A O     1 
HETATM 950  O  O     . HOH H 4 .  ? -8.881  -9.747  -9.669  1.00 11.14 ? 313 HOH A O     1 
HETATM 951  O  O     . HOH H 4 .  ? 4.866   -6.680  19.202  1.00 22.84 ? 316 HOH A O     1 
HETATM 952  O  O     . HOH H 4 .  ? 1.983   11.249  10.116  1.00 22.12 ? 319 HOH A O     1 
HETATM 953  O  O     . HOH H 4 .  ? -1.781  -1.676  -8.994  1.00 28.72 ? 323 HOH A O     1 
HETATM 954  O  O     . HOH H 4 .  ? -12.856 2.375   -11.047 1.00 29.90 ? 324 HOH A O     1 
HETATM 955  O  O     . HOH H 4 .  ? -8.115  0.033   -14.078 1.00 34.92 ? 327 HOH A O     1 
HETATM 956  O  O     . HOH H 4 .  ? -8.310  -1.756  -9.839  1.00 44.13 ? 328 HOH A O     1 
HETATM 957  O  O     . HOH H 4 .  ? -0.223  10.012  -15.484 1.00 50.06 ? 331 HOH A O     1 
HETATM 958  O  O     . HOH H 4 .  ? 1.109   -2.516  -1.997  1.00 21.84 ? 332 HOH A O     1 
HETATM 959  O  O     . HOH H 4 .  ? -7.710  -3.087  -7.361  1.00 14.21 ? 334 HOH A O     1 
HETATM 960  O  O     . HOH H 4 .  ? -7.534  5.012   -17.539 1.00 34.28 ? 335 HOH A O     1 
HETATM 961  O  O     . HOH H 4 .  ? -0.945  -13.393 -3.433  1.00 31.01 ? 337 HOH A O     1 
HETATM 962  O  O     . HOH H 4 .  ? -2.802  -6.746  -6.638  1.00 24.11 ? 343 HOH A O     1 
HETATM 963  O  O     . HOH H 4 .  ? 3.411   1.336   11.602  1.00 27.10 ? 344 HOH A O     1 
HETATM 964  O  O     . HOH H 4 .  ? 1.204   5.200   9.548   1.00 45.29 ? 345 HOH A O     1 
HETATM 965  O  O     . HOH H 4 .  ? -12.981 13.611  -15.893 1.00 33.33 ? 348 HOH A O     1 
HETATM 966  O  O     . HOH H 4 .  ? -12.164 8.403   -13.041 1.00 51.63 ? 349 HOH A O     1 
HETATM 967  O  O     . HOH H 4 .  ? -4.890  7.602   -26.751 1.00 30.10 ? 350 HOH A O     1 
HETATM 968  O  O     . HOH H 4 .  ? -6.170  8.561   -22.440 1.00 35.84 ? 351 HOH A O     1 
HETATM 969  O  O     . HOH H 4 .  ? 6.335   -3.204  14.916  1.00 54.67 ? 356 HOH A O     1 
HETATM 970  O  O     . HOH H 4 .  ? 8.326   -7.559  2.473   1.00 61.93 ? 359 HOH A O     1 
HETATM 971  O  O     . HOH H 4 .  ? 10.601  -5.754  2.877   1.00 61.33 ? 360 HOH A O     1 
HETATM 972  O  O     . HOH H 4 .  ? 10.947  -8.726  2.904   1.00 61.93 ? 363 HOH A O     1 
HETATM 973  O  O     . HOH I 4 .  ? 8.185   -6.015  10.098  1.00 21.48 ? 302 HOH B O     1 
HETATM 974  O  O     . HOH I 4 .  ? 13.250  -0.895  14.378  1.00 14.96 ? 303 HOH B O     1 
HETATM 975  O  O     . HOH I 4 .  ? 10.122  -5.309  15.048  1.00 28.90 ? 306 HOH B O     1 
HETATM 976  O  O     . HOH I 4 .  ? 3.478   -1.579  11.098  1.00 26.78 ? 308 HOH B O     1 
HETATM 977  O  O     . HOH I 4 .  ? 5.668   -14.781 11.844  1.00 24.06 ? 314 HOH B O     1 
HETATM 978  O  O     . HOH I 4 .  ? -5.430  0.032   -11.172 1.00 26.12 ? 315 HOH B O     1 
HETATM 979  O  O     . HOH I 4 .  ? 15.403  0.888   16.426  1.00 47.97 ? 317 HOH B O     1 
HETATM 980  O  O     . HOH I 4 .  ? 14.739  8.342   11.390  1.00 31.34 ? 318 HOH B O     1 
HETATM 981  O  O     . HOH I 4 .  ? 12.459  1.081   20.441  1.00 28.35 ? 320 HOH B O     1 
HETATM 982  O  O     . HOH I 4 .  ? 14.190  -4.111  8.251   1.00 28.95 ? 321 HOH B O     1 
HETATM 983  O  O     . HOH I 4 .  ? 2.818   -8.206  11.266  1.00 20.52 ? 322 HOH B O     1 
HETATM 984  O  O     . HOH I 4 .  ? -0.113  1.943   7.912   1.00 46.00 ? 325 HOH B O     1 
HETATM 985  O  O     . HOH I 4 .  ? 0.053   0.558   -19.288 1.00 22.09 ? 326 HOH B O     1 
HETATM 986  O  O     . HOH I 4 .  ? -2.170  1.661   -5.425  1.00 22.35 ? 329 HOH B O     1 
HETATM 987  O  O     . HOH I 4 .  ? 20.468  1.225   16.921  1.00 36.36 ? 330 HOH B O     1 
HETATM 988  O  O     . HOH I 4 .  ? 11.017  -11.993 10.014  1.00 13.16 ? 333 HOH B O     1 
HETATM 989  O  O     . HOH I 4 .  ? 17.491  7.913   14.794  1.00 12.65 ? 336 HOH B O     1 
HETATM 990  O  O     . HOH I 4 .  ? 15.721  5.790   26.554  1.00 18.18 ? 338 HOH B O     1 
HETATM 991  O  O     . HOH I 4 .  ? 6.467   -7.215  11.932  1.00 64.36 ? 339 HOH B O     1 
HETATM 992  O  O     . HOH I 4 .  ? -9.305  -5.680  -16.382 1.00 34.55 ? 340 HOH B O     1 
HETATM 993  O  O     . HOH I 4 .  ? -1.859  1.866   0.645   1.00 17.14 ? 341 HOH B O     1 
HETATM 994  O  O     . HOH I 4 .  ? 14.827  -7.486  8.569   1.00 19.64 ? 342 HOH B O     1 
HETATM 995  O  O     . HOH I 4 .  ? -4.230  6.726   7.360   1.00 29.95 ? 346 HOH B O     1 
HETATM 996  O  O     . HOH I 4 .  ? -16.100 10.264  -16.292 0.50 42.93 ? 347 HOH B O     1 
HETATM 997  O  O     . HOH I 4 .  ? 5.641   -3.569  12.044  1.00 54.51 ? 352 HOH B O     1 
HETATM 998  O  O     . HOH I 4 .  ? 9.003   -2.359  14.033  1.00 54.16 ? 353 HOH B O     1 
HETATM 999  O  O     . HOH I 4 .  ? 8.002   -4.953  13.160  1.00 55.48 ? 354 HOH B O     1 
HETATM 1000 O  O     . HOH I 4 .  ? 6.700   -1.006  12.966  1.00 54.71 ? 355 HOH B O     1 
HETATM 1001 O  O     . HOH I 4 .  ? 8.360   -2.721  11.213  1.00 54.68 ? 357 HOH B O     1 
HETATM 1002 O  O     . HOH I 4 .  ? 11.120  -7.127  5.427   1.00 61.14 ? 358 HOH B O     1 
HETATM 1003 O  O     . HOH I 4 .  ? 8.830   -8.914  4.951   1.00 62.14 ? 361 HOH B O     1 
HETATM 1004 O  O     . HOH I 4 .  ? 8.447   -5.968  4.939   1.00 61.85 ? 362 HOH B O     1 
# 
